data_6AC9
#
_entry.id   6AC9
#
_cell.length_a   92.596
_cell.length_b   96.846
_cell.length_c   192.520
_cell.angle_alpha   90.00
_cell.angle_beta   90.00
_cell.angle_gamma   90.00
#
_symmetry.space_group_name_H-M   'P 21 21 21'
#
loop_
_entity.id
_entity.type
_entity.pdbx_description
1 polymer 'Serine/threonine-protein kinase VRK1'
2 non-polymer 'PHOSPHOAMINOPHOSPHONIC ACID-ADENYLATE ESTER'
3 non-polymer 'MAGNESIUM ION'
4 non-polymer 'SULFATE ION'
5 non-polymer 'CHLORIDE ION'
6 non-polymer 'TETRAETHYLENE GLYCOL'
7 non-polymer GLYCEROL
8 water water
#
_entity_poly.entity_id   1
_entity_poly.type   'polypeptide(L)'
_entity_poly.pdbx_seq_one_letter_code
;MPRVKAAQAGRQSSAKRHLAEQFAVGEIITDMAAAAWKVGLPIGQGGFGCIYLADMNSSESVGSDAPCVVKVEPSDNGPL
FTELKFYQRAAKPEQIQKWIRTRKLKYLGVPKYWGSGLHDKNGKSYRFMIMDRFGSDLQKIYEANAKRFSRKTVLQLSLR
ILDILEYIHEHEYVHGDIKASNLLLNYKNPDQVYLVDYGLAYRYCPEGVHKAYAADPKRCHDGTIEFTSIDAHNGVAPSR
RGDLEILGYCMIQWLTGHLPWEDNLKDPKYVRDSKIRYRENIASLMDKCFPAANAPGEIAKYMETVKLLDYTEKPLYENL
RDILLQGLKAIGSKDDGKLDLSVVENGGLKAKTITKKRAAEIEEHHHHHH
;
_entity_poly.pdbx_strand_id   A,B,C,D
#
loop_
_chem_comp.id
_chem_comp.type
_chem_comp.name
_chem_comp.formula
ANP non-polymer 'PHOSPHOAMINOPHOSPHONIC ACID-ADENYLATE ESTER' 'C10 H17 N6 O12 P3'
CL non-polymer 'CHLORIDE ION' 'Cl -1'
GOL non-polymer GLYCEROL 'C3 H8 O3'
MG non-polymer 'MAGNESIUM ION' 'Mg 2'
PG4 non-polymer 'TETRAETHYLENE GLYCOL' 'C8 H18 O5'
SO4 non-polymer 'SULFATE ION' 'O4 S -2'
#
# COMPACT_ATOMS: atom_id res chain seq x y z
N GLU A 21 47.49 -0.15 -0.11
CA GLU A 21 47.22 1.27 0.12
C GLU A 21 46.14 1.82 -0.81
N GLN A 22 45.30 2.71 -0.27
CA GLN A 22 44.17 3.32 -0.96
C GLN A 22 44.44 4.77 -1.30
N PHE A 23 45.41 5.36 -0.60
CA PHE A 23 45.79 6.74 -0.82
C PHE A 23 47.28 6.81 -1.02
N ALA A 24 47.72 7.88 -1.65
CA ALA A 24 49.12 8.24 -1.77
C ALA A 24 49.30 9.11 -0.52
N VAL A 25 50.47 9.08 0.09
CA VAL A 25 50.73 9.86 1.30
C VAL A 25 50.74 11.37 0.97
N GLY A 26 50.08 12.16 1.82
CA GLY A 26 49.95 13.61 1.63
C GLY A 26 48.91 14.01 0.59
N GLU A 27 48.19 13.03 0.04
CA GLU A 27 47.13 13.23 -0.96
C GLU A 27 46.04 14.16 -0.37
N ILE A 28 45.45 15.05 -1.21
CA ILE A 28 44.35 15.92 -0.80
C ILE A 28 43.09 15.32 -1.37
N ILE A 29 42.11 15.07 -0.51
CA ILE A 29 40.84 14.48 -0.95
C ILE A 29 39.72 15.49 -0.62
N THR A 30 38.72 15.57 -1.48
CA THR A 30 37.64 16.54 -1.32
C THR A 30 36.34 15.77 -1.13
N ASP A 31 35.61 16.11 -0.08
CA ASP A 31 34.36 15.40 0.24
C ASP A 31 33.17 15.96 -0.53
N MET A 32 31.96 15.39 -0.35
CA MET A 32 30.77 15.78 -1.10
C MET A 32 30.33 17.23 -0.83
N ALA A 33 30.68 17.80 0.33
CA ALA A 33 30.41 19.21 0.70
C ALA A 33 31.55 20.15 0.27
N ALA A 34 32.52 19.66 -0.53
CA ALA A 34 33.71 20.40 -1.03
C ALA A 34 34.68 20.84 0.07
N ALA A 35 34.63 20.23 1.27
CA ALA A 35 35.64 20.49 2.30
C ALA A 35 36.86 19.64 1.88
N ALA A 36 38.05 20.23 1.96
CA ALA A 36 39.29 19.57 1.56
C ALA A 36 40.00 18.97 2.75
N TRP A 37 40.51 17.75 2.59
CA TRP A 37 41.24 17.07 3.66
C TRP A 37 42.56 16.54 3.10
N LYS A 38 43.54 16.32 3.99
CA LYS A 38 44.88 15.79 3.70
C LYS A 38 45.10 14.45 4.43
N VAL A 39 45.60 13.44 3.74
CA VAL A 39 45.78 12.09 4.27
C VAL A 39 47.21 11.88 4.81
N GLY A 40 47.30 11.19 5.95
CA GLY A 40 48.55 10.86 6.63
C GLY A 40 48.79 9.37 6.66
N LEU A 41 49.60 8.90 7.64
CA LEU A 41 49.93 7.47 7.77
C LEU A 41 48.79 6.65 8.36
N PRO A 42 48.77 5.31 8.17
CA PRO A 42 47.72 4.49 8.78
C PRO A 42 47.83 4.57 10.30
N ILE A 43 46.72 4.35 11.00
CA ILE A 43 46.69 4.41 12.46
C ILE A 43 47.00 3.04 13.11
N GLY A 49 44.66 -2.19 6.93
CA GLY A 49 45.04 -0.86 6.48
C GLY A 49 43.93 -0.11 5.74
N CYS A 50 42.87 0.27 6.47
CA CYS A 50 41.74 1.01 5.91
C CYS A 50 41.42 2.29 6.69
N ILE A 51 42.25 2.66 7.68
CA ILE A 51 42.07 3.88 8.49
C ILE A 51 43.38 4.64 8.57
N TYR A 52 43.38 5.91 8.11
CA TYR A 52 44.54 6.80 8.07
C TYR A 52 44.30 8.02 8.92
N LEU A 53 45.38 8.64 9.40
CA LEU A 53 45.34 9.92 10.11
C LEU A 53 44.97 10.93 9.01
N ALA A 54 44.22 11.96 9.35
CA ALA A 54 43.77 12.97 8.39
C ALA A 54 43.63 14.29 9.07
N ASP A 55 43.70 15.37 8.29
CA ASP A 55 43.53 16.72 8.84
C ASP A 55 43.00 17.60 7.71
N MET A 56 42.64 18.82 8.04
CA MET A 56 42.19 19.77 7.03
C MET A 56 43.34 20.04 6.07
N ASN A 57 43.02 20.32 4.80
CA ASN A 57 44.04 20.60 3.81
C ASN A 57 44.88 21.83 4.20
N SER A 58 46.21 21.72 4.08
CA SER A 58 47.19 22.75 4.39
C SER A 58 48.54 22.42 3.74
N SER A 59 49.50 23.34 3.89
CA SER A 59 50.88 23.18 3.42
C SER A 59 51.56 22.12 4.30
N GLU A 60 51.22 22.13 5.61
CA GLU A 60 51.75 21.21 6.63
C GLU A 60 51.43 19.75 6.31
N SER A 61 52.35 18.84 6.68
CA SER A 61 52.18 17.41 6.49
C SER A 61 51.28 16.88 7.61
N VAL A 62 50.59 15.74 7.38
CA VAL A 62 49.75 15.17 8.44
C VAL A 62 50.68 14.45 9.47
N GLY A 63 50.66 14.97 10.69
CA GLY A 63 51.47 14.46 11.81
C GLY A 63 50.75 13.43 12.67
N SER A 64 51.49 12.81 13.61
CA SER A 64 50.99 11.79 14.55
C SER A 64 50.00 12.36 15.58
N ASP A 65 49.85 13.70 15.61
CA ASP A 65 48.96 14.45 16.50
C ASP A 65 47.61 14.79 15.79
N ALA A 66 47.39 14.24 14.56
CA ALA A 66 46.22 14.48 13.70
C ALA A 66 44.89 14.45 14.45
N PRO A 67 44.02 15.47 14.29
CA PRO A 67 42.73 15.47 15.00
C PRO A 67 41.64 14.60 14.36
N CYS A 68 41.91 14.06 13.17
CA CYS A 68 40.93 13.26 12.45
C CYS A 68 41.51 12.02 11.92
N VAL A 69 40.64 11.14 11.44
CA VAL A 69 40.99 9.95 10.71
C VAL A 69 40.06 9.89 9.51
N VAL A 70 40.51 9.19 8.48
CA VAL A 70 39.74 8.90 7.31
C VAL A 70 39.62 7.40 7.23
N LYS A 71 38.38 6.91 7.11
CA LYS A 71 38.13 5.49 6.92
C LYS A 71 37.83 5.34 5.46
N VAL A 72 38.41 4.32 4.82
CA VAL A 72 38.24 4.11 3.38
C VAL A 72 37.98 2.65 3.11
N GLU A 73 37.01 2.38 2.27
CA GLU A 73 36.66 1.03 1.89
C GLU A 73 36.25 1.06 0.46
N PRO A 74 36.21 -0.09 -0.25
CA PRO A 74 35.65 -0.08 -1.61
C PRO A 74 34.20 0.39 -1.58
N SER A 75 33.74 0.96 -2.70
CA SER A 75 32.38 1.45 -2.89
C SER A 75 31.30 0.40 -2.62
N ASP A 76 31.58 -0.87 -2.93
CA ASP A 76 30.64 -1.98 -2.71
C ASP A 76 30.58 -2.51 -1.26
N ASN A 77 31.48 -2.00 -0.37
CA ASN A 77 31.50 -2.41 1.03
C ASN A 77 30.21 -1.99 1.81
N GLY A 78 29.44 -2.99 2.22
CA GLY A 78 28.20 -2.81 2.96
C GLY A 78 28.36 -2.13 4.31
N PRO A 79 29.28 -2.59 5.21
CA PRO A 79 29.41 -1.94 6.52
C PRO A 79 29.76 -0.46 6.47
N LEU A 80 30.70 0.00 5.59
CA LEU A 80 31.00 1.44 5.56
C LEU A 80 29.77 2.26 5.13
N PHE A 81 28.98 1.76 4.18
CA PHE A 81 27.76 2.44 3.72
C PHE A 81 26.78 2.54 4.90
N THR A 82 26.58 1.42 5.60
CA THR A 82 25.68 1.37 6.76
C THR A 82 26.11 2.37 7.80
N GLU A 83 27.40 2.37 8.10
CA GLU A 83 27.98 3.22 9.11
C GLU A 83 27.83 4.67 8.72
N LEU A 84 28.14 4.98 7.46
CA LEU A 84 28.00 6.33 6.93
C LEU A 84 26.54 6.82 7.02
N LYS A 85 25.58 5.95 6.64
CA LYS A 85 24.17 6.34 6.76
C LYS A 85 23.83 6.67 8.21
N PHE A 86 24.40 5.94 9.20
CA PHE A 86 24.14 6.20 10.64
C PHE A 86 24.70 7.58 10.99
N TYR A 87 25.96 7.81 10.65
CA TYR A 87 26.61 9.08 10.96
C TYR A 87 25.90 10.26 10.30
N GLN A 88 25.46 10.12 9.05
CA GLN A 88 24.76 11.19 8.34
C GLN A 88 23.38 11.49 8.96
N ARG A 89 22.66 10.44 9.40
CA ARG A 89 21.32 10.63 9.94
C ARG A 89 21.28 11.10 11.35
N ALA A 90 22.20 10.61 12.20
CA ALA A 90 22.15 10.81 13.63
C ALA A 90 23.37 11.46 14.26
N ALA A 91 24.46 11.65 13.53
CA ALA A 91 25.62 12.19 14.21
C ALA A 91 26.14 13.54 13.64
N LYS A 92 25.26 14.37 13.07
CA LYS A 92 25.66 15.69 12.59
C LYS A 92 26.05 16.54 13.82
N PRO A 93 27.16 17.30 13.76
CA PRO A 93 27.60 18.06 14.95
C PRO A 93 26.53 18.86 15.69
N GLU A 94 25.65 19.58 14.98
CA GLU A 94 24.60 20.39 15.60
C GLU A 94 23.48 19.57 16.22
N GLN A 95 23.12 18.40 15.63
CA GLN A 95 22.08 17.59 16.25
C GLN A 95 22.63 17.01 17.55
N ILE A 96 23.95 16.72 17.59
CA ILE A 96 24.59 16.23 18.81
C ILE A 96 24.67 17.35 19.86
N GLN A 97 25.11 18.56 19.45
CA GLN A 97 25.19 19.69 20.40
C GLN A 97 23.86 20.11 20.95
N LYS A 98 22.81 20.12 20.12
CA LYS A 98 21.47 20.48 20.59
C LYS A 98 21.00 19.46 21.68
N TRP A 99 21.31 18.15 21.49
CA TRP A 99 20.95 17.09 22.45
C TRP A 99 21.65 17.32 23.78
N ILE A 100 22.98 17.55 23.75
CA ILE A 100 23.82 17.82 24.91
C ILE A 100 23.26 19.00 25.72
N ARG A 101 22.87 20.09 25.03
CA ARG A 101 22.29 21.29 25.64
C ARG A 101 20.93 20.97 26.24
N THR A 102 20.00 20.40 25.45
CA THR A 102 18.65 20.04 25.87
C THR A 102 18.62 19.07 27.07
N ARG A 103 19.52 18.05 27.07
CA ARG A 103 19.58 17.04 28.14
CA ARG A 103 19.57 17.05 28.14
C ARG A 103 20.54 17.43 29.25
N LYS A 104 21.22 18.58 29.11
CA LYS A 104 22.18 19.11 30.09
C LYS A 104 23.26 18.07 30.42
N LEU A 105 23.94 17.58 29.36
CA LEU A 105 25.01 16.58 29.50
C LEU A 105 26.33 17.30 29.47
N LYS A 106 27.37 16.68 30.00
CA LYS A 106 28.72 17.25 29.94
C LYS A 106 29.25 17.06 28.51
N TYR A 107 28.96 15.87 27.90
CA TYR A 107 29.35 15.49 26.55
C TYR A 107 28.45 14.29 26.11
N LEU A 108 28.60 13.82 24.87
CA LEU A 108 27.87 12.65 24.37
C LEU A 108 28.83 11.81 23.58
N GLY A 109 29.03 10.57 24.03
CA GLY A 109 30.01 9.68 23.40
C GLY A 109 29.62 9.07 22.07
N VAL A 110 29.02 9.87 21.20
CA VAL A 110 28.67 9.46 19.84
C VAL A 110 29.64 10.26 18.97
N PRO A 111 30.52 9.63 18.20
CA PRO A 111 31.47 10.40 17.37
C PRO A 111 30.71 11.26 16.34
N LYS A 112 31.18 12.47 16.11
CA LYS A 112 30.54 13.40 15.17
C LYS A 112 30.84 13.06 13.69
N TYR A 113 29.90 13.34 12.81
CA TYR A 113 30.12 13.14 11.38
C TYR A 113 30.82 14.44 10.80
N TRP A 114 31.96 14.30 10.12
CA TRP A 114 32.68 15.47 9.53
C TRP A 114 32.72 15.50 8.01
N GLY A 115 32.26 14.46 7.36
CA GLY A 115 32.24 14.49 5.91
C GLY A 115 32.49 13.15 5.29
N SER A 116 32.13 13.05 4.02
CA SER A 116 32.35 11.81 3.28
C SER A 116 32.40 12.10 1.79
N GLY A 117 32.92 11.13 1.07
CA GLY A 117 32.97 11.24 -0.38
C GLY A 117 33.38 9.93 -1.00
N LEU A 118 33.79 10.06 -2.28
CA LEU A 118 34.20 8.99 -3.15
C LEU A 118 35.59 9.25 -3.63
N HIS A 119 36.37 8.20 -3.80
CA HIS A 119 37.76 8.39 -4.19
C HIS A 119 38.14 7.26 -5.10
N ASP A 120 38.78 7.60 -6.21
CA ASP A 120 39.22 6.61 -7.18
C ASP A 120 40.70 6.33 -6.98
N LYS A 121 41.10 5.07 -7.16
CA LYS A 121 42.51 4.66 -7.10
C LYS A 121 42.73 3.40 -7.94
N ASN A 122 43.67 3.47 -8.93
CA ASN A 122 44.03 2.36 -9.83
C ASN A 122 42.78 1.74 -10.52
N GLY A 123 41.86 2.61 -10.95
CA GLY A 123 40.63 2.23 -11.63
C GLY A 123 39.59 1.55 -10.76
N LYS A 124 39.71 1.70 -9.42
CA LYS A 124 38.81 1.10 -8.43
C LYS A 124 38.17 2.24 -7.60
N SER A 125 36.86 2.14 -7.33
CA SER A 125 36.10 3.16 -6.60
C SER A 125 36.01 2.85 -5.11
N TYR A 126 36.35 3.85 -4.29
CA TYR A 126 36.34 3.76 -2.84
C TYR A 126 35.43 4.82 -2.25
N ARG A 127 34.98 4.58 -1.02
CA ARG A 127 34.16 5.49 -0.25
C ARG A 127 34.98 5.87 0.94
N PHE A 128 34.94 7.15 1.34
CA PHE A 128 35.68 7.49 2.53
C PHE A 128 34.81 8.27 3.45
N MET A 129 35.14 8.25 4.71
CA MET A 129 34.40 9.02 5.68
C MET A 129 35.39 9.62 6.66
N ILE A 130 35.17 10.89 7.03
CA ILE A 130 36.03 11.57 7.99
C ILE A 130 35.37 11.58 9.33
N MET A 131 36.15 11.23 10.35
CA MET A 131 35.64 11.27 11.73
C MET A 131 36.74 11.72 12.65
N ASP A 132 36.38 12.07 13.88
CA ASP A 132 37.37 12.50 14.86
C ASP A 132 38.31 11.36 15.19
N ARG A 133 39.55 11.69 15.54
CA ARG A 133 40.55 10.71 15.96
C ARG A 133 40.31 10.51 17.44
N PHE A 134 40.24 9.26 17.89
CA PHE A 134 40.10 8.91 19.32
C PHE A 134 41.40 8.29 19.79
N GLY A 135 41.53 8.13 21.10
CA GLY A 135 42.69 7.52 21.73
C GLY A 135 42.57 6.02 21.82
N SER A 136 43.06 5.44 22.92
CA SER A 136 43.03 3.99 23.14
C SER A 136 41.61 3.40 23.27
N ASP A 137 41.47 2.15 22.88
CA ASP A 137 40.24 1.40 23.11
C ASP A 137 40.25 0.93 24.58
N LEU A 138 39.08 0.68 25.17
CA LEU A 138 38.97 0.26 26.57
C LEU A 138 39.50 -1.13 26.81
N GLN A 139 39.48 -2.00 25.77
CA GLN A 139 39.98 -3.39 25.87
C GLN A 139 41.46 -3.42 26.25
N LYS A 140 42.27 -2.50 25.68
CA LYS A 140 43.72 -2.41 25.99
C LYS A 140 43.93 -1.97 27.46
N ILE A 141 43.17 -0.97 27.93
CA ILE A 141 43.28 -0.46 29.32
C ILE A 141 42.80 -1.57 30.30
N TYR A 142 41.76 -2.30 29.92
CA TYR A 142 41.24 -3.45 30.68
C TYR A 142 42.31 -4.55 30.79
N GLU A 143 42.93 -4.93 29.66
CA GLU A 143 43.97 -5.95 29.63
C GLU A 143 45.24 -5.57 30.41
N ALA A 144 45.59 -4.27 30.46
CA ALA A 144 46.77 -3.77 31.19
C ALA A 144 46.50 -3.72 32.69
N ASN A 145 45.21 -3.70 33.08
CA ASN A 145 44.78 -3.68 34.48
C ASN A 145 44.38 -5.09 34.97
N ALA A 146 44.99 -6.12 34.36
CA ALA A 146 44.80 -7.56 34.62
C ALA A 146 43.34 -7.99 34.53
N LYS A 147 42.66 -7.51 33.47
CA LYS A 147 41.28 -7.81 33.12
C LYS A 147 40.28 -7.46 34.22
N ARG A 148 40.41 -6.27 34.80
CA ARG A 148 39.48 -5.74 35.82
C ARG A 148 39.33 -4.26 35.65
N PHE A 149 38.14 -3.76 35.92
CA PHE A 149 37.81 -2.35 36.05
C PHE A 149 37.15 -2.29 37.41
N SER A 150 37.38 -1.22 38.16
CA SER A 150 36.82 -1.06 39.51
C SER A 150 35.34 -0.80 39.42
N ARG A 151 34.66 -0.92 40.56
CA ARG A 151 33.23 -0.65 40.62
C ARG A 151 32.93 0.81 40.16
N LYS A 152 33.77 1.79 40.58
CA LYS A 152 33.64 3.21 40.22
C LYS A 152 33.72 3.38 38.70
N THR A 153 34.73 2.79 38.07
CA THR A 153 34.94 2.81 36.60
C THR A 153 33.72 2.25 35.87
N VAL A 154 33.26 1.06 36.28
CA VAL A 154 32.15 0.38 35.62
C VAL A 154 30.88 1.21 35.70
N LEU A 155 30.62 1.81 36.88
CA LEU A 155 29.42 2.63 37.03
C LEU A 155 29.50 3.89 36.18
N GLN A 156 30.68 4.50 36.12
CA GLN A 156 30.93 5.74 35.36
C GLN A 156 30.83 5.46 33.83
N LEU A 157 31.43 4.37 33.36
CA LEU A 157 31.35 3.94 31.96
C LEU A 157 29.91 3.71 31.59
N SER A 158 29.19 2.94 32.41
CA SER A 158 27.81 2.55 32.15
C SER A 158 26.86 3.70 32.14
N LEU A 159 27.09 4.75 32.98
CA LEU A 159 26.21 5.92 32.94
C LEU A 159 26.34 6.63 31.57
N ARG A 160 27.56 6.71 31.07
CA ARG A 160 27.83 7.35 29.78
C ARG A 160 27.32 6.51 28.64
N ILE A 161 27.44 5.17 28.76
CA ILE A 161 26.94 4.26 27.71
C ILE A 161 25.44 4.37 27.65
N LEU A 162 24.80 4.53 28.83
CA LEU A 162 23.34 4.70 28.90
C LEU A 162 22.88 5.96 28.19
N ASP A 163 23.64 7.07 28.32
CA ASP A 163 23.35 8.34 27.59
C ASP A 163 23.49 8.09 26.08
N ILE A 164 24.56 7.36 25.68
CA ILE A 164 24.82 7.06 24.26
C ILE A 164 23.64 6.22 23.70
N LEU A 165 23.28 5.13 24.42
CA LEU A 165 22.22 4.25 23.97
C LEU A 165 20.91 4.98 23.86
N GLU A 166 20.62 5.83 24.82
CA GLU A 166 19.40 6.60 24.76
C GLU A 166 19.36 7.46 23.49
N TYR A 167 20.48 8.13 23.18
CA TYR A 167 20.61 8.97 21.99
C TYR A 167 20.37 8.18 20.72
N ILE A 168 21.14 7.10 20.48
CA ILE A 168 21.00 6.32 19.25
C ILE A 168 19.63 5.68 19.15
N HIS A 169 19.04 5.19 20.27
CA HIS A 169 17.70 4.59 20.22
C HIS A 169 16.65 5.63 19.85
N GLU A 170 16.77 6.85 20.40
CA GLU A 170 15.85 7.93 20.06
C GLU A 170 16.01 8.38 18.59
N HIS A 171 17.14 8.02 17.94
CA HIS A 171 17.43 8.31 16.54
C HIS A 171 17.25 7.08 15.67
N GLU A 172 16.44 6.12 16.14
CA GLU A 172 15.98 4.94 15.42
C GLU A 172 17.00 3.87 15.21
N TYR A 173 18.10 3.88 15.97
CA TYR A 173 19.11 2.86 15.77
C TYR A 173 19.45 2.06 17.04
N VAL A 174 19.87 0.79 16.87
CA VAL A 174 20.45 0.00 17.94
C VAL A 174 21.87 -0.33 17.53
N HIS A 175 22.78 -0.45 18.49
CA HIS A 175 24.17 -0.77 18.15
C HIS A 175 24.40 -2.29 17.99
N GLY A 176 23.90 -3.07 18.95
CA GLY A 176 24.00 -4.53 18.96
C GLY A 176 25.37 -5.11 19.20
N ASP A 177 26.41 -4.28 19.49
CA ASP A 177 27.76 -4.85 19.65
C ASP A 177 28.65 -4.04 20.58
N ILE A 178 28.05 -3.64 21.69
CA ILE A 178 28.73 -2.90 22.74
C ILE A 178 29.73 -3.82 23.42
N LYS A 179 30.97 -3.39 23.48
CA LYS A 179 32.07 -4.09 24.11
C LYS A 179 33.22 -3.14 24.19
N ALA A 180 34.17 -3.45 25.11
CA ALA A 180 35.36 -2.63 25.39
C ALA A 180 36.18 -2.27 24.16
N SER A 181 36.29 -3.17 23.17
CA SER A 181 37.05 -2.87 21.95
C SER A 181 36.33 -1.82 21.04
N ASN A 182 35.00 -1.60 21.25
CA ASN A 182 34.20 -0.59 20.54
C ASN A 182 34.03 0.68 21.38
N LEU A 183 34.83 0.80 22.45
CA LEU A 183 34.74 1.98 23.30
C LEU A 183 36.09 2.65 23.33
N LEU A 184 36.14 3.89 22.85
CA LEU A 184 37.35 4.67 22.71
C LEU A 184 37.35 5.91 23.55
N LEU A 185 38.51 6.27 24.07
CA LEU A 185 38.60 7.49 24.85
C LEU A 185 38.79 8.68 23.94
N ASN A 186 38.32 9.85 24.35
CA ASN A 186 38.59 11.12 23.67
C ASN A 186 40.13 11.24 23.70
N TYR A 187 40.76 11.47 22.52
CA TYR A 187 42.22 11.54 22.38
C TYR A 187 42.89 12.54 23.34
N LYS A 188 42.15 13.59 23.75
CA LYS A 188 42.68 14.62 24.63
C LYS A 188 42.07 14.62 26.04
N ASN A 189 41.01 13.81 26.31
CA ASN A 189 40.35 13.75 27.63
C ASN A 189 40.00 12.30 28.01
N PRO A 190 40.83 11.68 28.89
CA PRO A 190 40.59 10.27 29.27
C PRO A 190 39.39 9.99 30.16
N ASP A 191 38.56 10.98 30.46
CA ASP A 191 37.34 10.76 31.24
C ASP A 191 36.12 10.74 30.30
N GLN A 192 36.37 10.77 28.98
CA GLN A 192 35.31 10.80 28.00
C GLN A 192 35.41 9.60 27.11
N VAL A 193 34.42 8.72 27.20
CA VAL A 193 34.38 7.49 26.40
C VAL A 193 33.36 7.63 25.25
N TYR A 194 33.67 7.03 24.11
CA TYR A 194 32.82 7.09 22.93
C TYR A 194 32.55 5.69 22.42
N LEU A 195 31.33 5.44 22.00
CA LEU A 195 30.98 4.14 21.41
C LEU A 195 31.17 4.27 19.90
N VAL A 196 32.01 3.39 19.33
CA VAL A 196 32.28 3.37 17.89
C VAL A 196 31.77 2.09 17.21
N ASP A 197 31.96 2.03 15.87
CA ASP A 197 31.60 0.93 14.98
C ASP A 197 30.08 0.78 14.79
N TYR A 198 29.56 1.41 13.72
CA TYR A 198 28.15 1.31 13.39
C TYR A 198 27.96 0.59 12.05
N GLY A 199 28.98 -0.15 11.64
CA GLY A 199 28.98 -0.92 10.40
C GLY A 199 27.88 -1.96 10.35
N LEU A 200 27.47 -2.47 11.53
CA LEU A 200 26.42 -3.44 11.68
C LEU A 200 25.29 -2.90 12.60
N ALA A 201 25.20 -1.53 12.79
CA ALA A 201 24.09 -0.93 13.55
C ALA A 201 22.79 -1.21 12.81
N TYR A 202 21.69 -1.17 13.51
CA TYR A 202 20.45 -1.54 12.90
C TYR A 202 19.40 -0.51 13.16
N ARG A 203 18.69 -0.11 12.10
CA ARG A 203 17.63 0.86 12.24
C ARG A 203 16.39 0.05 12.63
N TYR A 204 16.13 -0.06 13.94
CA TYR A 204 15.02 -0.86 14.46
C TYR A 204 13.67 -0.16 14.34
N CYS A 205 13.67 1.17 14.14
CA CYS A 205 12.45 1.94 14.13
C CYS A 205 12.37 2.89 12.90
N PRO A 206 12.53 2.41 11.64
CA PRO A 206 12.51 3.34 10.48
C PRO A 206 11.20 4.10 10.36
N GLU A 207 11.28 5.44 10.36
CA GLU A 207 10.13 6.35 10.26
C GLU A 207 9.14 6.12 11.44
N GLY A 208 9.68 5.76 12.60
CA GLY A 208 8.89 5.50 13.80
C GLY A 208 8.11 4.20 13.85
N VAL A 209 8.29 3.32 12.84
CA VAL A 209 7.61 2.01 12.74
C VAL A 209 8.56 0.90 13.26
N HIS A 210 8.31 0.39 14.50
CA HIS A 210 9.15 -0.64 15.10
C HIS A 210 9.11 -1.92 14.27
N LYS A 211 10.27 -2.58 14.11
CA LYS A 211 10.37 -3.83 13.37
C LYS A 211 9.68 -4.96 14.15
N ALA A 212 9.16 -5.97 13.44
CA ALA A 212 8.47 -7.10 14.07
C ALA A 212 9.45 -8.08 14.72
N TYR A 213 8.96 -8.89 15.66
CA TYR A 213 9.75 -9.93 16.35
C TYR A 213 10.08 -11.07 15.37
N ALA A 214 11.11 -10.84 14.54
CA ALA A 214 11.54 -11.77 13.50
C ALA A 214 12.90 -11.32 13.02
N ALA A 215 13.55 -12.16 12.20
CA ALA A 215 14.84 -11.86 11.58
C ALA A 215 14.67 -10.80 10.48
N ASP A 216 15.70 -9.98 10.24
CA ASP A 216 15.68 -9.05 9.13
C ASP A 216 16.34 -9.82 7.97
N PRO A 217 15.70 -9.93 6.78
CA PRO A 217 16.32 -10.71 5.68
C PRO A 217 17.65 -10.12 5.21
N LYS A 218 17.74 -8.78 5.15
CA LYS A 218 18.93 -8.05 4.72
C LYS A 218 20.07 -8.20 5.74
N ARG A 219 19.75 -8.20 7.05
CA ARG A 219 20.69 -8.33 8.16
C ARG A 219 21.10 -9.79 8.44
N CYS A 220 22.42 -10.05 8.47
CA CYS A 220 22.97 -11.37 8.73
C CYS A 220 23.48 -11.52 10.17
N HIS A 221 24.39 -10.62 10.60
CA HIS A 221 25.10 -10.61 11.88
C HIS A 221 24.24 -10.76 13.15
N ASP A 222 24.90 -11.26 14.22
CA ASP A 222 24.34 -11.56 15.55
C ASP A 222 25.22 -11.00 16.74
N GLY A 223 26.16 -10.08 16.45
CA GLY A 223 27.03 -9.46 17.45
C GLY A 223 28.22 -10.29 17.91
N THR A 224 28.70 -10.05 19.14
CA THR A 224 29.81 -10.78 19.73
C THR A 224 29.19 -11.85 20.63
N ILE A 225 29.46 -13.13 20.34
CA ILE A 225 28.84 -14.27 21.03
C ILE A 225 28.81 -14.13 22.59
N GLU A 226 29.91 -13.82 23.28
CA GLU A 226 29.88 -13.74 24.74
C GLU A 226 28.97 -12.67 25.30
N PHE A 227 28.72 -11.57 24.53
CA PHE A 227 27.93 -10.42 24.97
C PHE A 227 26.61 -10.23 24.34
N THR A 228 26.34 -10.90 23.22
CA THR A 228 25.10 -10.66 22.49
C THR A 228 23.85 -11.02 23.29
N SER A 229 22.73 -10.41 22.89
CA SER A 229 21.45 -10.56 23.54
C SER A 229 20.80 -11.92 23.23
N ILE A 230 19.88 -12.33 24.09
CA ILE A 230 19.06 -13.53 23.92
C ILE A 230 18.25 -13.35 22.62
N ASP A 231 17.72 -12.14 22.35
CA ASP A 231 17.00 -11.86 21.08
C ASP A 231 17.86 -12.22 19.89
N ALA A 232 19.15 -11.78 19.89
CA ALA A 232 20.08 -12.09 18.79
C ALA A 232 20.32 -13.59 18.64
N HIS A 233 20.50 -14.28 19.77
CA HIS A 233 20.68 -15.73 19.80
C HIS A 233 19.44 -16.43 19.26
N ASN A 234 18.26 -15.85 19.47
CA ASN A 234 17.00 -16.40 18.96
C ASN A 234 16.75 -16.10 17.47
N GLY A 235 17.74 -15.50 16.79
CA GLY A 235 17.67 -15.15 15.37
C GLY A 235 16.69 -14.04 15.00
N VAL A 236 16.34 -13.17 15.93
CA VAL A 236 15.47 -12.03 15.62
C VAL A 236 16.35 -10.78 15.51
N ALA A 237 15.88 -9.75 14.80
CA ALA A 237 16.57 -8.46 14.66
C ALA A 237 16.80 -7.80 16.06
N PRO A 238 17.93 -7.11 16.32
CA PRO A 238 18.14 -6.53 17.65
C PRO A 238 17.19 -5.37 17.93
N SER A 239 16.88 -5.15 19.22
CA SER A 239 16.03 -4.03 19.59
C SER A 239 16.65 -3.37 20.82
N ARG A 240 15.97 -2.37 21.41
CA ARG A 240 16.53 -1.59 22.51
C ARG A 240 16.87 -2.42 23.74
N ARG A 241 16.01 -3.40 24.10
CA ARG A 241 16.31 -4.21 25.29
C ARG A 241 17.59 -5.01 25.11
N GLY A 242 17.85 -5.46 23.89
CA GLY A 242 19.08 -6.19 23.58
C GLY A 242 20.35 -5.40 23.85
N ASP A 243 20.40 -4.10 23.50
CA ASP A 243 21.61 -3.25 23.75
C ASP A 243 21.81 -3.11 25.27
N LEU A 244 20.71 -2.96 26.01
CA LEU A 244 20.80 -2.84 27.48
C LEU A 244 21.23 -4.14 28.11
N GLU A 245 20.82 -5.30 27.55
CA GLU A 245 21.24 -6.61 28.04
C GLU A 245 22.75 -6.81 27.75
N ILE A 246 23.22 -6.37 26.56
CA ILE A 246 24.64 -6.45 26.20
C ILE A 246 25.45 -5.66 27.21
N LEU A 247 25.00 -4.42 27.58
CA LEU A 247 25.73 -3.62 28.56
C LEU A 247 25.83 -4.36 29.91
N GLY A 248 24.78 -5.10 30.29
CA GLY A 248 24.72 -5.92 31.50
C GLY A 248 25.82 -6.96 31.53
N TYR A 249 26.00 -7.73 30.42
CA TYR A 249 27.08 -8.72 30.38
C TYR A 249 28.45 -8.06 30.40
N CYS A 250 28.59 -6.85 29.78
CA CYS A 250 29.84 -6.09 29.79
C CYS A 250 30.23 -5.72 31.23
N MET A 251 29.28 -5.21 32.03
CA MET A 251 29.49 -4.83 33.44
C MET A 251 30.07 -5.99 34.26
N ILE A 252 29.45 -7.17 34.19
CA ILE A 252 29.95 -8.38 34.88
C ILE A 252 31.34 -8.73 34.42
N GLN A 253 31.54 -8.82 33.10
CA GLN A 253 32.86 -9.11 32.52
C GLN A 253 33.94 -8.14 33.05
N TRP A 254 33.63 -6.83 33.06
CA TRP A 254 34.60 -5.79 33.48
C TRP A 254 34.89 -5.87 34.98
N LEU A 255 33.87 -6.12 35.80
CA LEU A 255 34.01 -6.19 37.25
C LEU A 255 34.74 -7.44 37.74
N THR A 256 34.55 -8.59 37.07
CA THR A 256 35.06 -9.88 37.53
C THR A 256 36.11 -10.49 36.67
N GLY A 257 36.25 -10.00 35.45
CA GLY A 257 37.19 -10.60 34.52
C GLY A 257 36.66 -11.83 33.82
N HIS A 258 35.40 -12.21 34.06
CA HIS A 258 34.85 -13.43 33.46
C HIS A 258 33.34 -13.35 33.23
N LEU A 259 32.86 -14.35 32.48
CA LEU A 259 31.44 -14.61 32.25
C LEU A 259 31.26 -16.15 32.34
N PRO A 260 30.16 -16.64 32.90
CA PRO A 260 30.02 -18.10 33.07
C PRO A 260 30.17 -19.01 31.84
N TRP A 261 29.93 -18.48 30.62
CA TRP A 261 29.92 -19.24 29.37
C TRP A 261 31.13 -19.02 28.50
N GLU A 262 32.18 -18.37 29.02
CA GLU A 262 33.35 -17.99 28.24
C GLU A 262 34.21 -19.14 27.77
N ASP A 263 34.04 -20.33 28.35
CA ASP A 263 34.82 -21.49 27.91
C ASP A 263 34.04 -22.28 26.87
N ASN A 264 32.83 -21.83 26.50
CA ASN A 264 32.02 -22.54 25.53
C ASN A 264 31.53 -21.66 24.40
N LEU A 265 32.38 -20.71 23.97
CA LEU A 265 32.04 -19.71 22.95
C LEU A 265 31.94 -20.28 21.53
N LYS A 266 32.42 -21.49 21.27
CA LYS A 266 32.28 -22.11 19.95
C LYS A 266 30.93 -22.83 19.85
N ASP A 267 30.14 -22.78 20.94
CA ASP A 267 28.82 -23.42 20.99
C ASP A 267 27.74 -22.40 21.26
N PRO A 268 27.17 -21.71 20.23
CA PRO A 268 26.13 -20.71 20.53
C PRO A 268 24.88 -21.23 21.25
N LYS A 269 24.53 -22.52 21.09
CA LYS A 269 23.33 -22.99 21.77
C LYS A 269 23.58 -23.13 23.27
N TYR A 270 24.83 -23.37 23.67
CA TYR A 270 25.24 -23.43 25.07
C TYR A 270 25.19 -22.00 25.67
N VAL A 271 25.77 -21.02 24.94
CA VAL A 271 25.83 -19.61 25.35
C VAL A 271 24.42 -19.09 25.51
N ARG A 272 23.51 -19.38 24.57
CA ARG A 272 22.12 -18.94 24.69
C ARG A 272 21.45 -19.63 25.90
N ASP A 273 21.64 -20.96 26.04
CA ASP A 273 21.02 -21.72 27.14
C ASP A 273 21.41 -21.13 28.50
N SER A 274 22.69 -20.81 28.69
CA SER A 274 23.19 -20.21 29.93
C SER A 274 22.57 -18.84 30.15
N LYS A 275 22.53 -17.98 29.09
CA LYS A 275 21.95 -16.65 29.24
C LYS A 275 20.51 -16.71 29.62
N ILE A 276 19.76 -17.63 29.02
CA ILE A 276 18.34 -17.79 29.32
C ILE A 276 18.12 -18.23 30.79
N ARG A 277 18.88 -19.26 31.23
CA ARG A 277 18.78 -19.81 32.59
C ARG A 277 19.18 -18.72 33.61
N TYR A 278 20.24 -17.94 33.33
CA TYR A 278 20.70 -16.88 34.21
C TYR A 278 19.79 -15.66 34.24
N ARG A 279 18.98 -15.43 33.16
CA ARG A 279 18.02 -14.32 33.15
C ARG A 279 16.84 -14.76 33.99
N GLU A 280 16.49 -16.04 33.89
CA GLU A 280 15.39 -16.58 34.63
C GLU A 280 15.66 -16.54 36.15
N ASN A 281 16.94 -16.69 36.56
CA ASN A 281 17.34 -16.66 37.96
C ASN A 281 18.60 -15.80 38.12
N ILE A 282 18.41 -14.48 38.22
CA ILE A 282 19.48 -13.48 38.32
C ILE A 282 20.33 -13.71 39.56
N ALA A 283 19.70 -14.16 40.66
CA ALA A 283 20.46 -14.40 41.90
C ALA A 283 21.48 -15.48 41.71
N SER A 284 21.20 -16.52 40.87
CA SER A 284 22.22 -17.54 40.65
C SER A 284 23.35 -17.01 39.78
N LEU A 285 23.06 -16.00 38.92
CA LEU A 285 24.14 -15.37 38.12
C LEU A 285 25.08 -14.59 39.07
N MET A 286 24.49 -13.84 40.01
CA MET A 286 25.26 -13.07 41.01
C MET A 286 26.08 -14.04 41.85
N ASP A 287 25.49 -15.21 42.25
CA ASP A 287 26.21 -16.26 43.00
C ASP A 287 27.34 -16.84 42.20
N LYS A 288 27.15 -16.98 40.88
CA LYS A 288 28.18 -17.58 40.04
C LYS A 288 29.36 -16.63 39.78
N CYS A 289 29.05 -15.37 39.48
CA CYS A 289 30.04 -14.38 39.05
C CYS A 289 30.79 -13.67 40.16
N PHE A 290 30.14 -13.48 41.30
CA PHE A 290 30.70 -12.73 42.41
C PHE A 290 31.07 -13.60 43.59
N PRO A 291 32.13 -13.22 44.37
CA PRO A 291 32.49 -14.02 45.57
C PRO A 291 31.26 -14.24 46.42
N ALA A 292 31.15 -15.42 47.01
CA ALA A 292 29.99 -15.83 47.77
C ALA A 292 29.40 -14.74 48.65
N ALA A 293 28.08 -14.44 48.43
CA ALA A 293 27.26 -13.42 49.12
C ALA A 293 27.89 -12.01 49.12
N ASN A 294 28.63 -11.69 48.04
CA ASN A 294 29.33 -10.42 47.94
C ASN A 294 29.16 -9.75 46.54
N ALA A 295 27.92 -9.66 46.04
CA ALA A 295 27.62 -9.07 44.72
C ALA A 295 27.16 -7.61 44.80
N PRO A 296 27.65 -6.69 43.90
CA PRO A 296 27.15 -5.29 43.92
C PRO A 296 25.70 -5.28 43.49
N GLY A 297 24.84 -4.84 44.40
CA GLY A 297 23.38 -4.84 44.23
C GLY A 297 22.81 -4.13 43.01
N GLU A 298 23.43 -3.05 42.55
CA GLU A 298 22.91 -2.31 41.37
C GLU A 298 22.91 -3.17 40.08
N ILE A 299 23.89 -4.07 39.95
CA ILE A 299 24.00 -4.98 38.79
C ILE A 299 22.77 -5.88 38.69
N ALA A 300 22.38 -6.51 39.82
CA ALA A 300 21.19 -7.37 39.88
C ALA A 300 19.95 -6.55 39.62
N LYS A 301 19.86 -5.31 40.16
CA LYS A 301 18.68 -4.44 39.95
C LYS A 301 18.53 -3.96 38.47
N TYR A 302 19.64 -3.69 37.82
CA TYR A 302 19.70 -3.27 36.41
C TYR A 302 19.18 -4.42 35.56
N MET A 303 19.70 -5.61 35.81
CA MET A 303 19.34 -6.82 35.07
C MET A 303 17.91 -7.20 35.24
N GLU A 304 17.34 -7.01 36.45
CA GLU A 304 15.91 -7.28 36.71
C GLU A 304 15.05 -6.27 35.94
N THR A 305 15.52 -4.99 35.86
CA THR A 305 14.78 -3.94 35.14
C THR A 305 14.72 -4.21 33.64
N VAL A 306 15.87 -4.56 33.03
CA VAL A 306 16.02 -4.89 31.61
C VAL A 306 15.17 -6.12 31.28
N LYS A 307 15.12 -7.09 32.22
CA LYS A 307 14.35 -8.33 32.08
C LYS A 307 12.84 -8.03 31.92
N LEU A 308 12.35 -6.94 32.51
CA LEU A 308 10.94 -6.58 32.41
C LEU A 308 10.52 -5.94 31.06
N LEU A 309 11.47 -5.63 30.17
CA LEU A 309 11.16 -4.99 28.88
C LEU A 309 10.66 -5.93 27.82
N ASP A 310 9.61 -5.53 27.14
CA ASP A 310 9.07 -6.30 26.02
C ASP A 310 9.90 -5.92 24.79
N TYR A 311 9.95 -6.81 23.78
CA TYR A 311 10.76 -6.62 22.57
C TYR A 311 10.72 -5.20 21.97
N THR A 312 9.52 -4.59 21.90
CA THR A 312 9.31 -3.27 21.28
C THR A 312 9.16 -2.15 22.28
N GLU A 313 9.26 -2.44 23.57
CA GLU A 313 9.07 -1.42 24.60
C GLU A 313 10.23 -0.42 24.68
N LYS A 314 9.88 0.82 24.96
CA LYS A 314 10.85 1.88 25.15
C LYS A 314 11.43 1.77 26.57
N PRO A 315 12.77 1.72 26.72
CA PRO A 315 13.34 1.60 28.08
C PRO A 315 13.16 2.90 28.84
N LEU A 316 13.23 2.84 30.17
CA LEU A 316 13.17 4.05 30.98
C LEU A 316 14.59 4.25 31.43
N TYR A 317 15.39 4.92 30.58
CA TYR A 317 16.82 5.16 30.76
C TYR A 317 17.17 5.87 32.05
N GLU A 318 16.37 6.88 32.45
CA GLU A 318 16.65 7.65 33.68
C GLU A 318 16.55 6.75 34.92
N ASN A 319 15.61 5.80 34.90
CA ASN A 319 15.40 4.78 35.93
C ASN A 319 16.63 3.89 36.01
N LEU A 320 17.18 3.48 34.83
CA LEU A 320 18.39 2.64 34.77
C LEU A 320 19.60 3.40 35.28
N ARG A 321 19.71 4.67 34.90
CA ARG A 321 20.79 5.53 35.36
C ARG A 321 20.66 5.75 36.92
N ASP A 322 19.41 5.90 37.44
CA ASP A 322 19.19 6.06 38.88
C ASP A 322 19.67 4.81 39.64
N ILE A 323 19.44 3.59 39.08
CA ILE A 323 19.93 2.32 39.66
C ILE A 323 21.48 2.36 39.81
N LEU A 324 22.20 2.87 38.80
CA LEU A 324 23.66 2.94 38.84
C LEU A 324 24.18 4.04 39.78
N LEU A 325 23.39 5.13 39.94
CA LEU A 325 23.73 6.28 40.81
C LEU A 325 23.64 5.83 42.25
N GLN A 326 22.68 4.94 42.57
CA GLN A 326 22.54 4.34 43.90
C GLN A 326 23.78 3.52 44.23
N GLY A 327 24.36 2.87 43.20
CA GLY A 327 25.59 2.10 43.30
C GLY A 327 26.79 2.98 43.62
N LEU A 328 26.82 4.22 43.05
CA LEU A 328 27.89 5.19 43.29
C LEU A 328 27.77 5.71 44.72
N LYS A 329 26.53 5.96 45.18
CA LYS A 329 26.21 6.39 46.55
C LYS A 329 26.67 5.33 47.56
N ALA A 330 26.47 4.03 47.24
CA ALA A 330 26.84 2.85 48.04
C ALA A 330 28.35 2.73 48.29
N ILE A 331 29.17 3.25 47.36
CA ILE A 331 30.63 3.21 47.50
C ILE A 331 31.16 4.58 48.00
N GLY A 332 30.23 5.44 48.43
CA GLY A 332 30.54 6.77 48.95
C GLY A 332 31.06 7.74 47.90
N SER A 333 30.58 7.57 46.65
CA SER A 333 31.00 8.43 45.55
C SER A 333 29.79 9.12 44.96
N LYS A 334 29.97 9.71 43.76
CA LYS A 334 28.95 10.43 43.02
C LYS A 334 29.34 10.50 41.54
N ASP A 335 28.39 10.90 40.70
CA ASP A 335 28.62 11.05 39.26
C ASP A 335 29.43 12.34 39.04
N ASP A 336 30.76 12.23 39.12
CA ASP A 336 31.68 13.33 38.90
C ASP A 336 32.38 13.21 37.52
N GLY A 337 31.93 12.26 36.70
CA GLY A 337 32.47 12.01 35.36
C GLY A 337 33.87 11.46 35.32
N LYS A 338 34.40 11.02 36.45
CA LYS A 338 35.77 10.50 36.51
C LYS A 338 35.76 9.00 36.29
N LEU A 339 36.30 8.58 35.17
CA LEU A 339 36.38 7.17 34.78
C LEU A 339 37.37 6.35 35.61
N ASP A 340 38.37 7.02 36.23
CA ASP A 340 39.40 6.39 37.08
C ASP A 340 40.21 5.33 36.34
N LEU A 341 40.62 5.61 35.10
CA LEU A 341 41.38 4.65 34.27
C LEU A 341 42.88 4.59 34.66
N SER A 342 43.72 5.51 34.09
CA SER A 342 45.18 5.72 34.26
C SER A 342 45.81 6.27 32.98
N GLU B 21 -44.07 -7.07 -18.17
CA GLU B 21 -44.36 -7.92 -17.01
C GLU B 21 -43.33 -9.02 -16.84
N GLN B 22 -42.63 -9.02 -15.69
CA GLN B 22 -41.56 -9.98 -15.41
C GLN B 22 -42.04 -11.37 -15.07
N PHE B 23 -43.07 -11.49 -14.25
CA PHE B 23 -43.58 -12.77 -13.82
C PHE B 23 -45.09 -12.88 -13.93
N ALA B 24 -45.58 -14.12 -14.11
CA ALA B 24 -47.00 -14.42 -14.14
C ALA B 24 -47.47 -14.50 -12.70
N VAL B 25 -48.78 -14.30 -12.47
CA VAL B 25 -49.39 -14.41 -11.14
C VAL B 25 -49.49 -15.92 -10.83
N GLY B 26 -48.52 -16.42 -10.07
CA GLY B 26 -48.41 -17.84 -9.71
C GLY B 26 -47.12 -18.48 -10.16
N GLU B 27 -46.23 -17.72 -10.83
CA GLU B 27 -44.93 -18.22 -11.25
C GLU B 27 -44.05 -18.60 -10.03
N ILE B 28 -43.22 -19.68 -10.16
CA ILE B 28 -42.33 -20.17 -9.12
C ILE B 28 -40.95 -19.72 -9.45
N ILE B 29 -40.34 -18.97 -8.53
CA ILE B 29 -38.98 -18.50 -8.75
C ILE B 29 -38.06 -19.10 -7.68
N THR B 30 -36.82 -19.44 -8.08
CA THR B 30 -35.83 -19.99 -7.16
C THR B 30 -34.70 -18.95 -7.06
N ASP B 31 -34.36 -18.52 -5.84
CA ASP B 31 -33.29 -17.54 -5.70
C ASP B 31 -31.92 -18.22 -5.76
N MET B 32 -30.84 -17.44 -5.60
CA MET B 32 -29.50 -18.01 -5.67
C MET B 32 -29.18 -18.96 -4.47
N ALA B 33 -29.88 -18.83 -3.34
CA ALA B 33 -29.71 -19.73 -2.21
C ALA B 33 -30.60 -20.98 -2.37
N ALA B 34 -31.31 -21.09 -3.53
CA ALA B 34 -32.22 -22.20 -3.84
C ALA B 34 -33.50 -22.22 -2.97
N ALA B 35 -33.87 -21.06 -2.41
CA ALA B 35 -35.13 -20.93 -1.68
C ALA B 35 -36.22 -20.64 -2.73
N ALA B 36 -37.36 -21.35 -2.66
CA ALA B 36 -38.43 -21.19 -3.67
C ALA B 36 -39.46 -20.20 -3.26
N TRP B 37 -39.90 -19.35 -4.19
CA TRP B 37 -40.92 -18.34 -3.91
C TRP B 37 -42.02 -18.42 -4.98
N LYS B 38 -43.22 -17.98 -4.66
CA LYS B 38 -44.31 -17.92 -5.61
C LYS B 38 -44.69 -16.43 -5.76
N VAL B 39 -44.77 -15.96 -7.02
CA VAL B 39 -45.07 -14.55 -7.39
C VAL B 39 -46.60 -14.31 -7.43
N GLY B 40 -47.02 -13.15 -6.94
CA GLY B 40 -48.41 -12.68 -6.93
C GLY B 40 -48.63 -11.59 -7.96
N LEU B 41 -49.52 -10.65 -7.66
CA LEU B 41 -49.83 -9.53 -8.56
C LEU B 41 -48.84 -8.39 -8.36
N PRO B 42 -48.67 -7.45 -9.33
CA PRO B 42 -47.86 -6.26 -9.08
C PRO B 42 -48.50 -5.33 -8.04
N ILE B 43 -47.71 -4.44 -7.43
CA ILE B 43 -48.23 -3.43 -6.49
C ILE B 43 -47.72 -2.04 -6.87
N GLY B 49 -38.36 -2.76 -14.67
CA GLY B 49 -38.63 -2.15 -13.36
C GLY B 49 -40.05 -2.35 -12.87
N CYS B 50 -40.22 -3.18 -11.79
CA CYS B 50 -41.52 -3.52 -11.19
C CYS B 50 -41.40 -4.17 -9.77
N ILE B 51 -42.52 -4.22 -9.03
CA ILE B 51 -42.64 -4.80 -7.68
C ILE B 51 -43.90 -5.67 -7.70
N TYR B 52 -43.79 -6.92 -7.18
CA TYR B 52 -44.87 -7.92 -7.12
C TYR B 52 -45.04 -8.45 -5.71
N LEU B 53 -46.26 -8.86 -5.37
CA LEU B 53 -46.51 -9.52 -4.10
C LEU B 53 -45.85 -10.91 -4.21
N ALA B 54 -45.38 -11.46 -3.09
CA ALA B 54 -44.72 -12.76 -3.12
C ALA B 54 -44.86 -13.47 -1.83
N ASP B 55 -44.72 -14.78 -1.88
CA ASP B 55 -44.76 -15.61 -0.68
C ASP B 55 -43.89 -16.80 -0.94
N MET B 56 -43.68 -17.62 0.10
CA MET B 56 -42.95 -18.87 -0.03
C MET B 56 -43.75 -19.75 -0.98
N ASN B 57 -43.07 -20.67 -1.67
CA ASN B 57 -43.71 -21.62 -2.56
C ASN B 57 -44.63 -22.53 -1.73
N SER B 58 -45.80 -22.79 -2.27
CA SER B 58 -46.88 -23.61 -1.72
C SER B 58 -47.88 -23.90 -2.84
N SER B 59 -48.89 -24.75 -2.56
CA SER B 59 -49.95 -25.12 -3.52
C SER B 59 -50.91 -23.95 -3.73
N GLU B 60 -51.12 -23.13 -2.68
CA GLU B 60 -52.02 -21.98 -2.71
C GLU B 60 -51.41 -20.79 -3.46
N SER B 61 -52.28 -19.99 -4.10
CA SER B 61 -51.89 -18.79 -4.84
C SER B 61 -51.51 -17.65 -3.89
N VAL B 62 -50.77 -16.66 -4.40
CA VAL B 62 -50.34 -15.53 -3.58
C VAL B 62 -51.45 -14.45 -3.58
N GLY B 63 -51.98 -14.18 -2.38
CA GLY B 63 -53.05 -13.21 -2.17
C GLY B 63 -52.62 -11.80 -1.81
N SER B 64 -53.61 -10.94 -1.50
CA SER B 64 -53.45 -9.53 -1.15
C SER B 64 -52.68 -9.31 0.15
N ASP B 65 -52.74 -10.30 1.09
CA ASP B 65 -52.06 -10.23 2.39
C ASP B 65 -50.64 -10.87 2.39
N ALA B 66 -50.01 -11.01 1.19
CA ALA B 66 -48.66 -11.57 1.00
C ALA B 66 -47.63 -10.90 1.93
N PRO B 67 -46.73 -11.67 2.57
CA PRO B 67 -45.77 -11.05 3.52
C PRO B 67 -44.47 -10.52 2.89
N CYS B 68 -44.29 -10.74 1.57
CA CYS B 68 -43.09 -10.36 0.81
C CYS B 68 -43.45 -9.66 -0.48
N VAL B 69 -42.46 -8.96 -1.03
CA VAL B 69 -42.52 -8.37 -2.33
C VAL B 69 -41.27 -8.83 -3.05
N VAL B 70 -41.33 -8.89 -4.37
CA VAL B 70 -40.17 -9.19 -5.17
C VAL B 70 -39.94 -7.95 -6.03
N LYS B 71 -38.76 -7.34 -5.91
CA LYS B 71 -38.38 -6.14 -6.68
C LYS B 71 -37.54 -6.58 -7.84
N VAL B 72 -37.88 -6.11 -9.04
CA VAL B 72 -37.19 -6.52 -10.26
C VAL B 72 -36.69 -5.30 -11.01
N GLU B 73 -35.45 -5.35 -11.49
CA GLU B 73 -34.86 -4.28 -12.30
C GLU B 73 -33.89 -4.93 -13.28
N PRO B 74 -33.55 -4.28 -14.42
CA PRO B 74 -32.50 -4.84 -15.28
C PRO B 74 -31.21 -5.03 -14.47
N SER B 75 -30.35 -5.97 -14.88
CA SER B 75 -29.06 -6.25 -14.22
C SER B 75 -28.12 -5.03 -14.18
N ASP B 76 -28.34 -4.07 -15.10
CA ASP B 76 -27.54 -2.85 -15.24
C ASP B 76 -28.00 -1.70 -14.33
N ASN B 77 -29.11 -1.89 -13.58
CA ASN B 77 -29.60 -0.86 -12.67
C ASN B 77 -28.66 -0.75 -11.44
N GLY B 78 -27.96 0.38 -11.34
CA GLY B 78 -27.01 0.67 -10.27
C GLY B 78 -27.68 0.71 -8.90
N PRO B 79 -28.82 1.42 -8.74
CA PRO B 79 -29.48 1.46 -7.42
C PRO B 79 -29.92 0.11 -6.88
N LEU B 80 -30.44 -0.82 -7.72
CA LEU B 80 -30.83 -2.12 -7.15
C LEU B 80 -29.58 -2.88 -6.71
N PHE B 81 -28.46 -2.72 -7.43
CA PHE B 81 -27.21 -3.35 -6.98
C PHE B 81 -26.79 -2.77 -5.61
N THR B 82 -26.84 -1.42 -5.45
CA THR B 82 -26.46 -0.76 -4.20
C THR B 82 -27.36 -1.22 -3.09
N GLU B 83 -28.68 -1.21 -3.34
CA GLU B 83 -29.69 -1.62 -2.37
C GLU B 83 -29.50 -3.09 -1.96
N LEU B 84 -29.25 -3.97 -2.93
CA LEU B 84 -29.03 -5.40 -2.66
C LEU B 84 -27.79 -5.61 -1.78
N LYS B 85 -26.69 -4.91 -2.07
CA LYS B 85 -25.49 -5.04 -1.21
C LYS B 85 -25.79 -4.59 0.18
N PHE B 86 -26.57 -3.47 0.33
CA PHE B 86 -26.93 -3.02 1.70
C PHE B 86 -27.63 -4.18 2.43
N TYR B 87 -28.68 -4.72 1.78
CA TYR B 87 -29.51 -5.77 2.36
C TYR B 87 -28.73 -7.06 2.63
N GLN B 88 -27.84 -7.45 1.73
CA GLN B 88 -27.07 -8.65 1.99
C GLN B 88 -26.14 -8.53 3.18
N ARG B 89 -25.49 -7.36 3.32
CA ARG B 89 -24.51 -7.06 4.37
C ARG B 89 -25.05 -6.79 5.73
N ALA B 90 -26.18 -6.04 5.79
CA ALA B 90 -26.72 -5.48 7.02
C ALA B 90 -28.15 -5.88 7.37
N ALA B 91 -28.88 -6.55 6.48
CA ALA B 91 -30.29 -6.85 6.76
C ALA B 91 -30.62 -8.35 6.80
N LYS B 92 -29.63 -9.17 7.21
CA LYS B 92 -29.79 -10.62 7.34
C LYS B 92 -30.75 -10.84 8.47
N PRO B 93 -31.82 -11.66 8.29
CA PRO B 93 -32.83 -11.81 9.36
C PRO B 93 -32.29 -12.12 10.75
N GLU B 94 -31.26 -12.96 10.86
CA GLU B 94 -30.67 -13.36 12.15
C GLU B 94 -29.85 -12.27 12.78
N GLN B 95 -29.17 -11.49 11.94
CA GLN B 95 -28.35 -10.34 12.28
C GLN B 95 -29.27 -9.29 12.92
N ILE B 96 -30.45 -9.02 12.29
CA ILE B 96 -31.46 -8.10 12.80
C ILE B 96 -32.02 -8.60 14.15
N GLN B 97 -32.52 -9.86 14.20
CA GLN B 97 -33.08 -10.46 15.42
C GLN B 97 -32.10 -10.44 16.59
N LYS B 98 -30.81 -10.76 16.35
CA LYS B 98 -29.78 -10.71 17.38
C LYS B 98 -29.60 -9.29 17.93
N TRP B 99 -29.63 -8.26 17.05
CA TRP B 99 -29.52 -6.85 17.46
C TRP B 99 -30.72 -6.47 18.34
N ILE B 100 -31.93 -6.81 17.93
CA ILE B 100 -33.17 -6.54 18.68
C ILE B 100 -33.02 -7.11 20.12
N ARG B 101 -32.57 -8.37 20.24
CA ARG B 101 -32.36 -9.06 21.51
C ARG B 101 -31.30 -8.36 22.35
N THR B 102 -30.10 -8.17 21.79
CA THR B 102 -28.94 -7.54 22.43
C THR B 102 -29.22 -6.10 22.93
N ARG B 103 -29.69 -5.20 22.02
CA ARG B 103 -29.95 -3.79 22.34
CA ARG B 103 -29.93 -3.78 22.37
C ARG B 103 -31.31 -3.58 23.01
N LYS B 104 -32.00 -4.68 23.37
CA LYS B 104 -33.30 -4.75 24.06
C LYS B 104 -34.37 -3.84 23.45
N LEU B 105 -34.70 -4.09 22.18
CA LEU B 105 -35.71 -3.31 21.45
C LEU B 105 -36.97 -4.13 21.33
N LYS B 106 -38.07 -3.52 20.87
CA LYS B 106 -39.34 -4.21 20.63
C LYS B 106 -39.39 -4.74 19.19
N TYR B 107 -38.67 -4.04 18.29
CA TYR B 107 -38.55 -4.35 16.88
C TYR B 107 -37.46 -3.43 16.32
N LEU B 108 -37.08 -3.65 15.07
CA LEU B 108 -36.12 -2.78 14.41
C LEU B 108 -36.65 -2.50 13.03
N GLY B 109 -36.81 -1.21 12.74
CA GLY B 109 -37.36 -0.77 11.47
C GLY B 109 -36.49 -0.90 10.24
N VAL B 110 -35.63 -1.93 10.21
CA VAL B 110 -34.83 -2.20 9.02
C VAL B 110 -35.52 -3.40 8.31
N PRO B 111 -35.91 -3.33 7.02
CA PRO B 111 -36.58 -4.47 6.39
C PRO B 111 -35.64 -5.67 6.24
N LYS B 112 -36.16 -6.88 6.43
CA LYS B 112 -35.36 -8.10 6.30
C LYS B 112 -35.13 -8.48 4.85
N TYR B 113 -33.92 -8.96 4.56
CA TYR B 113 -33.53 -9.44 3.24
C TYR B 113 -33.83 -10.99 3.19
N TRP B 114 -34.57 -11.44 2.17
CA TRP B 114 -34.96 -12.86 2.04
C TRP B 114 -34.30 -13.58 0.90
N GLY B 115 -33.81 -12.87 -0.07
CA GLY B 115 -33.13 -13.53 -1.17
C GLY B 115 -33.07 -12.68 -2.39
N SER B 116 -32.34 -13.15 -3.39
CA SER B 116 -32.17 -12.45 -4.66
C SER B 116 -31.70 -13.44 -5.69
N GLY B 117 -31.74 -13.01 -6.93
CA GLY B 117 -31.27 -13.81 -8.04
C GLY B 117 -31.24 -13.03 -9.32
N LEU B 118 -31.09 -13.77 -10.41
CA LEU B 118 -31.08 -13.26 -11.79
C LEU B 118 -32.19 -14.04 -12.50
N HIS B 119 -33.00 -13.36 -13.31
CA HIS B 119 -34.13 -13.95 -14.02
C HIS B 119 -34.16 -13.40 -15.43
N ASP B 120 -34.28 -14.29 -16.42
CA ASP B 120 -34.34 -13.90 -17.81
C ASP B 120 -35.78 -13.68 -18.27
N LYS B 121 -35.98 -12.69 -19.17
CA LYS B 121 -37.27 -12.35 -19.76
C LYS B 121 -37.02 -11.67 -21.10
N ASN B 122 -37.66 -12.18 -22.17
CA ASN B 122 -37.53 -11.68 -23.55
C ASN B 122 -36.06 -11.50 -23.95
N GLY B 123 -35.22 -12.47 -23.60
CA GLY B 123 -33.79 -12.46 -23.88
C GLY B 123 -32.95 -11.47 -23.09
N LYS B 124 -33.58 -10.66 -22.19
CA LYS B 124 -32.87 -9.68 -21.35
C LYS B 124 -32.65 -10.21 -19.91
N SER B 125 -31.61 -9.71 -19.22
CA SER B 125 -31.25 -10.13 -17.85
C SER B 125 -31.74 -9.16 -16.78
N TYR B 126 -32.49 -9.68 -15.83
CA TYR B 126 -33.02 -8.89 -14.73
C TYR B 126 -32.49 -9.43 -13.40
N ARG B 127 -32.47 -8.57 -12.39
CA ARG B 127 -32.07 -8.90 -11.03
C ARG B 127 -33.31 -8.75 -10.19
N PHE B 128 -33.54 -9.68 -9.26
CA PHE B 128 -34.67 -9.61 -8.35
C PHE B 128 -34.20 -9.74 -6.91
N MET B 129 -34.97 -9.17 -6.01
CA MET B 129 -34.70 -9.19 -4.59
C MET B 129 -36.02 -9.37 -3.88
N ILE B 130 -36.02 -10.23 -2.85
CA ILE B 130 -37.16 -10.52 -2.00
C ILE B 130 -36.94 -9.82 -0.69
N MET B 131 -37.94 -9.11 -0.26
CA MET B 131 -37.84 -8.41 1.01
C MET B 131 -39.23 -8.36 1.65
N ASP B 132 -39.30 -7.93 2.89
CA ASP B 132 -40.53 -7.77 3.66
C ASP B 132 -41.53 -6.90 2.90
N ARG B 133 -42.82 -7.19 3.03
CA ARG B 133 -43.86 -6.38 2.43
C ARG B 133 -44.36 -5.42 3.49
N PHE B 134 -44.62 -4.17 3.11
CA PHE B 134 -45.09 -3.19 4.07
C PHE B 134 -46.45 -2.62 3.67
N GLY B 135 -47.06 -1.91 4.62
CA GLY B 135 -48.29 -1.19 4.42
C GLY B 135 -48.06 0.20 3.86
N SER B 136 -48.88 1.14 4.30
CA SER B 136 -48.84 2.51 3.79
C SER B 136 -47.53 3.26 4.12
N ASP B 137 -47.18 4.20 3.23
CA ASP B 137 -46.10 5.12 3.47
C ASP B 137 -46.64 6.20 4.41
N LEU B 138 -45.75 6.81 5.19
CA LEU B 138 -46.10 7.82 6.17
C LEU B 138 -46.57 9.13 5.54
N GLN B 139 -46.13 9.43 4.29
CA GLN B 139 -46.50 10.65 3.55
C GLN B 139 -48.02 10.70 3.28
N LYS B 140 -48.61 9.54 2.89
CA LYS B 140 -50.04 9.38 2.61
C LYS B 140 -50.84 9.68 3.86
N ILE B 141 -50.42 9.09 5.00
CA ILE B 141 -51.06 9.29 6.32
C ILE B 141 -50.94 10.76 6.75
N TYR B 142 -49.75 11.36 6.49
CA TYR B 142 -49.45 12.75 6.80
C TYR B 142 -50.38 13.69 6.02
N GLU B 143 -50.53 13.48 4.71
CA GLU B 143 -51.44 14.28 3.86
C GLU B 143 -52.90 14.16 4.31
N ALA B 144 -53.33 12.94 4.68
CA ALA B 144 -54.68 12.65 5.18
C ALA B 144 -54.94 13.31 6.55
N ASN B 145 -53.88 13.58 7.32
CA ASN B 145 -54.00 14.25 8.61
C ASN B 145 -53.75 15.78 8.48
N ALA B 146 -53.97 16.32 7.27
CA ALA B 146 -53.84 17.73 6.85
C ALA B 146 -52.42 18.29 7.06
N LYS B 147 -51.40 17.46 6.72
CA LYS B 147 -49.96 17.79 6.80
C LYS B 147 -49.50 18.18 8.20
N ARG B 148 -49.93 17.41 9.19
CA ARG B 148 -49.52 17.60 10.58
C ARG B 148 -49.42 16.23 11.24
N PHE B 149 -48.51 16.09 12.18
CA PHE B 149 -48.41 14.93 13.05
C PHE B 149 -48.32 15.50 14.44
N SER B 150 -48.97 14.88 15.43
CA SER B 150 -48.93 15.36 16.81
C SER B 150 -47.51 15.24 17.39
N ARG B 151 -47.25 15.90 18.52
CA ARG B 151 -45.96 15.85 19.23
C ARG B 151 -45.63 14.42 19.68
N LYS B 152 -46.67 13.67 20.16
CA LYS B 152 -46.59 12.26 20.57
C LYS B 152 -46.12 11.39 19.40
N THR B 153 -46.76 11.52 18.21
CA THR B 153 -46.44 10.80 16.97
C THR B 153 -44.99 11.06 16.55
N VAL B 154 -44.61 12.36 16.44
CA VAL B 154 -43.28 12.78 16.00
C VAL B 154 -42.22 12.23 16.95
N LEU B 155 -42.43 12.29 18.27
CA LEU B 155 -41.44 11.77 19.19
C LEU B 155 -41.31 10.23 19.13
N GLN B 156 -42.44 9.53 18.97
CA GLN B 156 -42.47 8.06 18.84
C GLN B 156 -41.82 7.59 17.53
N LEU B 157 -42.07 8.30 16.42
CA LEU B 157 -41.48 7.97 15.12
C LEU B 157 -39.96 8.18 15.20
N SER B 158 -39.54 9.34 15.76
CA SER B 158 -38.15 9.75 15.88
C SER B 158 -37.32 8.83 16.75
N LEU B 159 -37.89 8.32 17.87
CA LEU B 159 -37.18 7.36 18.71
C LEU B 159 -36.83 6.10 17.92
N ARG B 160 -37.77 5.62 17.09
CA ARG B 160 -37.59 4.41 16.29
C ARG B 160 -36.67 4.65 15.08
N ILE B 161 -36.70 5.88 14.51
CA ILE B 161 -35.80 6.23 13.42
C ILE B 161 -34.38 6.30 13.98
N LEU B 162 -34.20 6.74 15.24
CA LEU B 162 -32.87 6.76 15.84
C LEU B 162 -32.32 5.34 16.06
N ASP B 163 -33.21 4.37 16.39
CA ASP B 163 -32.78 2.96 16.53
C ASP B 163 -32.30 2.44 15.15
N ILE B 164 -33.07 2.72 14.09
CA ILE B 164 -32.75 2.33 12.69
C ILE B 164 -31.41 2.96 12.29
N LEU B 165 -31.26 4.29 12.55
CA LEU B 165 -30.02 4.99 12.18
C LEU B 165 -28.85 4.46 12.95
N GLU B 166 -28.99 4.25 14.26
CA GLU B 166 -27.87 3.67 15.03
C GLU B 166 -27.47 2.32 14.40
N TYR B 167 -28.45 1.49 14.05
CA TYR B 167 -28.21 0.22 13.43
C TYR B 167 -27.49 0.33 12.11
N ILE B 168 -28.02 1.10 11.15
CA ILE B 168 -27.37 1.15 9.86
C ILE B 168 -26.00 1.79 9.98
N HIS B 169 -25.87 2.84 10.83
CA HIS B 169 -24.56 3.49 11.00
C HIS B 169 -23.52 2.52 11.57
N GLU B 170 -23.94 1.67 12.49
CA GLU B 170 -23.05 0.67 13.11
C GLU B 170 -22.68 -0.44 12.11
N HIS B 171 -23.43 -0.56 11.00
CA HIS B 171 -23.19 -1.50 9.92
C HIS B 171 -22.67 -0.83 8.66
N GLU B 172 -21.96 0.27 8.87
CA GLU B 172 -21.16 1.05 7.93
C GLU B 172 -21.92 1.83 6.90
N TYR B 173 -23.22 2.04 7.07
CA TYR B 173 -24.00 2.78 6.06
C TYR B 173 -24.72 4.00 6.59
N VAL B 174 -24.95 4.98 5.72
CA VAL B 174 -25.84 6.12 6.01
C VAL B 174 -26.95 6.07 4.95
N HIS B 175 -28.15 6.53 5.31
CA HIS B 175 -29.29 6.51 4.39
C HIS B 175 -29.29 7.74 3.45
N GLY B 176 -29.17 8.94 4.03
CA GLY B 176 -29.12 10.19 3.30
C GLY B 176 -30.42 10.71 2.71
N ASP B 177 -31.53 9.97 2.89
CA ASP B 177 -32.81 10.39 2.29
C ASP B 177 -34.00 10.04 3.15
N ILE B 178 -33.89 10.29 4.45
CA ILE B 178 -34.97 10.05 5.40
C ILE B 178 -36.09 11.06 5.09
N LYS B 179 -37.31 10.55 4.90
CA LYS B 179 -38.52 11.34 4.64
C LYS B 179 -39.73 10.44 4.77
N ALA B 180 -40.92 11.04 4.97
CA ALA B 180 -42.17 10.31 5.19
C ALA B 180 -42.48 9.33 4.07
N SER B 181 -42.13 9.64 2.82
CA SER B 181 -42.36 8.72 1.70
C SER B 181 -41.44 7.47 1.71
N ASN B 182 -40.35 7.48 2.52
CA ASN B 182 -39.43 6.34 2.70
C ASN B 182 -39.62 5.68 4.07
N LEU B 183 -40.72 6.00 4.74
CA LEU B 183 -41.05 5.37 6.01
C LEU B 183 -42.36 4.64 5.77
N LEU B 184 -42.36 3.30 5.91
CA LEU B 184 -43.53 2.47 5.66
C LEU B 184 -43.98 1.75 6.89
N LEU B 185 -45.29 1.55 7.04
CA LEU B 185 -45.79 0.84 8.22
C LEU B 185 -45.76 -0.65 8.03
N ASN B 186 -45.53 -1.38 9.14
CA ASN B 186 -45.60 -2.84 9.16
C ASN B 186 -47.04 -3.19 8.70
N TYR B 187 -47.16 -4.05 7.67
CA TYR B 187 -48.43 -4.43 7.06
C TYR B 187 -49.50 -4.95 8.05
N LYS B 188 -49.05 -5.60 9.15
CA LYS B 188 -49.88 -6.17 10.20
C LYS B 188 -49.88 -5.36 11.51
N ASN B 189 -48.97 -4.37 11.69
CA ASN B 189 -48.89 -3.60 12.93
C ASN B 189 -48.67 -2.10 12.66
N PRO B 190 -49.70 -1.27 12.87
CA PRO B 190 -49.57 0.17 12.56
C PRO B 190 -48.66 0.98 13.49
N ASP B 191 -48.11 0.35 14.54
CA ASP B 191 -47.21 1.00 15.49
C ASP B 191 -45.74 0.76 15.16
N GLN B 192 -45.45 0.03 14.06
CA GLN B 192 -44.09 -0.26 13.65
C GLN B 192 -43.77 0.38 12.32
N VAL B 193 -42.85 1.36 12.35
CA VAL B 193 -42.40 2.06 11.14
C VAL B 193 -41.02 1.53 10.69
N TYR B 194 -40.86 1.35 9.37
CA TYR B 194 -39.65 0.86 8.72
C TYR B 194 -39.12 1.88 7.71
N LEU B 195 -37.80 2.02 7.67
CA LEU B 195 -37.13 2.89 6.71
C LEU B 195 -36.72 2.08 5.53
N VAL B 196 -37.20 2.48 4.35
CA VAL B 196 -36.88 1.77 3.11
C VAL B 196 -36.07 2.67 2.19
N ASP B 197 -35.70 2.11 1.04
CA ASP B 197 -34.99 2.73 -0.09
C ASP B 197 -33.53 2.95 0.20
N TYR B 198 -32.72 1.95 -0.18
CA TYR B 198 -31.28 2.01 0.05
C TYR B 198 -30.58 2.03 -1.28
N GLY B 199 -31.33 2.35 -2.35
CA GLY B 199 -30.83 2.45 -3.72
C GLY B 199 -29.69 3.45 -3.83
N LEU B 200 -29.79 4.51 -3.04
CA LEU B 200 -28.75 5.52 -3.00
C LEU B 200 -28.10 5.62 -1.60
N ALA B 201 -28.15 4.52 -0.79
CA ALA B 201 -27.50 4.51 0.53
C ALA B 201 -25.98 4.57 0.31
N TYR B 202 -25.24 4.98 1.35
CA TYR B 202 -23.83 5.19 1.18
C TYR B 202 -23.04 4.52 2.27
N ARG B 203 -22.04 3.75 1.87
CA ARG B 203 -21.19 3.03 2.79
C ARG B 203 -20.06 3.99 3.18
N TYR B 204 -20.29 4.78 4.24
CA TYR B 204 -19.37 5.82 4.73
C TYR B 204 -18.12 5.28 5.45
N CYS B 205 -18.17 4.04 5.95
CA CYS B 205 -17.13 3.47 6.79
C CYS B 205 -16.74 2.07 6.31
N PRO B 206 -16.37 1.84 5.02
CA PRO B 206 -16.06 0.45 4.59
C PRO B 206 -14.85 -0.09 5.31
N GLU B 207 -15.06 -1.23 6.01
CA GLU B 207 -14.06 -1.94 6.82
C GLU B 207 -13.60 -1.08 8.02
N GLY B 208 -14.49 -0.23 8.56
CA GLY B 208 -14.20 0.63 9.70
C GLY B 208 -13.30 1.82 9.41
N VAL B 209 -13.09 2.16 8.13
CA VAL B 209 -12.29 3.30 7.67
C VAL B 209 -13.27 4.41 7.20
N HIS B 210 -13.40 5.49 7.98
CA HIS B 210 -14.33 6.61 7.68
C HIS B 210 -13.88 7.35 6.44
N LYS B 211 -14.81 7.56 5.49
CA LYS B 211 -14.54 8.34 4.27
C LYS B 211 -14.14 9.78 4.64
N ALA B 212 -13.25 10.38 3.84
CA ALA B 212 -12.71 11.73 4.06
C ALA B 212 -13.76 12.82 3.77
N TYR B 213 -13.59 14.01 4.38
CA TYR B 213 -14.48 15.17 4.14
C TYR B 213 -14.25 15.67 2.71
N ALA B 214 -14.96 15.07 1.73
CA ALA B 214 -14.87 15.35 0.28
C ALA B 214 -15.99 14.65 -0.50
N ALA B 215 -16.11 14.99 -1.80
CA ALA B 215 -17.07 14.38 -2.72
C ALA B 215 -16.71 12.92 -3.03
N ASP B 216 -17.71 12.04 -3.18
CA ASP B 216 -17.46 10.66 -3.58
C ASP B 216 -17.55 10.66 -5.11
N PRO B 217 -16.49 10.27 -5.84
CA PRO B 217 -16.55 10.34 -7.32
C PRO B 217 -17.62 9.46 -7.97
N LYS B 218 -17.80 8.22 -7.46
CA LYS B 218 -18.79 7.25 -7.94
C LYS B 218 -20.23 7.78 -7.76
N ARG B 219 -20.58 8.11 -6.50
CA ARG B 219 -21.86 8.67 -6.06
C ARG B 219 -22.09 10.08 -6.63
N CYS B 220 -23.35 10.41 -6.94
CA CYS B 220 -23.76 11.72 -7.43
C CYS B 220 -25.11 12.15 -6.86
N HIS B 221 -25.54 11.51 -5.73
CA HIS B 221 -26.81 11.82 -5.07
C HIS B 221 -26.67 12.81 -3.93
N ASP B 222 -27.62 13.76 -3.89
CA ASP B 222 -27.68 14.86 -2.94
C ASP B 222 -28.90 14.81 -1.98
N GLY B 223 -29.68 13.71 -2.01
CA GLY B 223 -30.87 13.53 -1.17
C GLY B 223 -32.08 14.27 -1.71
N THR B 224 -33.03 14.65 -0.84
CA THR B 224 -34.21 15.43 -1.23
C THR B 224 -33.91 16.86 -0.74
N ILE B 225 -33.91 17.85 -1.65
CA ILE B 225 -33.48 19.23 -1.41
C ILE B 225 -33.98 19.84 -0.08
N GLU B 226 -35.28 19.77 0.21
CA GLU B 226 -35.79 20.40 1.44
C GLU B 226 -35.29 19.80 2.75
N PHE B 227 -34.94 18.49 2.76
CA PHE B 227 -34.52 17.82 3.99
C PHE B 227 -33.08 17.48 4.02
N THR B 228 -32.36 17.61 2.89
CA THR B 228 -30.98 17.15 2.87
C THR B 228 -30.06 17.92 3.81
N SER B 229 -28.89 17.32 4.12
CA SER B 229 -27.92 17.89 5.06
C SER B 229 -27.09 19.02 4.44
N ILE B 230 -26.54 19.89 5.29
CA ILE B 230 -25.64 20.97 4.86
C ILE B 230 -24.43 20.33 4.16
N ASP B 231 -23.89 19.21 4.72
CA ASP B 231 -22.77 18.46 4.10
C ASP B 231 -23.15 18.09 2.67
N ALA B 232 -24.35 17.55 2.45
CA ALA B 232 -24.82 17.18 1.07
C ALA B 232 -24.90 18.43 0.17
N HIS B 233 -25.41 19.56 0.72
CA HIS B 233 -25.46 20.82 -0.04
C HIS B 233 -24.05 21.30 -0.41
N ASN B 234 -23.05 21.00 0.44
CA ASN B 234 -21.68 21.40 0.22
C ASN B 234 -20.94 20.47 -0.75
N GLY B 235 -21.65 19.51 -1.31
CA GLY B 235 -21.08 18.57 -2.28
C GLY B 235 -20.14 17.54 -1.71
N VAL B 236 -20.31 17.18 -0.41
CA VAL B 236 -19.48 16.14 0.21
C VAL B 236 -20.33 14.89 0.43
N ALA B 237 -19.67 13.73 0.57
CA ALA B 237 -20.32 12.43 0.79
C ALA B 237 -21.10 12.54 2.11
N PRO B 238 -22.29 11.91 2.20
CA PRO B 238 -23.07 12.01 3.46
C PRO B 238 -22.43 11.20 4.59
N SER B 239 -22.60 11.65 5.83
CA SER B 239 -22.09 10.92 7.00
C SER B 239 -23.19 10.83 8.06
N ARG B 240 -22.86 10.29 9.24
CA ARG B 240 -23.82 10.08 10.32
C ARG B 240 -24.50 11.35 10.81
N ARG B 241 -23.74 12.46 11.06
CA ARG B 241 -24.37 13.72 11.51
C ARG B 241 -25.45 14.19 10.49
N GLY B 242 -25.17 14.00 9.20
CA GLY B 242 -26.08 14.34 8.10
C GLY B 242 -27.43 13.63 8.24
N ASP B 243 -27.45 12.31 8.54
CA ASP B 243 -28.72 11.58 8.74
C ASP B 243 -29.51 12.14 9.94
N LEU B 244 -28.81 12.53 10.99
CA LEU B 244 -29.47 13.08 12.17
C LEU B 244 -30.03 14.48 11.86
N GLU B 245 -29.33 15.24 11.04
CA GLU B 245 -29.77 16.57 10.62
C GLU B 245 -31.03 16.44 9.79
N ILE B 246 -31.05 15.51 8.82
CA ILE B 246 -32.23 15.23 8.01
C ILE B 246 -33.44 14.91 8.88
N LEU B 247 -33.28 14.04 9.88
CA LEU B 247 -34.37 13.70 10.80
C LEU B 247 -34.89 14.98 11.50
N GLY B 248 -33.96 15.86 11.87
CA GLY B 248 -34.24 17.14 12.52
C GLY B 248 -35.20 17.95 11.70
N TYR B 249 -34.95 18.07 10.37
CA TYR B 249 -35.85 18.80 9.45
C TYR B 249 -37.16 18.08 9.26
N CYS B 250 -37.16 16.73 9.23
CA CYS B 250 -38.40 15.95 9.14
C CYS B 250 -39.32 16.25 10.33
N MET B 251 -38.76 16.28 11.56
CA MET B 251 -39.48 16.52 12.81
C MET B 251 -40.20 17.87 12.77
N ILE B 252 -39.53 18.92 12.27
CA ILE B 252 -40.13 20.25 12.11
C ILE B 252 -41.26 20.20 11.05
N GLN B 253 -40.98 19.65 9.86
CA GLN B 253 -41.97 19.52 8.80
C GLN B 253 -43.25 18.80 9.30
N TRP B 254 -43.07 17.67 10.02
CA TRP B 254 -44.18 16.85 10.52
C TRP B 254 -45.05 17.62 11.52
N LEU B 255 -44.43 18.31 12.46
CA LEU B 255 -45.09 19.08 13.51
C LEU B 255 -45.81 20.32 13.01
N THR B 256 -45.16 21.10 12.13
CA THR B 256 -45.68 22.39 11.66
C THR B 256 -46.32 22.42 10.27
N GLY B 257 -46.00 21.45 9.40
CA GLY B 257 -46.48 21.44 8.02
C GLY B 257 -45.61 22.17 7.04
N HIS B 258 -44.49 22.79 7.50
CA HIS B 258 -43.61 23.57 6.61
C HIS B 258 -42.19 23.57 7.09
N LEU B 259 -41.34 24.16 6.26
CA LEU B 259 -39.95 24.45 6.55
C LEU B 259 -39.72 25.84 6.00
N PRO B 260 -38.84 26.65 6.60
CA PRO B 260 -38.70 28.05 6.13
C PRO B 260 -38.22 28.25 4.70
N TRP B 261 -37.52 27.26 4.14
CA TRP B 261 -36.93 27.37 2.82
C TRP B 261 -37.77 26.73 1.71
N GLU B 262 -38.98 26.22 2.02
CA GLU B 262 -39.87 25.54 1.07
C GLU B 262 -40.35 26.41 -0.10
N ASP B 263 -40.28 27.74 0.07
CA ASP B 263 -40.71 28.72 -0.92
C ASP B 263 -39.79 28.80 -2.13
N ASN B 264 -38.52 28.36 -1.99
CA ASN B 264 -37.63 28.42 -3.13
C ASN B 264 -36.71 27.18 -3.19
N LEU B 265 -37.33 26.02 -3.42
CA LEU B 265 -36.60 24.74 -3.55
C LEU B 265 -35.87 24.66 -4.89
N LYS B 266 -36.27 25.52 -5.83
CA LYS B 266 -35.63 25.66 -7.14
C LYS B 266 -34.31 26.43 -7.01
N ASP B 267 -34.04 27.07 -5.83
CA ASP B 267 -32.78 27.79 -5.58
C ASP B 267 -31.95 27.07 -4.49
N PRO B 268 -31.13 26.06 -4.86
CA PRO B 268 -30.37 25.33 -3.84
C PRO B 268 -29.39 26.15 -3.00
N LYS B 269 -28.72 27.21 -3.53
CA LYS B 269 -27.82 28.02 -2.67
C LYS B 269 -28.60 28.75 -1.55
N TYR B 270 -29.87 29.06 -1.79
CA TYR B 270 -30.79 29.71 -0.83
C TYR B 270 -31.16 28.70 0.28
N VAL B 271 -31.51 27.45 -0.11
CA VAL B 271 -31.86 26.37 0.81
C VAL B 271 -30.63 26.12 1.72
N ARG B 272 -29.43 26.01 1.17
CA ARG B 272 -28.23 25.78 1.97
C ARG B 272 -27.98 26.98 2.91
N ASP B 273 -28.09 28.22 2.37
CA ASP B 273 -27.91 29.46 3.14
C ASP B 273 -28.82 29.46 4.32
N SER B 274 -30.14 29.21 4.14
CA SER B 274 -31.09 29.23 5.27
C SER B 274 -30.72 28.16 6.31
N LYS B 275 -30.39 26.94 5.85
CA LYS B 275 -29.98 25.86 6.77
C LYS B 275 -28.75 26.23 7.59
N ILE B 276 -27.77 26.89 6.97
CA ILE B 276 -26.55 27.29 7.67
C ILE B 276 -26.89 28.35 8.75
N ARG B 277 -27.69 29.35 8.37
CA ARG B 277 -28.13 30.44 9.26
C ARG B 277 -28.95 29.90 10.42
N TYR B 278 -29.86 28.95 10.17
CA TYR B 278 -30.66 28.38 11.24
C TYR B 278 -29.89 27.38 12.12
N ARG B 279 -28.75 26.81 11.63
CA ARG B 279 -27.91 25.92 12.44
CA ARG B 279 -27.89 25.91 12.43
C ARG B 279 -27.08 26.82 13.36
N GLU B 280 -26.59 27.97 12.84
CA GLU B 280 -25.83 28.92 13.64
C GLU B 280 -26.75 29.56 14.70
N ASN B 281 -28.05 29.68 14.42
CA ASN B 281 -29.00 30.26 15.40
C ASN B 281 -30.30 29.45 15.46
N ILE B 282 -30.32 28.39 16.28
CA ILE B 282 -31.44 27.45 16.38
C ILE B 282 -32.64 28.14 17.05
N ALA B 283 -32.39 29.09 17.99
CA ALA B 283 -33.48 29.83 18.64
C ALA B 283 -34.30 30.57 17.57
N SER B 284 -33.66 31.16 16.55
CA SER B 284 -34.37 31.83 15.45
C SER B 284 -35.13 30.82 14.58
N LEU B 285 -34.64 29.56 14.52
CA LEU B 285 -35.35 28.54 13.75
C LEU B 285 -36.62 28.16 14.48
N MET B 286 -36.53 27.99 15.81
CA MET B 286 -37.71 27.68 16.64
C MET B 286 -38.77 28.81 16.54
N ASP B 287 -38.32 30.07 16.60
CA ASP B 287 -39.23 31.25 16.50
C ASP B 287 -39.84 31.39 15.12
N LYS B 288 -39.10 30.99 14.07
CA LYS B 288 -39.64 31.07 12.72
C LYS B 288 -40.67 29.96 12.49
N CYS B 289 -40.42 28.75 13.01
CA CYS B 289 -41.29 27.60 12.70
C CYS B 289 -42.49 27.41 13.58
N PHE B 290 -42.43 27.83 14.83
CA PHE B 290 -43.54 27.59 15.77
C PHE B 290 -44.09 28.91 16.33
N PRO B 291 -45.44 29.02 16.54
CA PRO B 291 -45.97 30.26 17.14
C PRO B 291 -45.51 30.34 18.59
N ALA B 292 -45.44 31.56 19.14
CA ALA B 292 -45.01 31.80 20.52
C ALA B 292 -45.59 30.76 21.49
N ALA B 293 -44.73 30.25 22.37
CA ALA B 293 -45.00 29.23 23.39
C ALA B 293 -45.28 27.80 22.83
N ASN B 294 -45.18 27.58 21.48
CA ASN B 294 -45.42 26.26 20.89
C ASN B 294 -44.17 25.49 20.54
N ALA B 295 -42.98 26.09 20.66
CA ALA B 295 -41.73 25.40 20.28
C ALA B 295 -41.36 24.28 21.26
N PRO B 296 -41.40 22.98 20.84
CA PRO B 296 -41.00 21.89 21.75
C PRO B 296 -39.52 21.99 22.08
N GLY B 297 -39.21 22.08 23.37
CA GLY B 297 -37.84 22.22 23.89
C GLY B 297 -36.85 21.15 23.43
N GLU B 298 -37.32 19.91 23.25
CA GLU B 298 -36.51 18.74 22.86
C GLU B 298 -35.99 18.85 21.41
N ILE B 299 -36.75 19.48 20.49
CA ILE B 299 -36.36 19.70 19.09
C ILE B 299 -35.12 20.58 19.03
N ALA B 300 -35.13 21.69 19.79
CA ALA B 300 -34.00 22.61 19.84
C ALA B 300 -32.80 21.94 20.47
N LYS B 301 -33.00 21.15 21.54
CA LYS B 301 -31.92 20.44 22.22
C LYS B 301 -31.32 19.37 21.29
N TYR B 302 -32.18 18.64 20.56
CA TYR B 302 -31.76 17.63 19.58
C TYR B 302 -30.85 18.29 18.54
N MET B 303 -31.29 19.43 17.95
CA MET B 303 -30.50 20.16 16.95
C MET B 303 -29.22 20.73 17.48
N GLU B 304 -29.22 21.21 18.75
CA GLU B 304 -27.96 21.70 19.34
C GLU B 304 -26.95 20.55 19.50
N THR B 305 -27.43 19.34 19.82
CA THR B 305 -26.54 18.17 19.98
C THR B 305 -25.96 17.78 18.65
N VAL B 306 -26.81 17.70 17.59
CA VAL B 306 -26.37 17.36 16.23
C VAL B 306 -25.36 18.38 15.73
N LYS B 307 -25.61 19.69 15.99
CA LYS B 307 -24.71 20.76 15.59
C LYS B 307 -23.29 20.57 16.17
N LEU B 308 -23.17 19.96 17.35
CA LEU B 308 -21.87 19.78 17.96
C LEU B 308 -21.09 18.58 17.39
N LEU B 309 -21.71 17.82 16.44
CA LEU B 309 -21.04 16.67 15.82
C LEU B 309 -20.08 17.08 14.70
N ASP B 310 -18.87 16.50 14.71
CA ASP B 310 -17.91 16.69 13.63
C ASP B 310 -18.29 15.71 12.51
N TYR B 311 -17.76 15.93 11.32
CA TYR B 311 -18.08 15.12 10.15
C TYR B 311 -17.92 13.60 10.38
N THR B 312 -16.80 13.21 11.02
CA THR B 312 -16.52 11.78 11.24
C THR B 312 -16.94 11.28 12.58
N GLU B 313 -17.53 12.14 13.41
CA GLU B 313 -17.85 11.78 14.78
C GLU B 313 -18.99 10.80 14.95
N LYS B 314 -18.83 9.86 15.91
CA LYS B 314 -19.85 8.89 16.24
C LYS B 314 -20.89 9.55 17.15
N PRO B 315 -22.16 9.60 16.72
CA PRO B 315 -23.20 10.18 17.56
C PRO B 315 -23.41 9.40 18.85
N LEU B 316 -23.89 10.09 19.89
CA LEU B 316 -24.28 9.49 21.15
C LEU B 316 -25.79 9.30 21.05
N TYR B 317 -26.21 8.19 20.40
CA TYR B 317 -27.62 7.89 20.10
C TYR B 317 -28.51 7.81 21.32
N GLU B 318 -28.01 7.22 22.43
CA GLU B 318 -28.81 7.10 23.65
C GLU B 318 -29.14 8.45 24.21
N ASN B 319 -28.17 9.37 24.14
CA ASN B 319 -28.33 10.76 24.59
C ASN B 319 -29.41 11.48 23.79
N LEU B 320 -29.43 11.28 22.45
CA LEU B 320 -30.43 11.87 21.58
C LEU B 320 -31.80 11.32 21.88
N ARG B 321 -31.90 9.99 22.09
CA ARG B 321 -33.18 9.37 22.44
C ARG B 321 -33.67 9.89 23.82
N ASP B 322 -32.75 10.15 24.78
CA ASP B 322 -33.09 10.70 26.11
C ASP B 322 -33.66 12.12 25.97
N ILE B 323 -33.09 12.91 25.05
CA ILE B 323 -33.59 14.25 24.71
C ILE B 323 -35.05 14.10 24.26
N LEU B 324 -35.36 13.12 23.39
CA LEU B 324 -36.76 12.97 22.94
C LEU B 324 -37.66 12.40 24.02
N LEU B 325 -37.10 11.59 24.97
CA LEU B 325 -37.86 11.02 26.10
C LEU B 325 -38.36 12.16 27.00
N GLN B 326 -37.50 13.16 27.28
CA GLN B 326 -37.88 14.33 28.12
C GLN B 326 -38.98 15.19 27.45
N GLY B 327 -39.21 14.96 26.15
CA GLY B 327 -40.27 15.58 25.37
C GLY B 327 -41.61 14.86 25.56
N LEU B 328 -41.57 13.51 25.72
CA LEU B 328 -42.78 12.72 25.96
C LEU B 328 -43.26 12.96 27.39
N LYS B 329 -42.28 13.16 28.31
CA LYS B 329 -42.49 13.51 29.72
C LYS B 329 -43.23 14.84 29.78
N ALA B 330 -42.74 15.86 29.03
CA ALA B 330 -43.31 17.20 28.93
C ALA B 330 -44.78 17.21 28.50
N ILE B 331 -45.27 16.14 27.81
CA ILE B 331 -46.68 16.03 27.39
C ILE B 331 -47.43 14.95 28.23
N GLY B 332 -46.83 14.57 29.36
CA GLY B 332 -47.38 13.60 30.29
C GLY B 332 -47.52 12.21 29.68
N SER B 333 -46.39 11.66 29.17
CA SER B 333 -46.39 10.35 28.54
C SER B 333 -45.07 9.63 28.76
N LYS B 334 -44.87 8.50 28.06
CA LYS B 334 -43.67 7.69 28.16
C LYS B 334 -43.41 6.99 26.82
N ASP B 335 -42.25 6.34 26.68
CA ASP B 335 -41.95 5.59 25.46
C ASP B 335 -42.69 4.25 25.57
N ASP B 336 -43.93 4.24 25.04
CA ASP B 336 -44.85 3.10 25.05
C ASP B 336 -45.07 2.49 23.65
N GLY B 337 -44.31 2.97 22.66
CA GLY B 337 -44.34 2.48 21.29
C GLY B 337 -45.61 2.76 20.50
N LYS B 338 -46.49 3.61 21.05
CA LYS B 338 -47.75 3.95 20.39
C LYS B 338 -47.53 5.13 19.43
N LEU B 339 -47.65 4.87 18.11
CA LEU B 339 -47.45 5.91 17.10
C LEU B 339 -48.58 6.91 17.06
N ASP B 340 -49.79 6.51 17.52
CA ASP B 340 -51.01 7.32 17.53
C ASP B 340 -51.37 7.81 16.12
N LEU B 341 -51.20 6.93 15.11
CA LEU B 341 -51.48 7.27 13.70
C LEU B 341 -52.95 7.11 13.29
N ALA C 24 21.02 -33.33 -12.23
CA ALA C 24 21.79 -34.19 -13.13
C ALA C 24 21.06 -35.49 -13.49
N VAL C 25 21.15 -35.90 -14.78
CA VAL C 25 20.51 -37.10 -15.33
C VAL C 25 20.91 -38.39 -14.64
N GLY C 26 19.92 -39.25 -14.39
CA GLY C 26 20.10 -40.55 -13.76
C GLY C 26 20.28 -40.61 -12.26
N GLU C 27 20.51 -39.44 -11.61
CA GLU C 27 20.75 -39.32 -10.17
C GLU C 27 19.64 -39.92 -9.30
N ILE C 28 20.02 -40.61 -8.20
CA ILE C 28 19.06 -41.21 -7.28
C ILE C 28 18.86 -40.30 -6.06
N ILE C 29 17.61 -39.83 -5.87
CA ILE C 29 17.19 -38.93 -4.78
C ILE C 29 16.23 -39.65 -3.82
N THR C 30 16.37 -39.41 -2.50
CA THR C 30 15.52 -40.05 -1.51
C THR C 30 14.62 -39.02 -0.77
N ASP C 31 13.32 -39.34 -0.65
CA ASP C 31 12.33 -38.49 0.00
C ASP C 31 12.26 -38.75 1.53
N MET C 32 11.41 -37.96 2.25
CA MET C 32 11.21 -38.05 3.71
C MET C 32 10.70 -39.42 4.17
N ALA C 33 9.91 -40.09 3.32
CA ALA C 33 9.32 -41.40 3.59
C ALA C 33 10.26 -42.54 3.14
N ALA C 34 11.59 -42.25 3.14
CA ALA C 34 12.70 -43.15 2.77
C ALA C 34 12.67 -43.67 1.32
N ALA C 35 11.55 -43.48 0.58
CA ALA C 35 11.37 -43.93 -0.81
C ALA C 35 12.41 -43.34 -1.78
N ALA C 36 12.97 -44.19 -2.64
CA ALA C 36 14.00 -43.80 -3.62
C ALA C 36 13.38 -43.43 -4.98
N TRP C 37 13.94 -42.39 -5.61
CA TRP C 37 13.49 -41.88 -6.90
C TRP C 37 14.66 -41.68 -7.82
N LYS C 38 14.49 -42.03 -9.12
CA LYS C 38 15.51 -41.89 -10.15
C LYS C 38 15.17 -40.76 -11.10
N VAL C 39 16.07 -39.78 -11.18
CA VAL C 39 15.93 -38.60 -12.04
C VAL C 39 16.07 -38.96 -13.54
N GLY C 40 15.25 -38.32 -14.37
CA GLY C 40 15.24 -38.47 -15.81
C GLY C 40 15.74 -37.20 -16.48
N LEU C 41 15.22 -36.90 -17.69
CA LEU C 41 15.60 -35.73 -18.47
C LEU C 41 14.76 -34.48 -18.13
N PRO C 42 15.29 -33.24 -18.27
CA PRO C 42 14.48 -32.05 -17.96
C PRO C 42 13.53 -31.66 -19.09
N GLY C 49 15.24 -23.30 -9.54
CA GLY C 49 13.96 -23.86 -9.95
C GLY C 49 14.02 -24.57 -11.29
N CYS C 50 14.03 -25.91 -11.28
CA CYS C 50 14.09 -26.75 -12.49
C CYS C 50 13.29 -28.05 -12.34
N ILE C 51 12.60 -28.46 -13.43
CA ILE C 51 11.75 -29.67 -13.46
C ILE C 51 12.32 -30.75 -14.38
N TYR C 52 12.49 -31.95 -13.82
CA TYR C 52 13.02 -33.13 -14.50
C TYR C 52 11.99 -34.23 -14.48
N LEU C 53 12.16 -35.25 -15.33
CA LEU C 53 11.28 -36.42 -15.32
C LEU C 53 11.72 -37.29 -14.15
N ALA C 54 10.81 -38.14 -13.62
CA ALA C 54 11.13 -38.99 -12.47
C ALA C 54 10.25 -40.23 -12.36
N ASP C 55 10.78 -41.27 -11.69
CA ASP C 55 10.14 -42.54 -11.38
C ASP C 55 10.96 -43.30 -10.32
N MET C 56 10.33 -44.20 -9.57
CA MET C 56 10.95 -45.05 -8.53
C MET C 56 12.03 -45.99 -9.13
N ASN C 57 12.91 -46.56 -8.27
CA ASN C 57 14.03 -47.47 -8.60
C ASN C 57 13.79 -48.43 -9.78
N GLY C 63 11.90 -45.66 -18.71
CA GLY C 63 11.93 -44.34 -18.09
C GLY C 63 12.04 -43.19 -19.08
N SER C 64 11.25 -43.25 -20.18
CA SER C 64 11.21 -42.24 -21.24
C SER C 64 9.91 -41.44 -21.18
N ASP C 65 8.78 -42.13 -20.91
CA ASP C 65 7.46 -41.53 -20.75
C ASP C 65 7.04 -41.65 -19.25
N ALA C 66 7.98 -41.25 -18.35
CA ALA C 66 7.90 -41.25 -16.88
C ALA C 66 6.54 -40.78 -16.31
N PRO C 67 5.97 -41.49 -15.30
CA PRO C 67 4.67 -41.08 -14.75
C PRO C 67 4.72 -39.97 -13.69
N CYS C 68 5.94 -39.52 -13.33
CA CYS C 68 6.18 -38.46 -12.35
C CYS C 68 7.17 -37.43 -12.87
N VAL C 69 7.24 -36.27 -12.19
CA VAL C 69 8.22 -35.21 -12.44
C VAL C 69 8.78 -34.78 -11.08
N VAL C 70 9.97 -34.19 -11.08
CA VAL C 70 10.57 -33.69 -9.85
C VAL C 70 10.92 -32.21 -9.97
N LYS C 71 10.28 -31.38 -9.12
CA LYS C 71 10.57 -29.95 -9.08
C LYS C 71 11.69 -29.80 -8.08
N VAL C 72 12.75 -29.08 -8.46
CA VAL C 72 13.93 -28.88 -7.61
C VAL C 72 14.20 -27.37 -7.48
N GLU C 73 14.66 -26.95 -6.31
CA GLU C 73 14.97 -25.57 -5.98
C GLU C 73 16.09 -25.55 -4.92
N PRO C 74 17.06 -24.60 -4.97
CA PRO C 74 18.05 -24.54 -3.88
C PRO C 74 17.33 -24.14 -2.59
N SER C 75 17.68 -24.76 -1.44
CA SER C 75 17.00 -24.49 -0.16
C SER C 75 16.97 -23.00 0.23
N ASP C 76 15.93 -22.61 1.01
CA ASP C 76 15.62 -21.25 1.47
C ASP C 76 15.06 -20.32 0.37
N ASN C 77 14.85 -20.88 -0.85
CA ASN C 77 14.28 -20.12 -1.96
C ASN C 77 12.75 -19.93 -1.77
N GLY C 78 12.16 -19.10 -2.61
CA GLY C 78 10.77 -18.69 -2.51
C GLY C 78 9.66 -19.66 -2.85
N PRO C 79 9.38 -19.88 -4.16
CA PRO C 79 8.17 -20.61 -4.56
C PRO C 79 8.00 -22.05 -4.07
N LEU C 80 8.97 -22.97 -4.34
CA LEU C 80 8.81 -24.38 -3.96
C LEU C 80 8.50 -24.60 -2.48
N PHE C 81 9.05 -23.77 -1.58
CA PHE C 81 8.78 -23.90 -0.15
C PHE C 81 7.31 -23.61 0.15
N THR C 82 6.73 -22.59 -0.53
CA THR C 82 5.33 -22.20 -0.40
C THR C 82 4.44 -23.26 -1.03
N GLU C 83 4.78 -23.69 -2.23
CA GLU C 83 4.08 -24.73 -2.95
C GLU C 83 3.99 -26.04 -2.17
N LEU C 84 5.07 -26.40 -1.44
CA LEU C 84 5.09 -27.60 -0.63
C LEU C 84 4.13 -27.52 0.53
N LYS C 85 3.99 -26.33 1.15
CA LYS C 85 3.05 -26.11 2.26
C LYS C 85 1.65 -26.42 1.77
N PHE C 86 1.30 -25.93 0.56
CA PHE C 86 0.01 -26.23 -0.04
C PHE C 86 -0.15 -27.75 -0.25
N TYR C 87 0.78 -28.36 -0.99
CA TYR C 87 0.72 -29.77 -1.37
C TYR C 87 0.66 -30.74 -0.19
N GLN C 88 1.44 -30.49 0.87
CA GLN C 88 1.43 -31.35 2.06
C GLN C 88 0.16 -31.22 2.89
N ARG C 89 -0.36 -29.99 3.04
CA ARG C 89 -1.58 -29.74 3.82
C ARG C 89 -2.88 -30.13 3.09
N ALA C 90 -2.96 -29.91 1.75
CA ALA C 90 -4.24 -30.06 1.05
C ALA C 90 -4.29 -30.99 -0.14
N ALA C 91 -3.15 -31.50 -0.61
CA ALA C 91 -3.17 -32.34 -1.81
C ALA C 91 -2.70 -33.77 -1.59
N LYS C 92 -2.82 -34.28 -0.34
CA LYS C 92 -2.47 -35.67 -0.04
C LYS C 92 -3.39 -36.58 -0.87
N PRO C 93 -2.89 -37.68 -1.49
CA PRO C 93 -3.74 -38.51 -2.37
C PRO C 93 -5.07 -38.99 -1.77
N GLU C 94 -5.08 -39.23 -0.46
CA GLU C 94 -6.25 -39.68 0.30
C GLU C 94 -7.33 -38.59 0.42
N GLN C 95 -6.92 -37.32 0.63
CA GLN C 95 -7.82 -36.15 0.72
C GLN C 95 -8.55 -35.97 -0.61
N ILE C 96 -7.78 -36.08 -1.73
CA ILE C 96 -8.29 -35.93 -3.08
C ILE C 96 -9.24 -37.07 -3.44
N GLN C 97 -8.83 -38.33 -3.19
CA GLN C 97 -9.67 -39.48 -3.52
C GLN C 97 -10.99 -39.47 -2.76
N LYS C 98 -10.96 -39.10 -1.48
CA LYS C 98 -12.15 -38.95 -0.62
C LYS C 98 -13.10 -37.88 -1.27
N TRP C 99 -12.53 -36.74 -1.71
CA TRP C 99 -13.33 -35.68 -2.31
C TRP C 99 -14.01 -36.14 -3.58
N ILE C 100 -13.25 -36.78 -4.49
CA ILE C 100 -13.77 -37.31 -5.77
C ILE C 100 -14.96 -38.27 -5.50
N ARG C 101 -14.77 -39.20 -4.53
CA ARG C 101 -15.74 -40.18 -4.06
C ARG C 101 -17.01 -39.49 -3.52
N THR C 102 -16.86 -38.62 -2.50
CA THR C 102 -18.00 -37.94 -1.84
C THR C 102 -18.72 -36.95 -2.77
N ARG C 103 -18.01 -36.30 -3.71
CA ARG C 103 -18.65 -35.35 -4.62
C ARG C 103 -19.07 -35.98 -5.96
N LYS C 104 -18.82 -37.31 -6.14
CA LYS C 104 -19.15 -38.10 -7.34
C LYS C 104 -18.62 -37.42 -8.59
N LEU C 105 -17.30 -37.20 -8.61
CA LEU C 105 -16.67 -36.55 -9.74
C LEU C 105 -16.02 -37.62 -10.60
N LYS C 106 -15.84 -37.34 -11.90
CA LYS C 106 -15.12 -38.26 -12.78
C LYS C 106 -13.64 -38.16 -12.39
N TYR C 107 -13.19 -36.95 -11.97
CA TYR C 107 -11.81 -36.73 -11.51
C TYR C 107 -11.73 -35.35 -10.80
N LEU C 108 -10.57 -35.00 -10.26
CA LEU C 108 -10.35 -33.67 -9.68
C LEU C 108 -8.99 -33.14 -10.17
N GLY C 109 -9.03 -32.00 -10.87
CA GLY C 109 -7.83 -31.37 -11.43
C GLY C 109 -6.84 -30.72 -10.48
N VAL C 110 -6.61 -31.37 -9.31
CA VAL C 110 -5.62 -30.97 -8.32
C VAL C 110 -4.52 -32.04 -8.36
N PRO C 111 -3.24 -31.69 -8.67
CA PRO C 111 -2.20 -32.72 -8.75
C PRO C 111 -1.93 -33.33 -7.37
N LYS C 112 -1.74 -34.63 -7.32
CA LYS C 112 -1.48 -35.29 -6.04
C LYS C 112 -0.01 -35.13 -5.65
N TYR C 113 0.23 -34.99 -4.35
CA TYR C 113 1.58 -34.88 -3.77
C TYR C 113 2.08 -36.32 -3.55
N TRP C 114 3.27 -36.66 -4.05
CA TRP C 114 3.81 -38.01 -3.90
C TRP C 114 5.05 -38.11 -3.00
N GLY C 115 5.57 -36.97 -2.55
CA GLY C 115 6.73 -36.93 -1.66
C GLY C 115 7.67 -35.77 -1.91
N SER C 116 8.57 -35.52 -0.95
CA SER C 116 9.56 -34.43 -1.05
C SER C 116 10.74 -34.68 -0.13
N GLY C 117 11.74 -33.82 -0.23
CA GLY C 117 12.91 -33.89 0.64
C GLY C 117 14.01 -32.93 0.28
N LEU C 118 15.21 -33.23 0.78
CA LEU C 118 16.43 -32.49 0.51
C LEU C 118 17.44 -33.43 -0.14
N HIS C 119 18.22 -32.90 -1.07
CA HIS C 119 19.27 -33.66 -1.76
C HIS C 119 20.52 -32.82 -1.86
N ASP C 120 21.64 -33.36 -1.36
CA ASP C 120 22.93 -32.67 -1.41
C ASP C 120 23.70 -33.04 -2.68
N LYS C 121 23.92 -32.03 -3.54
CA LYS C 121 24.67 -32.15 -4.79
C LYS C 121 25.78 -31.10 -4.75
N ASN C 122 27.06 -31.58 -4.69
CA ASN C 122 28.28 -30.79 -4.57
C ASN C 122 28.31 -30.07 -3.20
N GLY C 123 28.27 -28.75 -3.21
CA GLY C 123 28.30 -27.94 -1.99
C GLY C 123 26.94 -27.60 -1.40
N LYS C 124 25.99 -27.20 -2.27
CA LYS C 124 24.64 -26.79 -1.86
C LYS C 124 23.63 -27.94 -1.69
N SER C 125 22.69 -27.71 -0.76
CA SER C 125 21.56 -28.58 -0.44
C SER C 125 20.38 -28.15 -1.32
N TYR C 126 19.60 -29.12 -1.84
CA TYR C 126 18.49 -28.83 -2.73
C TYR C 126 17.15 -29.39 -2.29
N ARG C 127 16.15 -28.52 -2.20
CA ARG C 127 14.76 -28.85 -1.89
C ARG C 127 14.09 -29.43 -3.15
N PHE C 128 13.39 -30.56 -3.01
CA PHE C 128 12.72 -31.18 -4.15
C PHE C 128 11.32 -31.66 -3.76
N MET C 129 10.45 -31.88 -4.77
CA MET C 129 9.08 -32.35 -4.62
C MET C 129 8.71 -33.28 -5.81
N ILE C 130 8.07 -34.42 -5.50
CA ILE C 130 7.57 -35.41 -6.46
C ILE C 130 6.08 -35.18 -6.70
N MET C 131 5.69 -35.08 -7.97
CA MET C 131 4.32 -34.90 -8.40
C MET C 131 4.10 -35.66 -9.71
N ASP C 132 2.83 -35.90 -10.09
CA ASP C 132 2.44 -36.57 -11.34
C ASP C 132 3.00 -35.81 -12.55
N ARG C 133 3.22 -36.54 -13.65
CA ARG C 133 3.64 -35.96 -14.92
C ARG C 133 2.36 -35.61 -15.68
N PHE C 134 2.31 -34.41 -16.23
CA PHE C 134 1.16 -33.98 -17.04
C PHE C 134 1.64 -33.76 -18.48
N GLY C 135 0.68 -33.62 -19.39
CA GLY C 135 0.89 -33.34 -20.80
C GLY C 135 1.07 -31.86 -21.07
N SER C 136 0.56 -31.40 -22.22
CA SER C 136 0.64 -30.02 -22.68
C SER C 136 -0.12 -29.03 -21.78
N ASP C 137 0.38 -27.79 -21.71
CA ASP C 137 -0.33 -26.74 -21.00
C ASP C 137 -1.32 -26.19 -22.03
N LEU C 138 -2.43 -25.62 -21.58
CA LEU C 138 -3.47 -25.10 -22.46
C LEU C 138 -3.04 -23.91 -23.30
N GLN C 139 -2.08 -23.08 -22.80
CA GLN C 139 -1.56 -21.91 -23.53
C GLN C 139 -1.01 -22.28 -24.93
N LYS C 140 -0.29 -23.41 -25.01
CA LYS C 140 0.27 -24.01 -26.25
C LYS C 140 -0.86 -24.34 -27.23
N ILE C 141 -1.94 -25.01 -26.73
CA ILE C 141 -3.09 -25.42 -27.53
C ILE C 141 -3.86 -24.19 -28.03
N TYR C 142 -4.10 -23.21 -27.13
CA TYR C 142 -4.79 -21.96 -27.38
C TYR C 142 -4.13 -21.16 -28.53
N GLU C 143 -2.80 -21.03 -28.48
CA GLU C 143 -2.01 -20.34 -29.50
C GLU C 143 -2.10 -21.06 -30.86
N ALA C 144 -1.97 -22.41 -30.83
CA ALA C 144 -2.11 -23.28 -32.00
C ALA C 144 -3.51 -23.14 -32.64
N ASN C 145 -4.52 -22.83 -31.81
CA ASN C 145 -5.90 -22.62 -32.25
C ASN C 145 -6.21 -21.13 -32.58
N ALA C 146 -5.17 -20.35 -32.96
CA ALA C 146 -5.27 -18.92 -33.33
C ALA C 146 -5.89 -18.04 -32.22
N LYS C 147 -5.51 -18.34 -30.97
CA LYS C 147 -5.90 -17.64 -29.74
C LYS C 147 -7.43 -17.54 -29.58
N ARG C 148 -8.08 -18.72 -29.68
CA ARG C 148 -9.52 -18.92 -29.52
C ARG C 148 -9.75 -20.31 -29.00
N PHE C 149 -10.75 -20.46 -28.12
CA PHE C 149 -11.28 -21.74 -27.66
C PHE C 149 -12.75 -21.56 -27.90
N SER C 150 -13.45 -22.61 -28.30
CA SER C 150 -14.89 -22.51 -28.58
C SER C 150 -15.67 -22.30 -27.28
N ARG C 151 -16.94 -21.92 -27.39
CA ARG C 151 -17.84 -21.76 -26.27
C ARG C 151 -17.95 -23.10 -25.50
N LYS C 152 -18.04 -24.23 -26.24
CA LYS C 152 -18.05 -25.58 -25.68
C LYS C 152 -16.81 -25.84 -24.84
N THR C 153 -15.62 -25.55 -25.40
CA THR C 153 -14.35 -25.78 -24.71
C THR C 153 -14.25 -24.91 -23.44
N VAL C 154 -14.61 -23.62 -23.55
CA VAL C 154 -14.57 -22.66 -22.44
C VAL C 154 -15.50 -23.13 -21.32
N LEU C 155 -16.76 -23.50 -21.65
CA LEU C 155 -17.72 -23.97 -20.67
C LEU C 155 -17.23 -25.24 -19.99
N GLN C 156 -16.65 -26.19 -20.76
CA GLN C 156 -16.14 -27.44 -20.22
C GLN C 156 -14.94 -27.26 -19.31
N LEU C 157 -14.01 -26.39 -19.71
CA LEU C 157 -12.81 -26.06 -18.92
C LEU C 157 -13.20 -25.43 -17.60
N SER C 158 -14.12 -24.46 -17.64
CA SER C 158 -14.56 -23.68 -16.49
C SER C 158 -15.30 -24.49 -15.46
N LEU C 159 -16.14 -25.47 -15.89
CA LEU C 159 -16.84 -26.37 -14.97
C LEU C 159 -15.83 -27.13 -14.13
N ARG C 160 -14.75 -27.62 -14.76
CA ARG C 160 -13.67 -28.36 -14.10
C ARG C 160 -12.80 -27.46 -13.23
N ILE C 161 -12.59 -26.20 -13.62
CA ILE C 161 -11.84 -25.25 -12.82
C ILE C 161 -12.70 -24.91 -11.57
N LEU C 162 -14.04 -24.84 -11.74
CA LEU C 162 -14.94 -24.63 -10.60
C LEU C 162 -14.83 -25.75 -9.58
N ASP C 163 -14.67 -27.01 -10.03
CA ASP C 163 -14.48 -28.14 -9.12
C ASP C 163 -13.15 -28.00 -8.38
N ILE C 164 -12.08 -27.60 -9.08
CA ILE C 164 -10.75 -27.45 -8.44
C ILE C 164 -10.80 -26.33 -7.42
N LEU C 165 -11.35 -25.18 -7.81
CA LEU C 165 -11.39 -24.02 -6.90
C LEU C 165 -12.21 -24.33 -5.67
N GLU C 166 -13.39 -24.99 -5.84
CA GLU C 166 -14.19 -25.35 -4.65
C GLU C 166 -13.35 -26.21 -3.71
N TYR C 167 -12.57 -27.16 -4.26
CA TYR C 167 -11.75 -28.04 -3.44
C TYR C 167 -10.69 -27.26 -2.68
N ILE C 168 -9.85 -26.49 -3.38
CA ILE C 168 -8.76 -25.75 -2.71
C ILE C 168 -9.31 -24.72 -1.71
N HIS C 169 -10.41 -24.01 -2.07
CA HIS C 169 -11.05 -23.04 -1.16
C HIS C 169 -11.55 -23.71 0.12
N GLU C 170 -12.16 -24.91 0.01
CA GLU C 170 -12.63 -25.66 1.18
C GLU C 170 -11.48 -26.19 1.98
N HIS C 171 -10.29 -26.28 1.38
CA HIS C 171 -9.09 -26.75 2.07
C HIS C 171 -8.20 -25.55 2.44
N GLU C 172 -8.84 -24.38 2.65
CA GLU C 172 -8.28 -23.11 3.15
C GLU C 172 -7.31 -22.37 2.21
N TYR C 173 -7.28 -22.70 0.92
CA TYR C 173 -6.37 -22.01 0.02
C TYR C 173 -7.02 -21.35 -1.17
N VAL C 174 -6.38 -20.28 -1.64
CA VAL C 174 -6.74 -19.65 -2.91
C VAL C 174 -5.50 -19.76 -3.79
N HIS C 175 -5.67 -19.85 -5.12
CA HIS C 175 -4.55 -20.02 -6.06
C HIS C 175 -3.97 -18.65 -6.49
N GLY C 176 -4.86 -17.71 -6.86
CA GLY C 176 -4.49 -16.35 -7.22
C GLY C 176 -3.79 -16.14 -8.55
N ASP C 177 -3.63 -17.22 -9.36
CA ASP C 177 -2.90 -17.12 -10.63
C ASP C 177 -3.35 -18.13 -11.69
N ILE C 178 -4.68 -18.31 -11.81
CA ILE C 178 -5.27 -19.20 -12.79
C ILE C 178 -5.04 -18.55 -14.18
N LYS C 179 -4.61 -19.37 -15.17
CA LYS C 179 -4.36 -18.96 -16.56
C LYS C 179 -4.03 -20.19 -17.38
N ALA C 180 -4.21 -20.12 -18.71
CA ALA C 180 -3.96 -21.24 -19.63
C ALA C 180 -2.59 -21.93 -19.47
N SER C 181 -1.51 -21.18 -19.12
CA SER C 181 -0.17 -21.74 -18.91
C SER C 181 -0.03 -22.50 -17.58
N ASN C 182 -1.00 -22.30 -16.65
CA ASN C 182 -1.04 -23.03 -15.38
C ASN C 182 -2.09 -24.17 -15.42
N LEU C 183 -2.63 -24.47 -16.61
CA LEU C 183 -3.63 -25.50 -16.80
C LEU C 183 -3.04 -26.57 -17.72
N LEU C 184 -2.70 -27.72 -17.15
CA LEU C 184 -2.07 -28.83 -17.83
C LEU C 184 -3.02 -29.99 -18.05
N LEU C 185 -2.90 -30.67 -19.19
CA LEU C 185 -3.74 -31.82 -19.48
C LEU C 185 -3.17 -33.08 -18.89
N ASN C 186 -4.03 -34.04 -18.55
CA ASN C 186 -3.58 -35.35 -18.07
C ASN C 186 -2.82 -35.98 -19.26
N TYR C 187 -1.58 -36.44 -19.01
CA TYR C 187 -0.68 -37.06 -20.00
C TYR C 187 -1.37 -38.15 -20.85
N LYS C 188 -2.19 -39.01 -20.21
CA LYS C 188 -2.93 -40.11 -20.85
C LYS C 188 -4.41 -39.74 -21.16
N ASN C 189 -4.87 -38.53 -20.75
CA ASN C 189 -6.25 -38.11 -20.95
C ASN C 189 -6.36 -36.62 -21.33
N PRO C 190 -6.54 -36.30 -22.63
CA PRO C 190 -6.61 -34.89 -23.05
C PRO C 190 -7.92 -34.17 -22.70
N ASP C 191 -8.87 -34.88 -22.06
CA ASP C 191 -10.16 -34.32 -21.62
C ASP C 191 -10.16 -34.02 -20.13
N GLN C 192 -9.02 -34.24 -19.46
CA GLN C 192 -8.84 -33.96 -18.03
C GLN C 192 -7.81 -32.86 -17.81
N VAL C 193 -8.25 -31.71 -17.25
CA VAL C 193 -7.42 -30.52 -17.02
C VAL C 193 -7.09 -30.37 -15.52
N TYR C 194 -5.82 -30.04 -15.24
CA TYR C 194 -5.26 -29.87 -13.91
C TYR C 194 -4.68 -28.47 -13.71
N LEU C 195 -4.96 -27.87 -12.55
CA LEU C 195 -4.42 -26.56 -12.23
C LEU C 195 -3.09 -26.75 -11.49
N VAL C 196 -2.03 -26.10 -11.96
CA VAL C 196 -0.70 -26.27 -11.36
C VAL C 196 -0.15 -24.92 -10.88
N ASP C 197 1.05 -24.98 -10.23
CA ASP C 197 1.79 -23.84 -9.72
C ASP C 197 1.08 -23.19 -8.54
N TYR C 198 1.39 -23.68 -7.35
CA TYR C 198 0.84 -23.21 -6.10
C TYR C 198 1.88 -22.35 -5.33
N GLY C 199 2.84 -21.79 -6.09
CA GLY C 199 3.88 -20.91 -5.57
C GLY C 199 3.33 -19.60 -5.03
N LEU C 200 2.23 -19.09 -5.63
CA LEU C 200 1.53 -17.87 -5.16
C LEU C 200 0.34 -18.21 -4.26
N ALA C 201 0.07 -19.51 -4.01
CA ALA C 201 -1.09 -19.95 -3.23
C ALA C 201 -1.08 -19.34 -1.84
N TYR C 202 -2.26 -18.92 -1.41
CA TYR C 202 -2.38 -18.24 -0.14
C TYR C 202 -3.41 -18.93 0.72
N ARG C 203 -3.04 -19.17 1.99
CA ARG C 203 -3.92 -19.79 2.98
C ARG C 203 -4.71 -18.66 3.61
N TYR C 204 -5.84 -18.31 2.96
CA TYR C 204 -6.74 -17.21 3.33
C TYR C 204 -7.54 -17.50 4.58
N CYS C 205 -7.68 -18.79 4.91
CA CYS C 205 -8.56 -19.24 5.99
C CYS C 205 -7.89 -20.15 7.03
N PRO C 206 -6.75 -19.82 7.66
CA PRO C 206 -6.15 -20.79 8.60
C PRO C 206 -7.04 -21.08 9.81
N GLU C 207 -7.37 -22.37 10.04
CA GLU C 207 -8.23 -22.85 11.13
C GLU C 207 -9.64 -22.21 11.12
N GLY C 208 -10.17 -22.02 9.91
CA GLY C 208 -11.47 -21.42 9.65
C GLY C 208 -11.65 -19.94 9.97
N VAL C 209 -10.56 -19.21 10.18
CA VAL C 209 -10.58 -17.77 10.45
C VAL C 209 -10.12 -17.05 9.17
N HIS C 210 -11.03 -16.33 8.51
CA HIS C 210 -10.74 -15.65 7.25
C HIS C 210 -9.85 -14.45 7.50
N LYS C 211 -8.82 -14.31 6.67
CA LYS C 211 -7.91 -13.17 6.63
C LYS C 211 -8.78 -11.89 6.51
N ALA C 212 -8.55 -10.90 7.41
CA ALA C 212 -9.31 -9.65 7.40
C ALA C 212 -8.86 -8.78 6.23
N TYR C 213 -9.79 -8.01 5.64
CA TYR C 213 -9.52 -7.13 4.50
C TYR C 213 -8.51 -6.05 4.91
N ALA C 214 -7.41 -5.88 4.17
CA ALA C 214 -6.42 -4.83 4.45
C ALA C 214 -5.60 -4.58 3.23
N ALA C 215 -5.45 -3.32 2.81
CA ALA C 215 -4.62 -3.01 1.64
C ALA C 215 -3.16 -2.90 2.09
N ASP C 216 -2.29 -3.70 1.47
CA ASP C 216 -0.87 -3.77 1.78
C ASP C 216 -0.03 -3.35 0.59
N PRO C 217 0.69 -2.19 0.70
CA PRO C 217 1.54 -1.71 -0.41
C PRO C 217 2.54 -2.75 -0.93
N LYS C 218 2.97 -3.67 -0.05
CA LYS C 218 3.90 -4.75 -0.41
C LYS C 218 3.26 -5.79 -1.38
N ARG C 219 1.93 -5.97 -1.31
CA ARG C 219 1.21 -6.95 -2.13
C ARG C 219 0.64 -6.39 -3.46
N CYS C 220 0.77 -5.07 -3.70
CA CYS C 220 0.17 -4.45 -4.89
C CYS C 220 0.55 -5.07 -6.17
N HIS C 221 -0.49 -5.36 -6.96
CA HIS C 221 -0.41 -5.91 -8.30
C HIS C 221 0.21 -7.30 -8.33
N ASP C 222 0.00 -8.11 -7.28
CA ASP C 222 0.43 -9.50 -7.24
C ASP C 222 -0.39 -10.30 -8.27
N GLY C 223 0.18 -11.42 -8.76
CA GLY C 223 -0.39 -12.29 -9.78
C GLY C 223 0.09 -11.95 -11.18
N THR C 224 -0.62 -12.42 -12.23
CA THR C 224 -0.34 -12.11 -13.64
C THR C 224 -1.19 -10.87 -13.92
N ILE C 225 -0.55 -9.75 -14.24
CA ILE C 225 -1.21 -8.47 -14.39
C ILE C 225 -2.49 -8.51 -15.26
N GLU C 226 -2.46 -9.14 -16.44
CA GLU C 226 -3.67 -9.12 -17.27
C GLU C 226 -4.87 -9.84 -16.68
N PHE C 227 -4.66 -10.81 -15.78
CA PHE C 227 -5.74 -11.65 -15.22
C PHE C 227 -6.00 -11.48 -13.75
N THR C 228 -5.09 -10.85 -13.00
CA THR C 228 -5.22 -10.76 -11.54
C THR C 228 -6.47 -9.99 -11.10
N SER C 229 -6.91 -10.25 -9.88
CA SER C 229 -8.12 -9.61 -9.36
C SER C 229 -7.90 -8.15 -8.98
N ILE C 230 -9.00 -7.40 -8.84
CA ILE C 230 -8.97 -6.02 -8.35
C ILE C 230 -8.39 -6.03 -6.90
N ASP C 231 -8.80 -7.01 -6.05
CA ASP C 231 -8.25 -7.11 -4.70
C ASP C 231 -6.71 -7.11 -4.77
N ALA C 232 -6.10 -8.01 -5.57
CA ALA C 232 -4.65 -8.09 -5.76
C ALA C 232 -4.05 -6.78 -6.31
N HIS C 233 -4.73 -6.10 -7.27
CA HIS C 233 -4.24 -4.80 -7.75
C HIS C 233 -4.21 -3.79 -6.55
N ASN C 234 -5.18 -3.89 -5.61
CA ASN C 234 -5.27 -2.99 -4.44
C ASN C 234 -4.33 -3.36 -3.28
N GLY C 235 -3.54 -4.40 -3.45
CA GLY C 235 -2.62 -4.87 -2.42
C GLY C 235 -3.32 -5.65 -1.32
N VAL C 236 -4.53 -6.17 -1.60
CA VAL C 236 -5.28 -6.95 -0.62
C VAL C 236 -4.92 -8.42 -0.81
N ALA C 237 -4.74 -9.18 0.31
CA ALA C 237 -4.41 -10.61 0.24
C ALA C 237 -5.50 -11.34 -0.60
N PRO C 238 -5.15 -12.29 -1.48
CA PRO C 238 -6.19 -12.92 -2.33
C PRO C 238 -7.25 -13.69 -1.54
N SER C 239 -8.52 -13.64 -1.99
CA SER C 239 -9.60 -14.41 -1.36
C SER C 239 -10.36 -15.22 -2.43
N ARG C 240 -11.46 -15.87 -2.06
CA ARG C 240 -12.20 -16.72 -3.02
C ARG C 240 -12.75 -15.95 -4.19
N ARG C 241 -13.33 -14.75 -3.97
CA ARG C 241 -13.90 -13.95 -5.05
C ARG C 241 -12.85 -13.61 -6.14
N GLY C 242 -11.61 -13.35 -5.70
CA GLY C 242 -10.48 -13.05 -6.57
C GLY C 242 -10.21 -14.18 -7.54
N ASP C 243 -10.23 -15.43 -7.06
CA ASP C 243 -10.01 -16.60 -7.91
C ASP C 243 -11.09 -16.72 -8.98
N LEU C 244 -12.34 -16.45 -8.63
CA LEU C 244 -13.47 -16.52 -9.56
C LEU C 244 -13.46 -15.41 -10.60
N GLU C 245 -13.00 -14.23 -10.18
CA GLU C 245 -12.88 -13.07 -11.05
C GLU C 245 -11.79 -13.36 -12.08
N ILE C 246 -10.64 -13.91 -11.63
CA ILE C 246 -9.53 -14.29 -12.53
C ILE C 246 -10.05 -15.30 -13.59
N LEU C 247 -10.87 -16.28 -13.17
CA LEU C 247 -11.45 -17.27 -14.10
C LEU C 247 -12.34 -16.54 -15.12
N GLY C 248 -13.10 -15.56 -14.67
CA GLY C 248 -13.90 -14.68 -15.51
C GLY C 248 -13.08 -14.06 -16.63
N TYR C 249 -11.93 -13.43 -16.29
CA TYR C 249 -11.00 -12.79 -17.26
C TYR C 249 -10.44 -13.79 -18.24
N CYS C 250 -10.04 -14.97 -17.75
CA CYS C 250 -9.54 -16.09 -18.58
C CYS C 250 -10.58 -16.50 -19.61
N MET C 251 -11.83 -16.68 -19.18
CA MET C 251 -12.92 -17.09 -20.05
C MET C 251 -13.10 -16.12 -21.19
N ILE C 252 -13.12 -14.82 -20.88
CA ILE C 252 -13.31 -13.78 -21.90
C ILE C 252 -12.17 -13.82 -22.91
N GLN C 253 -10.94 -13.93 -22.38
CA GLN C 253 -9.74 -13.98 -23.16
C GLN C 253 -9.78 -15.20 -24.11
N TRP C 254 -10.16 -16.37 -23.56
CA TRP C 254 -10.20 -17.61 -24.32
C TRP C 254 -11.22 -17.55 -25.46
N LEU C 255 -12.37 -16.94 -25.20
CA LEU C 255 -13.44 -16.81 -26.18
C LEU C 255 -13.16 -15.82 -27.29
N THR C 256 -12.68 -14.61 -26.93
CA THR C 256 -12.52 -13.50 -27.86
C THR C 256 -11.11 -13.23 -28.39
N GLY C 257 -10.11 -13.85 -27.76
CA GLY C 257 -8.68 -13.64 -28.05
C GLY C 257 -8.08 -12.39 -27.41
N HIS C 258 -8.90 -11.55 -26.76
CA HIS C 258 -8.42 -10.31 -26.16
C HIS C 258 -9.04 -9.95 -24.80
N LEU C 259 -8.45 -8.93 -24.16
CA LEU C 259 -8.95 -8.29 -22.96
C LEU C 259 -8.83 -6.76 -23.19
N PRO C 260 -9.75 -5.93 -22.68
CA PRO C 260 -9.68 -4.48 -22.98
C PRO C 260 -8.42 -3.72 -22.60
N TRP C 261 -7.67 -4.20 -21.57
CA TRP C 261 -6.47 -3.56 -21.03
C TRP C 261 -5.16 -4.18 -21.51
N GLU C 262 -5.23 -5.12 -22.46
CA GLU C 262 -4.04 -5.85 -22.92
C GLU C 262 -2.95 -5.02 -23.59
N ASP C 263 -3.25 -3.81 -24.07
CA ASP C 263 -2.21 -2.99 -24.69
C ASP C 263 -1.50 -2.08 -23.68
N ASN C 264 -1.90 -2.10 -22.38
CA ASN C 264 -1.21 -1.27 -21.38
C ASN C 264 -0.90 -2.04 -20.08
N LEU C 265 -0.36 -3.26 -20.22
CA LEU C 265 0.05 -4.15 -19.11
C LEU C 265 1.28 -3.64 -18.35
N LYS C 266 2.05 -2.73 -19.00
CA LYS C 266 3.22 -2.07 -18.42
C LYS C 266 2.74 -0.96 -17.48
N ASP C 267 1.44 -0.61 -17.52
CA ASP C 267 0.81 0.39 -16.65
C ASP C 267 -0.17 -0.30 -15.65
N PRO C 268 0.30 -0.72 -14.45
CA PRO C 268 -0.58 -1.44 -13.50
C PRO C 268 -1.79 -0.68 -12.98
N LYS C 269 -1.66 0.64 -12.78
CA LYS C 269 -2.76 1.49 -12.33
C LYS C 269 -3.86 1.57 -13.39
N TYR C 270 -3.46 1.64 -14.67
CA TYR C 270 -4.40 1.67 -15.79
C TYR C 270 -5.19 0.33 -15.80
N VAL C 271 -4.49 -0.80 -15.74
CA VAL C 271 -5.09 -2.14 -15.71
C VAL C 271 -6.06 -2.20 -14.52
N ARG C 272 -5.59 -1.78 -13.33
CA ARG C 272 -6.45 -1.78 -12.14
C ARG C 272 -7.72 -0.94 -12.38
N ASP C 273 -7.54 0.32 -12.82
CA ASP C 273 -8.68 1.22 -13.08
C ASP C 273 -9.64 0.73 -14.16
N SER C 274 -9.11 0.11 -15.24
CA SER C 274 -9.95 -0.46 -16.31
C SER C 274 -10.82 -1.62 -15.77
N LYS C 275 -10.23 -2.56 -15.00
CA LYS C 275 -11.00 -3.66 -14.40
C LYS C 275 -12.09 -3.13 -13.45
N ILE C 276 -11.80 -2.05 -12.71
CA ILE C 276 -12.77 -1.47 -11.76
C ILE C 276 -13.97 -0.89 -12.50
N ARG C 277 -13.69 -0.17 -13.59
CA ARG C 277 -14.68 0.48 -14.46
C ARG C 277 -15.55 -0.61 -15.11
N TYR C 278 -14.92 -1.72 -15.54
CA TYR C 278 -15.61 -2.85 -16.17
C TYR C 278 -16.38 -3.76 -15.17
N ARG C 279 -16.11 -3.63 -13.82
CA ARG C 279 -16.86 -4.36 -12.80
CA ARG C 279 -16.87 -4.37 -12.80
C ARG C 279 -18.09 -3.51 -12.48
N GLU C 280 -17.91 -2.18 -12.43
CA GLU C 280 -18.98 -1.22 -12.16
C GLU C 280 -20.02 -1.28 -13.29
N ASN C 281 -19.55 -1.42 -14.53
CA ASN C 281 -20.42 -1.48 -15.72
C ASN C 281 -20.14 -2.75 -16.52
N ILE C 282 -20.75 -3.88 -16.14
CA ILE C 282 -20.54 -5.17 -16.82
C ILE C 282 -21.09 -5.15 -18.26
N ALA C 283 -22.21 -4.43 -18.50
CA ALA C 283 -22.78 -4.29 -19.87
C ALA C 283 -21.73 -3.64 -20.79
N SER C 284 -20.97 -2.62 -20.31
CA SER C 284 -19.92 -2.03 -21.12
C SER C 284 -18.77 -3.00 -21.38
N LEU C 285 -18.49 -3.94 -20.44
CA LEU C 285 -17.44 -4.95 -20.67
C LEU C 285 -17.87 -5.93 -21.77
N MET C 286 -19.13 -6.33 -21.76
CA MET C 286 -19.67 -7.26 -22.75
C MET C 286 -19.68 -6.60 -24.12
N ASP C 287 -20.00 -5.30 -24.16
CA ASP C 287 -20.01 -4.50 -25.40
C ASP C 287 -18.61 -4.37 -25.99
N LYS C 288 -17.60 -4.13 -25.14
CA LYS C 288 -16.19 -4.01 -25.54
C LYS C 288 -15.58 -5.34 -26.01
N CYS C 289 -15.80 -6.43 -25.26
CA CYS C 289 -15.23 -7.74 -25.59
C CYS C 289 -15.97 -8.51 -26.67
N PHE C 290 -17.27 -8.29 -26.79
CA PHE C 290 -18.08 -8.96 -27.80
C PHE C 290 -18.70 -7.88 -28.69
N PRO C 291 -17.90 -7.20 -29.54
CA PRO C 291 -18.49 -6.19 -30.43
C PRO C 291 -19.40 -6.91 -31.44
N ALA C 292 -20.42 -6.19 -31.93
CA ALA C 292 -21.45 -6.76 -32.81
C ALA C 292 -22.50 -7.50 -31.95
N ALA C 293 -22.58 -7.13 -30.64
CA ALA C 293 -23.53 -7.59 -29.60
C ALA C 293 -23.80 -9.12 -29.58
N ASN C 294 -22.74 -9.90 -29.72
CA ASN C 294 -22.80 -11.35 -29.75
C ASN C 294 -22.26 -11.98 -28.42
N ALA C 295 -22.66 -11.42 -27.24
CA ALA C 295 -22.15 -11.89 -25.94
C ALA C 295 -22.89 -13.10 -25.36
N PRO C 296 -22.15 -14.19 -25.04
CA PRO C 296 -22.79 -15.36 -24.41
C PRO C 296 -23.35 -14.91 -23.07
N GLY C 297 -24.66 -15.13 -22.89
CA GLY C 297 -25.40 -14.77 -21.69
C GLY C 297 -24.81 -15.28 -20.38
N GLU C 298 -24.22 -16.47 -20.39
CA GLU C 298 -23.63 -17.09 -19.19
C GLU C 298 -22.38 -16.32 -18.69
N ILE C 299 -21.63 -15.65 -19.60
CA ILE C 299 -20.44 -14.91 -19.20
C ILE C 299 -20.88 -13.67 -18.43
N ALA C 300 -21.93 -12.98 -18.91
CA ALA C 300 -22.46 -11.79 -18.25
C ALA C 300 -23.01 -12.17 -16.87
N LYS C 301 -23.70 -13.32 -16.78
CA LYS C 301 -24.31 -13.84 -15.55
C LYS C 301 -23.26 -14.24 -14.52
N TYR C 302 -22.19 -14.87 -14.98
CA TYR C 302 -21.05 -15.27 -14.17
C TYR C 302 -20.38 -14.03 -13.59
N MET C 303 -20.15 -13.00 -14.42
CA MET C 303 -19.50 -11.74 -14.02
C MET C 303 -20.37 -10.98 -13.04
N GLU C 304 -21.71 -10.96 -13.25
CA GLU C 304 -22.65 -10.30 -12.30
C GLU C 304 -22.60 -11.01 -10.96
N THR C 305 -22.61 -12.36 -10.97
CA THR C 305 -22.57 -13.17 -9.76
C THR C 305 -21.26 -12.92 -8.97
N VAL C 306 -20.12 -12.90 -9.64
CA VAL C 306 -18.84 -12.61 -9.00
C VAL C 306 -18.79 -11.18 -8.42
N LYS C 307 -19.40 -10.20 -9.12
CA LYS C 307 -19.47 -8.81 -8.65
C LYS C 307 -20.17 -8.73 -7.26
N LEU C 308 -21.23 -9.53 -7.09
CA LEU C 308 -22.00 -9.59 -5.85
C LEU C 308 -21.26 -10.21 -4.65
N LEU C 309 -20.08 -10.82 -4.87
CA LEU C 309 -19.35 -11.44 -3.77
C LEU C 309 -18.57 -10.44 -2.92
N ASP C 310 -18.72 -10.50 -1.60
CA ASP C 310 -17.92 -9.70 -0.68
C ASP C 310 -16.59 -10.41 -0.46
N TYR C 311 -15.58 -9.69 0.01
CA TYR C 311 -14.24 -10.21 0.22
C TYR C 311 -14.18 -11.54 0.97
N THR C 312 -14.93 -11.67 2.08
CA THR C 312 -14.85 -12.87 2.92
C THR C 312 -15.93 -13.88 2.56
N GLU C 313 -16.82 -13.53 1.61
CA GLU C 313 -17.97 -14.36 1.25
C GLU C 313 -17.65 -15.70 0.63
N LYS C 314 -18.38 -16.76 1.09
CA LYS C 314 -18.25 -18.08 0.48
C LYS C 314 -19.10 -18.06 -0.79
N PRO C 315 -18.47 -18.35 -1.95
CA PRO C 315 -19.24 -18.38 -3.21
C PRO C 315 -20.22 -19.56 -3.23
N LEU C 316 -21.33 -19.42 -3.98
CA LEU C 316 -22.28 -20.52 -4.18
C LEU C 316 -21.85 -21.17 -5.50
N TYR C 317 -20.89 -22.09 -5.39
CA TYR C 317 -20.28 -22.77 -6.53
C TYR C 317 -21.27 -23.49 -7.42
N GLU C 318 -22.30 -24.11 -6.80
CA GLU C 318 -23.33 -24.85 -7.55
C GLU C 318 -24.08 -23.93 -8.50
N ASN C 319 -24.41 -22.71 -8.05
CA ASN C 319 -25.09 -21.71 -8.89
C ASN C 319 -24.22 -21.23 -10.05
N LEU C 320 -22.88 -21.18 -9.83
CA LEU C 320 -21.93 -20.79 -10.87
C LEU C 320 -21.90 -21.91 -11.92
N ARG C 321 -21.89 -23.18 -11.46
CA ARG C 321 -21.99 -24.38 -12.30
C ARG C 321 -23.31 -24.36 -13.09
N ASP C 322 -24.40 -23.99 -12.43
CA ASP C 322 -25.72 -23.88 -13.03
C ASP C 322 -25.69 -22.85 -14.16
N ILE C 323 -25.04 -21.68 -13.93
CA ILE C 323 -24.88 -20.63 -14.96
C ILE C 323 -24.19 -21.20 -16.19
N LEU C 324 -23.08 -21.95 -15.99
CA LEU C 324 -22.32 -22.53 -17.11
C LEU C 324 -23.07 -23.67 -17.82
N LEU C 325 -23.85 -24.48 -17.06
CA LEU C 325 -24.67 -25.57 -17.63
C LEU C 325 -25.78 -25.05 -18.53
N GLN C 326 -26.35 -23.88 -18.20
CA GLN C 326 -27.35 -23.16 -18.97
C GLN C 326 -26.74 -22.69 -20.30
N GLY C 327 -25.44 -22.39 -20.28
CA GLY C 327 -24.69 -22.00 -21.46
C GLY C 327 -24.54 -23.16 -22.42
N LEU C 328 -24.24 -24.34 -21.86
CA LEU C 328 -24.08 -25.57 -22.61
C LEU C 328 -25.39 -26.00 -23.27
N LYS C 329 -26.50 -25.87 -22.53
CA LYS C 329 -27.86 -26.18 -22.99
C LYS C 329 -28.26 -25.23 -24.14
N ALA C 330 -27.95 -23.92 -24.01
CA ALA C 330 -28.27 -22.90 -25.01
C ALA C 330 -27.57 -23.13 -26.35
N ILE C 331 -26.41 -23.81 -26.35
CA ILE C 331 -25.69 -24.15 -27.58
C ILE C 331 -26.02 -25.58 -28.06
N GLY C 332 -27.05 -26.18 -27.48
CA GLY C 332 -27.48 -27.52 -27.82
C GLY C 332 -26.48 -28.59 -27.44
N SER C 333 -25.85 -28.44 -26.26
CA SER C 333 -24.87 -29.40 -25.76
C SER C 333 -25.18 -29.73 -24.29
N LYS C 334 -24.30 -30.49 -23.63
CA LYS C 334 -24.43 -30.92 -22.23
C LYS C 334 -23.05 -31.18 -21.64
N ASP C 335 -22.97 -31.37 -20.31
CA ASP C 335 -21.68 -31.66 -19.68
C ASP C 335 -21.31 -33.13 -19.86
N ASP C 336 -20.68 -33.44 -21.00
CA ASP C 336 -20.21 -34.78 -21.32
C ASP C 336 -18.72 -34.98 -20.97
N GLY C 337 -18.12 -33.97 -20.34
CA GLY C 337 -16.70 -33.99 -19.95
C GLY C 337 -15.72 -33.92 -21.12
N LYS C 338 -16.21 -33.58 -22.32
CA LYS C 338 -15.39 -33.47 -23.53
C LYS C 338 -14.85 -32.06 -23.70
N LEU C 339 -13.53 -31.88 -23.56
CA LEU C 339 -12.88 -30.58 -23.70
C LEU C 339 -12.87 -30.05 -25.13
N ASP C 340 -12.89 -30.96 -26.14
CA ASP C 340 -12.94 -30.65 -27.60
C ASP C 340 -11.73 -29.81 -28.05
N LEU C 341 -10.55 -30.20 -27.55
CA LEU C 341 -9.26 -29.58 -27.80
C LEU C 341 -8.67 -30.02 -29.16
N PHE D 23 -12.40 19.88 -33.29
CA PHE D 23 -11.80 21.20 -33.11
C PHE D 23 -11.50 21.91 -34.44
N ALA D 24 -12.12 23.10 -34.63
CA ALA D 24 -12.02 23.93 -35.83
C ALA D 24 -10.68 24.64 -35.96
N VAL D 25 -10.24 24.86 -37.22
CA VAL D 25 -8.99 25.54 -37.57
C VAL D 25 -8.95 26.99 -37.06
N GLY D 26 -10.12 27.63 -36.98
CA GLY D 26 -10.23 28.99 -36.49
C GLY D 26 -10.91 29.15 -35.13
N GLU D 27 -11.36 28.01 -34.53
CA GLU D 27 -12.07 27.96 -33.23
C GLU D 27 -11.43 28.88 -32.20
N ILE D 28 -12.21 29.82 -31.66
CA ILE D 28 -11.69 30.78 -30.70
C ILE D 28 -12.12 30.43 -29.27
N ILE D 29 -11.12 30.19 -28.40
CA ILE D 29 -11.28 29.89 -26.96
C ILE D 29 -10.74 31.07 -26.14
N THR D 30 -11.28 31.26 -24.92
CA THR D 30 -10.90 32.36 -24.01
C THR D 30 -10.37 31.84 -22.65
N ASP D 31 -9.31 32.49 -22.13
CA ASP D 31 -8.67 32.06 -20.88
C ASP D 31 -9.20 32.77 -19.62
N MET D 32 -8.59 32.46 -18.46
CA MET D 32 -8.90 33.03 -17.13
C MET D 32 -8.54 34.52 -16.97
N ALA D 33 -7.84 35.09 -17.96
CA ALA D 33 -7.45 36.50 -17.99
C ALA D 33 -8.17 37.22 -19.15
N ALA D 34 -9.27 36.60 -19.63
CA ALA D 34 -10.16 37.04 -20.73
C ALA D 34 -9.50 37.04 -22.14
N ALA D 35 -8.17 36.80 -22.22
CA ALA D 35 -7.42 36.76 -23.48
C ALA D 35 -7.88 35.62 -24.40
N ALA D 36 -8.30 35.97 -25.62
CA ALA D 36 -8.79 35.03 -26.63
C ALA D 36 -7.65 34.41 -27.41
N TRP D 37 -7.85 33.16 -27.85
CA TRP D 37 -6.87 32.37 -28.61
C TRP D 37 -7.61 31.58 -29.69
N LYS D 38 -7.04 31.55 -30.91
CA LYS D 38 -7.58 30.77 -32.01
C LYS D 38 -6.74 29.50 -32.16
N VAL D 39 -7.40 28.33 -32.16
CA VAL D 39 -6.80 26.98 -32.31
C VAL D 39 -6.19 26.86 -33.74
N GLY D 40 -5.48 25.76 -34.01
CA GLY D 40 -4.85 25.49 -35.29
C GLY D 40 -4.82 24.01 -35.59
N LEU D 41 -3.85 23.58 -36.43
CA LEU D 41 -3.67 22.18 -36.83
C LEU D 41 -3.19 21.27 -35.68
N PRO D 42 -3.78 20.05 -35.51
CA PRO D 42 -3.32 19.15 -34.43
C PRO D 42 -1.90 18.61 -34.67
N ILE D 43 -1.12 18.46 -33.59
CA ILE D 43 0.26 17.98 -33.64
C ILE D 43 0.32 16.45 -33.63
N CYS D 50 -4.95 15.41 -28.68
CA CYS D 50 -5.16 16.24 -27.49
C CYS D 50 -4.32 17.53 -27.47
N ILE D 51 -3.32 17.65 -28.38
CA ILE D 51 -2.44 18.81 -28.51
C ILE D 51 -2.60 19.40 -29.90
N TYR D 52 -2.80 20.73 -29.98
CA TYR D 52 -3.00 21.47 -31.23
C TYR D 52 -2.12 22.71 -31.22
N LEU D 53 -1.70 23.21 -32.41
CA LEU D 53 -0.96 24.48 -32.51
C LEU D 53 -1.93 25.61 -32.15
N ALA D 54 -1.42 26.75 -31.64
CA ALA D 54 -2.28 27.87 -31.26
C ALA D 54 -1.59 29.23 -31.38
N ASP D 55 -2.39 30.32 -31.29
CA ASP D 55 -2.01 31.74 -31.32
C ASP D 55 -3.25 32.56 -30.91
N MET D 56 -3.06 33.87 -30.57
CA MET D 56 -4.13 34.79 -30.14
C MET D 56 -5.37 34.82 -31.05
N SER D 64 1.18 26.59 -39.07
CA SER D 64 2.30 25.68 -39.28
C SER D 64 3.53 26.01 -38.41
N ASP D 65 3.89 27.31 -38.32
CA ASP D 65 5.02 27.80 -37.53
C ASP D 65 4.56 28.71 -36.36
N ALA D 66 3.45 28.32 -35.69
CA ALA D 66 2.87 29.02 -34.54
C ALA D 66 3.78 28.90 -33.30
N PRO D 67 3.93 29.95 -32.47
CA PRO D 67 4.83 29.84 -31.31
C PRO D 67 4.20 29.23 -30.05
N CYS D 68 2.91 28.88 -30.11
CA CYS D 68 2.16 28.30 -29.00
C CYS D 68 1.47 27.00 -29.40
N VAL D 69 0.98 26.26 -28.39
CA VAL D 69 0.21 25.03 -28.52
C VAL D 69 -0.86 25.03 -27.42
N VAL D 70 -1.91 24.24 -27.61
CA VAL D 70 -2.98 24.10 -26.64
C VAL D 70 -3.19 22.61 -26.31
N LYS D 71 -3.18 22.27 -25.01
CA LYS D 71 -3.39 20.91 -24.51
C LYS D 71 -4.82 20.81 -23.99
N VAL D 72 -5.64 19.93 -24.58
CA VAL D 72 -7.05 19.75 -24.22
C VAL D 72 -7.28 18.41 -23.51
N GLU D 73 -8.11 18.42 -22.45
CA GLU D 73 -8.49 17.25 -21.63
C GLU D 73 -9.90 17.45 -21.03
N PRO D 74 -10.68 16.39 -20.68
CA PRO D 74 -12.00 16.64 -20.05
C PRO D 74 -11.89 17.40 -18.72
N SER D 75 -12.87 18.26 -18.41
CA SER D 75 -12.91 19.10 -17.21
C SER D 75 -12.66 18.35 -15.87
N ASP D 76 -12.88 17.02 -15.86
CA ASP D 76 -12.70 16.16 -14.70
C ASP D 76 -11.35 15.40 -14.68
N ASN D 77 -10.54 15.51 -15.77
CA ASN D 77 -9.23 14.85 -15.88
C ASN D 77 -8.20 15.43 -14.89
N GLY D 78 -7.63 14.55 -14.08
CA GLY D 78 -6.62 14.86 -13.07
C GLY D 78 -5.30 15.42 -13.58
N PRO D 79 -4.58 14.69 -14.47
CA PRO D 79 -3.27 15.18 -14.96
C PRO D 79 -3.21 16.65 -15.39
N LEU D 80 -4.06 17.12 -16.33
CA LEU D 80 -4.03 18.51 -16.80
C LEU D 80 -4.30 19.51 -15.69
N PHE D 81 -5.14 19.17 -14.70
CA PHE D 81 -5.39 20.05 -13.56
C PHE D 81 -4.11 20.16 -12.70
N THR D 82 -3.47 19.00 -12.43
CA THR D 82 -2.21 18.87 -11.68
C THR D 82 -1.10 19.65 -12.38
N GLU D 83 -1.03 19.53 -13.71
CA GLU D 83 -0.08 20.19 -14.59
C GLU D 83 -0.23 21.71 -14.54
N LEU D 84 -1.49 22.18 -14.59
CA LEU D 84 -1.85 23.58 -14.54
C LEU D 84 -1.42 24.24 -13.26
N LYS D 85 -1.62 23.55 -12.14
CA LYS D 85 -1.24 24.02 -10.82
C LYS D 85 0.28 24.14 -10.77
N PHE D 86 1.04 23.20 -11.42
CA PHE D 86 2.51 23.28 -11.46
C PHE D 86 2.88 24.56 -12.10
N TYR D 87 2.45 24.73 -13.36
CA TYR D 87 2.78 25.89 -14.15
C TYR D 87 2.38 27.22 -13.53
N GLN D 88 1.21 27.29 -12.89
CA GLN D 88 0.73 28.53 -12.28
C GLN D 88 1.52 28.88 -11.04
N ARG D 89 1.90 27.87 -10.25
CA ARG D 89 2.64 28.08 -9.01
C ARG D 89 4.15 28.29 -9.22
N ALA D 90 4.77 27.49 -10.11
CA ALA D 90 6.22 27.46 -10.24
C ALA D 90 6.81 27.93 -11.53
N ALA D 91 6.02 28.07 -12.59
CA ALA D 91 6.60 28.40 -13.88
C ALA D 91 6.14 29.72 -14.49
N LYS D 92 5.86 30.73 -13.64
CA LYS D 92 5.49 32.06 -14.14
C LYS D 92 6.74 32.68 -14.77
N PRO D 93 6.60 33.36 -15.93
CA PRO D 93 7.77 33.91 -16.64
C PRO D 93 8.76 34.73 -15.81
N GLU D 94 8.28 35.43 -14.78
CA GLU D 94 9.11 36.24 -13.91
C GLU D 94 10.00 35.38 -12.97
N GLN D 95 9.45 34.26 -12.45
CA GLN D 95 10.14 33.32 -11.57
C GLN D 95 11.31 32.67 -12.32
N ILE D 96 11.08 32.32 -13.60
CA ILE D 96 12.03 31.69 -14.51
C ILE D 96 13.16 32.66 -14.86
N GLN D 97 12.81 33.90 -15.33
CA GLN D 97 13.83 34.89 -15.70
C GLN D 97 14.75 35.26 -14.54
N LYS D 98 14.20 35.42 -13.35
CA LYS D 98 14.97 35.75 -12.15
C LYS D 98 15.95 34.60 -11.83
N TRP D 99 15.52 33.33 -12.04
CA TRP D 99 16.40 32.21 -11.77
C TRP D 99 17.52 32.16 -12.81
N ILE D 100 17.18 32.36 -14.12
CA ILE D 100 18.16 32.37 -15.22
C ILE D 100 19.24 33.43 -14.92
N ARG D 101 18.80 34.62 -14.48
CA ARG D 101 19.66 35.75 -14.14
C ARG D 101 20.55 35.45 -12.95
N THR D 102 19.95 35.11 -11.78
CA THR D 102 20.72 34.82 -10.55
C THR D 102 21.65 33.62 -10.66
N ARG D 103 21.30 32.59 -11.46
CA ARG D 103 22.11 31.38 -11.60
CA ARG D 103 22.14 31.39 -11.58
C ARG D 103 23.03 31.46 -12.81
N LYS D 104 22.96 32.58 -13.56
CA LYS D 104 23.76 32.87 -14.76
C LYS D 104 23.69 31.75 -15.77
N LEU D 105 22.50 31.23 -16.01
CA LEU D 105 22.31 30.16 -16.97
C LEU D 105 22.15 30.78 -18.35
N LYS D 106 22.48 30.04 -19.41
CA LYS D 106 22.26 30.51 -20.78
C LYS D 106 20.74 30.42 -21.10
N TYR D 107 20.05 29.43 -20.51
CA TYR D 107 18.59 29.19 -20.61
C TYR D 107 18.22 28.21 -19.45
N LEU D 108 16.91 28.01 -19.24
CA LEU D 108 16.37 27.03 -18.29
C LEU D 108 15.29 26.24 -19.00
N GLY D 109 15.45 24.92 -19.03
CA GLY D 109 14.51 24.02 -19.69
C GLY D 109 13.12 23.84 -19.09
N VAL D 110 12.55 24.90 -18.46
CA VAL D 110 11.21 24.82 -17.88
C VAL D 110 10.28 25.62 -18.84
N PRO D 111 9.21 25.03 -19.42
CA PRO D 111 8.41 25.79 -20.38
C PRO D 111 7.58 26.88 -19.70
N LYS D 112 7.41 28.00 -20.38
CA LYS D 112 6.63 29.11 -19.84
C LYS D 112 5.12 28.91 -20.00
N TYR D 113 4.37 29.22 -18.94
CA TYR D 113 2.89 29.10 -18.91
C TYR D 113 2.28 30.37 -19.49
N TRP D 114 1.26 30.25 -20.36
CA TRP D 114 0.65 31.40 -21.01
C TRP D 114 -0.84 31.63 -20.72
N GLY D 115 -1.57 30.57 -20.40
CA GLY D 115 -2.99 30.68 -20.12
C GLY D 115 -3.66 29.35 -19.86
N SER D 116 -4.91 29.41 -19.40
CA SER D 116 -5.74 28.26 -19.03
C SER D 116 -7.22 28.66 -18.93
N GLY D 117 -8.10 27.69 -19.15
CA GLY D 117 -9.53 27.92 -19.05
C GLY D 117 -10.38 26.71 -19.38
N LEU D 118 -11.63 26.98 -19.75
CA LEU D 118 -12.60 25.97 -20.14
C LEU D 118 -13.02 26.17 -21.59
N HIS D 119 -13.52 25.10 -22.19
CA HIS D 119 -14.05 25.10 -23.55
C HIS D 119 -15.15 24.05 -23.59
N ASP D 120 -16.40 24.50 -23.77
CA ASP D 120 -17.53 23.57 -23.86
C ASP D 120 -17.69 23.16 -25.32
N LYS D 121 -17.70 21.84 -25.56
CA LYS D 121 -17.84 21.27 -26.90
C LYS D 121 -18.73 20.03 -26.89
N ASN D 122 -19.92 20.17 -27.54
CA ASN D 122 -20.97 19.15 -27.71
C ASN D 122 -21.46 18.54 -26.37
N GLY D 123 -21.86 19.41 -25.45
CA GLY D 123 -22.35 19.05 -24.12
C GLY D 123 -21.33 18.33 -23.26
N LYS D 124 -20.05 18.64 -23.49
CA LYS D 124 -18.91 18.07 -22.77
C LYS D 124 -17.92 19.22 -22.46
N SER D 125 -17.70 19.48 -21.16
CA SER D 125 -16.80 20.54 -20.72
C SER D 125 -15.36 20.07 -20.74
N TYR D 126 -14.48 20.88 -21.33
CA TYR D 126 -13.05 20.58 -21.43
C TYR D 126 -12.22 21.62 -20.69
N ARG D 127 -11.02 21.22 -20.28
CA ARG D 127 -10.03 22.09 -19.64
C ARG D 127 -8.90 22.23 -20.66
N PHE D 128 -8.33 23.42 -20.77
CA PHE D 128 -7.23 23.65 -21.71
C PHE D 128 -6.10 24.44 -21.05
N MET D 129 -4.89 24.35 -21.64
CA MET D 129 -3.70 25.06 -21.17
C MET D 129 -2.92 25.54 -22.38
N ILE D 130 -2.47 26.80 -22.35
CA ILE D 130 -1.64 27.37 -23.40
C ILE D 130 -0.22 27.42 -22.86
N MET D 131 0.70 26.93 -23.67
CA MET D 131 2.12 26.86 -23.36
C MET D 131 2.87 27.10 -24.67
N ASP D 132 4.19 27.34 -24.59
CA ASP D 132 5.08 27.54 -25.73
C ASP D 132 5.10 26.31 -26.67
N ARG D 133 5.55 26.48 -27.93
CA ARG D 133 5.66 25.39 -28.90
C ARG D 133 7.13 24.98 -29.03
N PHE D 134 7.39 23.67 -28.93
CA PHE D 134 8.74 23.12 -29.06
C PHE D 134 8.88 22.28 -30.30
N GLY D 135 10.12 21.88 -30.57
CA GLY D 135 10.44 21.01 -31.68
C GLY D 135 10.24 19.55 -31.35
N SER D 136 11.17 18.72 -31.82
CA SER D 136 11.15 17.28 -31.65
C SER D 136 11.35 16.84 -30.21
N ASP D 137 10.74 15.70 -29.84
CA ASP D 137 10.99 15.07 -28.56
C ASP D 137 12.27 14.25 -28.76
N LEU D 138 13.02 14.00 -27.67
CA LEU D 138 14.29 13.27 -27.70
C LEU D 138 14.13 11.79 -28.06
N GLN D 139 12.97 11.20 -27.81
CA GLN D 139 12.67 9.78 -28.08
C GLN D 139 12.75 9.47 -29.58
N LYS D 140 12.22 10.38 -30.43
CA LYS D 140 12.23 10.28 -31.89
C LYS D 140 13.66 10.37 -32.41
N ILE D 141 14.45 11.29 -31.86
CA ILE D 141 15.88 11.45 -32.19
C ILE D 141 16.67 10.21 -31.71
N TYR D 142 16.32 9.64 -30.55
CA TYR D 142 16.93 8.44 -29.96
C TYR D 142 16.71 7.22 -30.85
N GLU D 143 15.46 6.97 -31.26
CA GLU D 143 15.09 5.85 -32.10
C GLU D 143 15.70 5.96 -33.52
N ALA D 144 15.91 7.20 -34.01
CA ALA D 144 16.52 7.49 -35.31
C ALA D 144 18.04 7.27 -35.26
N ASN D 145 18.64 7.38 -34.06
CA ASN D 145 20.07 7.19 -33.87
C ASN D 145 20.35 5.76 -33.38
N ALA D 146 19.45 4.83 -33.74
CA ALA D 146 19.44 3.39 -33.45
C ALA D 146 19.46 3.08 -31.92
N LYS D 147 18.74 3.91 -31.15
CA LYS D 147 18.57 3.75 -29.70
C LYS D 147 19.85 3.95 -28.91
N ARG D 148 20.62 4.99 -29.26
CA ARG D 148 21.85 5.37 -28.57
C ARG D 148 22.05 6.88 -28.62
N PHE D 149 22.63 7.44 -27.56
CA PHE D 149 23.09 8.81 -27.50
C PHE D 149 24.53 8.64 -27.06
N SER D 150 25.45 9.47 -27.55
CA SER D 150 26.86 9.36 -27.15
C SER D 150 27.05 9.76 -25.70
N ARG D 151 28.21 9.45 -25.13
CA ARG D 151 28.58 9.85 -23.79
C ARG D 151 28.56 11.37 -23.69
N LYS D 152 29.03 12.08 -24.76
CA LYS D 152 29.03 13.54 -24.79
C LYS D 152 27.60 14.09 -24.63
N THR D 153 26.67 13.63 -25.50
CA THR D 153 25.26 13.97 -25.53
C THR D 153 24.58 13.70 -24.16
N VAL D 154 24.72 12.47 -23.63
CA VAL D 154 24.12 12.07 -22.37
C VAL D 154 24.54 13.01 -21.25
N LEU D 155 25.84 13.35 -21.19
CA LEU D 155 26.35 14.26 -20.18
C LEU D 155 25.84 15.70 -20.36
N GLN D 156 25.71 16.18 -21.62
CA GLN D 156 25.21 17.53 -21.91
C GLN D 156 23.70 17.61 -21.57
N LEU D 157 22.96 16.55 -21.89
CA LEU D 157 21.55 16.47 -21.56
C LEU D 157 21.37 16.50 -20.04
N SER D 158 22.10 15.63 -19.33
CA SER D 158 21.99 15.47 -17.89
C SER D 158 22.34 16.73 -17.14
N LEU D 159 23.30 17.52 -17.65
CA LEU D 159 23.68 18.77 -17.02
C LEU D 159 22.51 19.76 -17.09
N ARG D 160 21.82 19.78 -18.22
CA ARG D 160 20.67 20.66 -18.44
C ARG D 160 19.47 20.22 -17.64
N ILE D 161 19.29 18.91 -17.49
CA ILE D 161 18.21 18.32 -16.68
C ILE D 161 18.45 18.63 -15.22
N LEU D 162 19.72 18.55 -14.75
CA LEU D 162 20.02 18.91 -13.35
C LEU D 162 19.65 20.35 -13.04
N ASP D 163 19.87 21.26 -14.01
CA ASP D 163 19.45 22.68 -13.86
C ASP D 163 17.92 22.73 -13.72
N ILE D 164 17.17 22.00 -14.59
CA ILE D 164 15.70 21.94 -14.53
C ILE D 164 15.22 21.42 -13.13
N LEU D 165 15.74 20.26 -12.70
CA LEU D 165 15.36 19.64 -11.46
C LEU D 165 15.67 20.51 -10.25
N GLU D 166 16.84 21.18 -10.22
CA GLU D 166 17.13 22.07 -9.10
C GLU D 166 16.08 23.19 -9.02
N TYR D 167 15.71 23.76 -10.17
CA TYR D 167 14.72 24.84 -10.21
C TYR D 167 13.38 24.34 -9.66
N ILE D 168 12.82 23.26 -10.20
CA ILE D 168 11.49 22.77 -9.76
C ILE D 168 11.53 22.30 -8.32
N HIS D 169 12.63 21.65 -7.89
CA HIS D 169 12.80 21.22 -6.48
C HIS D 169 12.83 22.42 -5.54
N GLU D 170 13.52 23.47 -5.93
CA GLU D 170 13.55 24.70 -5.14
C GLU D 170 12.17 25.43 -5.17
N HIS D 171 11.27 25.09 -6.12
CA HIS D 171 9.91 25.68 -6.19
C HIS D 171 8.89 24.68 -5.72
N GLU D 172 9.33 23.75 -4.82
CA GLU D 172 8.56 22.75 -4.07
C GLU D 172 7.92 21.65 -4.90
N TYR D 173 8.43 21.38 -6.12
CA TYR D 173 7.92 20.30 -6.97
C TYR D 173 8.95 19.26 -7.38
N VAL D 174 8.50 18.02 -7.60
CA VAL D 174 9.25 16.94 -8.21
C VAL D 174 8.47 16.61 -9.49
N HIS D 175 9.17 16.15 -10.53
CA HIS D 175 8.52 15.85 -11.82
C HIS D 175 7.97 14.40 -11.85
N GLY D 176 8.75 13.45 -11.32
CA GLY D 176 8.39 12.04 -11.24
C GLY D 176 8.30 11.24 -12.53
N ASP D 177 8.59 11.82 -13.70
CA ASP D 177 8.44 11.12 -14.98
C ASP D 177 9.42 11.58 -16.09
N ILE D 178 10.68 11.77 -15.72
CA ILE D 178 11.73 12.19 -16.66
C ILE D 178 11.93 11.01 -17.62
N LYS D 179 11.90 11.28 -18.92
CA LYS D 179 12.15 10.29 -19.99
C LYS D 179 12.27 11.06 -21.29
N ALA D 180 12.90 10.44 -22.31
CA ALA D 180 13.14 11.02 -23.61
C ALA D 180 11.89 11.60 -24.30
N SER D 181 10.73 10.95 -24.14
CA SER D 181 9.49 11.47 -24.75
C SER D 181 8.95 12.74 -24.07
N ASN D 182 9.42 13.02 -22.82
CA ASN D 182 9.05 14.20 -22.00
C ASN D 182 10.12 15.27 -22.10
N LEU D 183 11.06 15.12 -23.06
CA LEU D 183 12.11 16.09 -23.29
C LEU D 183 12.00 16.60 -24.70
N LEU D 184 11.85 17.91 -24.84
CA LEU D 184 11.62 18.49 -26.16
C LEU D 184 12.69 19.47 -26.47
N LEU D 185 13.09 19.53 -27.75
CA LEU D 185 14.08 20.52 -28.13
C LEU D 185 13.40 21.87 -28.37
N ASN D 186 14.14 22.96 -28.18
CA ASN D 186 13.65 24.29 -28.45
C ASN D 186 13.43 24.35 -29.99
N TYR D 187 12.25 24.84 -30.42
CA TYR D 187 11.84 24.93 -31.82
C TYR D 187 12.83 25.66 -32.71
N LYS D 188 13.52 26.67 -32.18
CA LYS D 188 14.48 27.47 -32.93
C LYS D 188 15.93 27.29 -32.47
N ASN D 189 16.23 26.28 -31.60
CA ASN D 189 17.58 26.00 -31.09
C ASN D 189 17.74 24.53 -30.64
N PRO D 190 18.44 23.70 -31.48
CA PRO D 190 18.59 22.26 -31.16
C PRO D 190 19.48 21.90 -29.97
N ASP D 191 20.20 22.90 -29.43
CA ASP D 191 21.06 22.68 -28.27
C ASP D 191 20.34 23.00 -26.97
N GLN D 192 19.00 23.27 -27.03
CA GLN D 192 18.24 23.60 -25.82
C GLN D 192 17.15 22.59 -25.60
N VAL D 193 17.24 21.87 -24.46
CA VAL D 193 16.29 20.81 -24.12
C VAL D 193 15.38 21.28 -22.98
N TYR D 194 14.09 21.02 -23.10
CA TYR D 194 13.07 21.39 -22.13
C TYR D 194 12.40 20.15 -21.60
N LEU D 195 12.06 20.15 -20.32
CA LEU D 195 11.33 19.05 -19.69
C LEU D 195 9.85 19.42 -19.69
N VAL D 196 9.00 18.56 -20.28
CA VAL D 196 7.55 18.81 -20.36
C VAL D 196 6.76 17.78 -19.59
N ASP D 197 5.41 17.91 -19.58
CA ASP D 197 4.45 16.97 -19.01
C ASP D 197 4.57 16.85 -17.50
N TYR D 198 3.86 17.75 -16.81
CA TYR D 198 3.88 17.80 -15.35
C TYR D 198 2.63 17.21 -14.77
N GLY D 199 2.02 16.29 -15.52
CA GLY D 199 0.77 15.61 -15.13
C GLY D 199 0.94 14.75 -13.90
N LEU D 200 2.16 14.26 -13.67
CA LEU D 200 2.51 13.45 -12.50
C LEU D 200 3.31 14.27 -11.45
N ALA D 201 3.49 15.58 -11.70
CA ALA D 201 4.26 16.45 -10.79
C ALA D 201 3.61 16.47 -9.41
N TYR D 202 4.43 16.53 -8.39
CA TYR D 202 3.93 16.46 -7.04
C TYR D 202 4.60 17.54 -6.21
N ARG D 203 3.76 18.29 -5.45
CA ARG D 203 4.24 19.32 -4.57
C ARG D 203 4.67 18.65 -3.26
N TYR D 204 5.94 18.25 -3.23
CA TYR D 204 6.52 17.49 -2.12
C TYR D 204 6.84 18.33 -0.89
N CYS D 205 6.95 19.65 -1.06
CA CYS D 205 7.37 20.53 0.02
C CYS D 205 6.44 21.76 0.16
N PRO D 206 5.12 21.61 0.41
CA PRO D 206 4.26 22.82 0.56
C PRO D 206 4.73 23.72 1.69
N GLU D 207 5.08 24.99 1.37
CA GLU D 207 5.59 26.01 2.32
C GLU D 207 6.85 25.56 3.10
N GLY D 208 7.71 24.81 2.43
CA GLY D 208 8.95 24.37 3.05
C GLY D 208 8.82 23.18 3.97
N VAL D 209 7.62 22.58 4.04
CA VAL D 209 7.45 21.42 4.91
C VAL D 209 7.42 20.16 4.04
N HIS D 210 8.42 19.28 4.21
CA HIS D 210 8.53 18.04 3.42
C HIS D 210 7.48 16.99 3.74
N LYS D 211 6.82 16.44 2.70
CA LYS D 211 5.90 15.28 2.83
C LYS D 211 6.65 14.19 3.62
N ALA D 212 6.03 13.63 4.69
CA ALA D 212 6.66 12.59 5.50
C ALA D 212 6.57 11.28 4.73
N TYR D 213 7.52 10.39 4.93
CA TYR D 213 7.61 9.09 4.25
C TYR D 213 6.44 8.21 4.68
N ALA D 214 5.68 7.65 3.72
CA ALA D 214 4.56 6.71 3.99
C ALA D 214 4.25 5.95 2.71
N ALA D 215 4.12 4.63 2.83
CA ALA D 215 3.79 3.77 1.68
C ALA D 215 2.26 3.70 1.54
N ASP D 216 1.72 4.23 0.43
CA ASP D 216 0.30 4.25 0.07
C ASP D 216 0.04 3.23 -1.04
N PRO D 217 -0.77 2.18 -0.75
CA PRO D 217 -1.07 1.16 -1.79
C PRO D 217 -1.69 1.73 -3.08
N LYS D 218 -2.38 2.88 -3.00
CA LYS D 218 -2.96 3.57 -4.17
C LYS D 218 -1.89 4.13 -5.14
N ARG D 219 -0.69 4.45 -4.60
CA ARG D 219 0.43 5.05 -5.35
C ARG D 219 1.39 4.04 -5.97
N CYS D 220 1.31 2.76 -5.60
CA CYS D 220 2.25 1.75 -6.06
C CYS D 220 2.43 1.70 -7.53
N HIS D 221 3.72 1.71 -7.93
CA HIS D 221 4.18 1.65 -9.31
C HIS D 221 3.74 2.86 -10.14
N ASP D 222 3.62 4.06 -9.50
CA ASP D 222 3.35 5.31 -10.21
C ASP D 222 4.57 5.62 -11.12
N GLY D 223 4.35 6.36 -12.20
CA GLY D 223 5.37 6.76 -13.17
C GLY D 223 5.50 5.79 -14.33
N THR D 224 6.58 5.94 -15.15
CA THR D 224 6.87 5.05 -16.26
C THR D 224 7.67 3.89 -15.65
N ILE D 225 7.07 2.69 -15.61
CA ILE D 225 7.59 1.50 -14.95
C ILE D 225 9.11 1.25 -15.21
N GLU D 226 9.60 1.35 -16.45
CA GLU D 226 11.03 1.06 -16.63
C GLU D 226 11.94 2.09 -15.95
N PHE D 227 11.47 3.36 -15.80
CA PHE D 227 12.29 4.45 -15.25
C PHE D 227 11.94 4.93 -13.84
N THR D 228 10.76 4.55 -13.30
CA THR D 228 10.29 5.08 -12.04
C THR D 228 11.19 4.71 -10.87
N SER D 229 11.15 5.52 -9.80
CA SER D 229 11.98 5.33 -8.64
C SER D 229 11.55 4.14 -7.80
N ILE D 230 12.47 3.64 -6.93
CA ILE D 230 12.15 2.57 -5.97
C ILE D 230 11.03 3.09 -5.00
N ASP D 231 11.12 4.37 -4.57
CA ASP D 231 10.08 5.02 -3.76
C ASP D 231 8.70 4.88 -4.43
N ALA D 232 8.55 5.26 -5.72
CA ALA D 232 7.29 5.18 -6.48
C ALA D 232 6.79 3.72 -6.61
N HIS D 233 7.72 2.75 -6.76
CA HIS D 233 7.38 1.33 -6.79
C HIS D 233 6.80 0.89 -5.44
N ASN D 234 7.29 1.50 -4.32
CA ASN D 234 6.86 1.20 -2.95
C ASN D 234 5.57 1.91 -2.51
N GLY D 235 4.98 2.69 -3.40
CA GLY D 235 3.78 3.49 -3.13
C GLY D 235 4.06 4.74 -2.29
N VAL D 236 5.29 5.25 -2.33
CA VAL D 236 5.72 6.43 -1.57
C VAL D 236 5.64 7.61 -2.49
N ALA D 237 5.03 8.74 -2.03
CA ALA D 237 4.91 9.93 -2.86
C ALA D 237 6.33 10.34 -3.35
N PRO D 238 6.47 10.84 -4.58
CA PRO D 238 7.83 11.14 -5.09
C PRO D 238 8.51 12.31 -4.36
N SER D 239 9.83 12.21 -4.23
CA SER D 239 10.67 13.26 -3.59
C SER D 239 11.89 13.49 -4.50
N ARG D 240 12.80 14.35 -4.05
CA ARG D 240 13.93 14.78 -4.87
C ARG D 240 14.83 13.64 -5.29
N ARG D 241 15.12 12.67 -4.38
CA ARG D 241 16.01 11.55 -4.74
C ARG D 241 15.42 10.70 -5.85
N GLY D 242 14.08 10.58 -5.87
CA GLY D 242 13.37 9.84 -6.89
C GLY D 242 13.58 10.41 -8.28
N ASP D 243 13.54 11.76 -8.41
CA ASP D 243 13.80 12.40 -9.73
C ASP D 243 15.24 12.13 -10.23
N LEU D 244 16.20 12.15 -9.30
CA LEU D 244 17.63 11.92 -9.63
C LEU D 244 17.88 10.49 -9.96
N GLU D 245 17.14 9.58 -9.32
CA GLU D 245 17.26 8.15 -9.64
C GLU D 245 16.67 7.87 -11.02
N ILE D 246 15.49 8.47 -11.33
CA ILE D 246 14.87 8.31 -12.66
C ILE D 246 15.90 8.81 -13.74
N LEU D 247 16.54 9.96 -13.52
CA LEU D 247 17.50 10.50 -14.48
C LEU D 247 18.68 9.46 -14.69
N GLY D 248 19.11 8.83 -13.60
CA GLY D 248 20.14 7.77 -13.61
C GLY D 248 19.77 6.63 -14.52
N TYR D 249 18.49 6.19 -14.45
CA TYR D 249 18.01 5.10 -15.31
C TYR D 249 17.96 5.53 -16.75
N CYS D 250 17.52 6.79 -17.02
CA CYS D 250 17.50 7.39 -18.36
C CYS D 250 18.90 7.40 -18.94
N MET D 251 19.91 7.87 -18.16
CA MET D 251 21.30 7.91 -18.64
C MET D 251 21.80 6.55 -19.11
N ILE D 252 21.53 5.48 -18.36
CA ILE D 252 21.93 4.12 -18.75
C ILE D 252 21.20 3.70 -20.01
N GLN D 253 19.87 3.85 -20.02
CA GLN D 253 19.03 3.55 -21.17
C GLN D 253 19.58 4.22 -22.43
N TRP D 254 19.94 5.51 -22.33
CA TRP D 254 20.42 6.31 -23.46
C TRP D 254 21.81 5.87 -23.92
N LEU D 255 22.73 5.62 -22.97
CA LEU D 255 24.09 5.20 -23.30
C LEU D 255 24.19 3.78 -23.91
N THR D 256 23.31 2.83 -23.48
CA THR D 256 23.38 1.41 -23.81
C THR D 256 22.27 0.85 -24.65
N GLY D 257 21.15 1.58 -24.75
CA GLY D 257 19.97 1.14 -25.46
C GLY D 257 19.10 0.19 -24.65
N HIS D 258 19.49 -0.13 -23.40
CA HIS D 258 18.75 -1.12 -22.57
C HIS D 258 18.80 -0.84 -21.06
N LEU D 259 17.92 -1.52 -20.30
CA LEU D 259 17.90 -1.53 -18.83
C LEU D 259 17.74 -2.98 -18.42
N PRO D 260 18.37 -3.43 -17.31
CA PRO D 260 18.28 -4.86 -16.97
C PRO D 260 16.89 -5.48 -16.82
N TRP D 261 15.89 -4.67 -16.39
CA TRP D 261 14.54 -5.17 -16.11
C TRP D 261 13.59 -5.03 -17.27
N GLU D 262 14.06 -4.57 -18.45
CA GLU D 262 13.20 -4.28 -19.60
C GLU D 262 12.46 -5.49 -20.22
N ASP D 263 12.91 -6.73 -19.97
CA ASP D 263 12.26 -7.94 -20.54
C ASP D 263 11.06 -8.42 -19.69
N ASN D 264 10.79 -7.73 -18.56
CA ASN D 264 9.70 -8.12 -17.67
C ASN D 264 8.99 -6.88 -17.07
N LEU D 265 8.63 -5.92 -17.94
CA LEU D 265 7.93 -4.69 -17.54
C LEU D 265 6.48 -4.91 -17.12
N LYS D 266 5.93 -6.09 -17.44
CA LYS D 266 4.56 -6.41 -17.06
C LYS D 266 4.53 -7.09 -15.69
N ASP D 267 5.70 -7.26 -15.06
CA ASP D 267 5.81 -7.78 -13.70
C ASP D 267 6.38 -6.62 -12.81
N PRO D 268 5.51 -5.70 -12.30
CA PRO D 268 6.04 -4.54 -11.55
C PRO D 268 6.81 -4.89 -10.28
N LYS D 269 6.49 -6.02 -9.62
CA LYS D 269 7.21 -6.44 -8.42
C LYS D 269 8.68 -6.84 -8.77
N TYR D 270 8.85 -7.47 -9.95
CA TYR D 270 10.15 -7.88 -10.48
C TYR D 270 11.00 -6.65 -10.82
N VAL D 271 10.41 -5.65 -11.48
CA VAL D 271 11.08 -4.39 -11.84
C VAL D 271 11.57 -3.73 -10.56
N ARG D 272 10.67 -3.64 -9.54
CA ARG D 272 11.00 -3.05 -8.24
C ARG D 272 12.17 -3.79 -7.59
N ASP D 273 12.06 -5.12 -7.42
CA ASP D 273 13.08 -5.97 -6.81
C ASP D 273 14.42 -5.90 -7.55
N SER D 274 14.38 -5.88 -8.88
CA SER D 274 15.61 -5.73 -9.70
C SER D 274 16.28 -4.35 -9.44
N LYS D 275 15.51 -3.23 -9.35
CA LYS D 275 16.08 -1.91 -9.03
C LYS D 275 16.71 -1.89 -7.62
N ILE D 276 16.04 -2.52 -6.66
CA ILE D 276 16.54 -2.61 -5.29
C ILE D 276 17.89 -3.35 -5.24
N ARG D 277 17.95 -4.49 -5.95
CA ARG D 277 19.13 -5.34 -6.05
C ARG D 277 20.28 -4.53 -6.64
N TYR D 278 20.01 -3.78 -7.73
CA TYR D 278 21.02 -2.98 -8.40
C TYR D 278 21.44 -1.70 -7.67
N ARG D 279 20.64 -1.23 -6.74
CA ARG D 279 20.97 -0.08 -5.90
C ARG D 279 21.85 -0.64 -4.79
N GLU D 280 21.50 -1.81 -4.27
CA GLU D 280 22.30 -2.46 -3.22
C GLU D 280 23.73 -2.78 -3.74
N ASN D 281 23.85 -3.16 -5.03
CA ASN D 281 25.15 -3.47 -5.63
C ASN D 281 25.30 -2.72 -6.94
N ILE D 282 25.87 -1.50 -6.88
CA ILE D 282 26.03 -0.66 -8.06
C ILE D 282 27.09 -1.23 -9.02
N ALA D 283 28.07 -1.99 -8.48
CA ALA D 283 29.09 -2.63 -9.33
C ALA D 283 28.41 -3.68 -10.19
N SER D 284 27.41 -4.41 -9.66
CA SER D 284 26.68 -5.38 -10.50
C SER D 284 25.87 -4.67 -11.56
N LEU D 285 25.39 -3.42 -11.26
CA LEU D 285 24.66 -2.66 -12.29
C LEU D 285 25.59 -2.28 -13.43
N MET D 286 26.79 -1.85 -13.10
CA MET D 286 27.77 -1.46 -14.09
C MET D 286 28.22 -2.68 -14.93
N ASP D 287 28.42 -3.83 -14.27
CA ASP D 287 28.82 -5.08 -14.95
C ASP D 287 27.70 -5.56 -15.88
N LYS D 288 26.44 -5.40 -15.47
CA LYS D 288 25.30 -5.81 -16.28
C LYS D 288 25.12 -4.90 -17.50
N CYS D 289 25.22 -3.58 -17.32
CA CYS D 289 24.90 -2.63 -18.38
C CYS D 289 26.04 -2.27 -19.30
N PHE D 290 27.27 -2.27 -18.82
CA PHE D 290 28.39 -1.87 -19.66
C PHE D 290 29.43 -2.99 -19.80
N PRO D 291 30.16 -3.04 -20.96
CA PRO D 291 31.30 -3.98 -21.08
C PRO D 291 32.37 -3.55 -20.09
N ALA D 292 33.16 -4.51 -19.59
CA ALA D 292 34.23 -4.24 -18.63
C ALA D 292 35.17 -3.11 -19.09
N ALA D 293 35.57 -3.11 -20.38
CA ALA D 293 36.50 -2.15 -21.01
C ALA D 293 36.00 -0.72 -21.11
N ASN D 294 34.71 -0.52 -21.43
CA ASN D 294 34.16 0.82 -21.59
C ASN D 294 32.99 1.14 -20.62
N ALA D 295 33.29 1.21 -19.29
CA ALA D 295 32.27 1.52 -18.29
C ALA D 295 32.48 2.96 -17.78
N PRO D 296 31.53 3.88 -18.00
CA PRO D 296 31.73 5.28 -17.55
C PRO D 296 31.61 5.44 -16.04
N GLY D 297 32.74 5.77 -15.42
CA GLY D 297 32.88 5.98 -13.98
C GLY D 297 31.99 7.07 -13.39
N GLU D 298 31.62 8.09 -14.21
CA GLU D 298 30.74 9.17 -13.72
C GLU D 298 29.30 8.65 -13.50
N ILE D 299 28.88 7.65 -14.28
CA ILE D 299 27.57 7.03 -14.12
C ILE D 299 27.53 6.29 -12.77
N ALA D 300 28.58 5.54 -12.44
CA ALA D 300 28.71 4.82 -11.16
C ALA D 300 28.77 5.79 -9.97
N LYS D 301 29.54 6.89 -10.08
CA LYS D 301 29.64 7.91 -9.02
C LYS D 301 28.29 8.60 -8.80
N TYR D 302 27.55 8.86 -9.89
CA TYR D 302 26.22 9.48 -9.87
C TYR D 302 25.28 8.56 -9.12
N MET D 303 25.27 7.27 -9.51
CA MET D 303 24.40 6.26 -8.90
C MET D 303 24.69 6.08 -7.45
N GLU D 304 25.98 6.11 -7.05
CA GLU D 304 26.39 6.00 -5.65
C GLU D 304 25.95 7.23 -4.86
N THR D 305 26.01 8.41 -5.47
CA THR D 305 25.61 9.64 -4.79
C THR D 305 24.09 9.65 -4.51
N VAL D 306 23.28 9.28 -5.50
CA VAL D 306 21.81 9.19 -5.39
C VAL D 306 21.46 8.12 -4.35
N LYS D 307 22.16 6.98 -4.39
CA LYS D 307 21.98 5.91 -3.38
C LYS D 307 22.10 6.46 -1.94
N LEU D 308 23.03 7.40 -1.71
CA LEU D 308 23.24 7.98 -0.37
C LEU D 308 22.11 8.92 0.12
N LEU D 309 21.26 9.39 -0.78
CA LEU D 309 20.19 10.33 -0.42
C LEU D 309 19.08 9.71 0.37
N ASP D 310 18.69 10.36 1.48
CA ASP D 310 17.57 9.97 2.31
C ASP D 310 16.34 10.58 1.63
N TYR D 311 15.15 10.05 1.94
CA TYR D 311 13.89 10.47 1.34
C TYR D 311 13.65 11.99 1.37
N THR D 312 13.96 12.66 2.49
CA THR D 312 13.69 14.12 2.63
C THR D 312 14.89 14.95 2.34
N GLU D 313 16.01 14.30 2.04
CA GLU D 313 17.29 14.98 1.87
C GLU D 313 17.37 15.89 0.65
N LYS D 314 17.92 17.09 0.88
CA LYS D 314 18.19 18.05 -0.16
C LYS D 314 19.48 17.61 -0.86
N PRO D 315 19.42 17.31 -2.18
CA PRO D 315 20.64 16.89 -2.91
C PRO D 315 21.67 18.00 -3.00
N LEU D 316 22.95 17.63 -3.02
CA LEU D 316 23.96 18.64 -3.26
C LEU D 316 24.14 18.63 -4.77
N TYR D 317 23.31 19.43 -5.49
CA TYR D 317 23.31 19.52 -6.96
C TYR D 317 24.69 19.89 -7.59
N GLU D 318 25.50 20.74 -6.92
CA GLU D 318 26.82 21.11 -7.43
C GLU D 318 27.76 19.91 -7.47
N ASN D 319 27.66 19.03 -6.45
CA ASN D 319 28.42 17.78 -6.37
C ASN D 319 28.05 16.87 -7.56
N LEU D 320 26.74 16.75 -7.91
CA LEU D 320 26.28 15.93 -9.03
C LEU D 320 26.72 16.51 -10.35
N ARG D 321 26.70 17.85 -10.46
CA ARG D 321 27.18 18.53 -11.66
C ARG D 321 28.67 18.25 -11.85
N ASP D 322 29.45 18.36 -10.76
CA ASP D 322 30.89 18.10 -10.74
C ASP D 322 31.19 16.69 -11.24
N ILE D 323 30.41 15.68 -10.82
CA ILE D 323 30.56 14.29 -11.29
C ILE D 323 30.40 14.20 -12.80
N LEU D 324 29.36 14.84 -13.35
CA LEU D 324 29.13 14.80 -14.78
C LEU D 324 30.20 15.61 -15.54
N LEU D 325 30.62 16.75 -15.00
CA LEU D 325 31.67 17.59 -15.60
C LEU D 325 32.99 16.79 -15.66
N GLN D 326 33.33 16.00 -14.61
CA GLN D 326 34.51 15.11 -14.60
C GLN D 326 34.42 14.05 -15.71
N GLY D 327 33.19 13.62 -16.03
CA GLY D 327 32.91 12.71 -17.14
C GLY D 327 33.28 13.34 -18.47
N LEU D 328 32.94 14.63 -18.65
CA LEU D 328 33.26 15.38 -19.86
C LEU D 328 34.79 15.61 -19.98
N LYS D 329 35.47 15.91 -18.85
CA LYS D 329 36.94 16.10 -18.80
C LYS D 329 37.64 14.81 -19.19
N ALA D 330 37.09 13.67 -18.73
CA ALA D 330 37.58 12.33 -19.00
C ALA D 330 37.52 11.98 -20.48
N ILE D 331 36.48 12.42 -21.23
CA ILE D 331 36.40 12.14 -22.68
C ILE D 331 37.14 13.21 -23.53
N GLY D 332 37.84 14.12 -22.85
CA GLY D 332 38.56 15.22 -23.50
C GLY D 332 37.62 16.25 -24.09
N SER D 333 36.57 16.58 -23.33
CA SER D 333 35.61 17.58 -23.73
C SER D 333 35.33 18.51 -22.55
N LYS D 334 34.36 19.41 -22.72
CA LYS D 334 34.00 20.39 -21.72
C LYS D 334 32.51 20.70 -21.87
N ASP D 335 31.92 21.40 -20.89
CA ASP D 335 30.52 21.82 -21.02
C ASP D 335 30.49 23.01 -21.98
N ASP D 336 30.34 22.71 -23.26
CA ASP D 336 30.28 23.72 -24.32
C ASP D 336 28.83 23.98 -24.72
N GLY D 337 27.88 23.37 -23.99
CA GLY D 337 26.46 23.51 -24.25
C GLY D 337 25.96 22.90 -25.54
N LYS D 338 26.80 22.08 -26.23
CA LYS D 338 26.42 21.42 -27.48
C LYS D 338 25.91 20.00 -27.23
N LEU D 339 24.65 19.73 -27.61
CA LEU D 339 23.99 18.46 -27.40
C LEU D 339 24.46 17.39 -28.37
N ASP D 340 25.09 17.80 -29.50
CA ASP D 340 25.62 16.93 -30.55
C ASP D 340 24.56 15.95 -31.06
N LEU D 341 23.36 16.47 -31.34
CA LEU D 341 22.25 15.67 -31.85
C LEU D 341 22.12 15.85 -33.36
PG ANP E . 39.33 -4.74 13.42
O1G ANP E . 39.64 -6.11 13.79
O2G ANP E . 39.02 -4.71 11.86
O3G ANP E . 40.59 -3.84 13.75
PB ANP E . 36.77 -3.24 13.71
O1B ANP E . 35.59 -3.35 14.76
O2B ANP E . 36.28 -3.66 12.41
N3B ANP E . 38.03 -4.15 14.24
PA ANP E . 37.80 -0.78 12.58
O1A ANP E . 38.28 -1.65 11.40
O2A ANP E . 36.74 0.16 12.13
O3A ANP E . 37.22 -1.73 13.72
O5' ANP E . 39.09 -0.05 13.23
C5' ANP E . 40.41 -0.60 13.37
C4' ANP E . 41.07 -0.01 14.58
O4' ANP E . 41.08 1.44 14.49
C3' ANP E . 40.44 -0.36 15.93
O3' ANP E . 41.41 -0.71 16.90
C2' ANP E . 39.65 0.91 16.28
O2' ANP E . 39.50 1.10 17.68
C1' ANP E . 40.49 2.01 15.64
N9 ANP E . 39.72 3.18 15.23
C8 ANP E . 38.52 3.18 14.57
N7 ANP E . 37.98 4.37 14.44
C5 ANP E . 38.88 5.21 15.06
C6 ANP E . 38.88 6.61 15.27
N6 ANP E . 37.91 7.43 14.85
N1 ANP E . 39.94 7.14 15.94
C2 ANP E . 40.94 6.33 16.30
N3 ANP E . 41.04 5.01 16.14
C4 ANP E . 39.97 4.50 15.53
MG MG F . 35.51 0.80 14.54
S SO4 G . 17.49 15.87 15.53
O1 SO4 G . 18.18 15.28 16.68
O2 SO4 G . 17.67 15.00 14.35
O3 SO4 G . 18.04 17.20 15.26
O4 SO4 G . 16.06 15.98 15.82
S SO4 H . 44.94 6.78 -9.83
O1 SO4 H . 43.48 6.80 -9.61
O2 SO4 H . 45.49 5.51 -9.38
O3 SO4 H . 45.20 6.94 -11.28
O4 SO4 H . 45.56 7.87 -9.05
CL CL I . 41.48 -13.71 36.55
O1 PG4 J . 20.61 6.69 1.48
C1 PG4 J . 19.67 5.74 1.85
C2 PG4 J . 20.32 4.41 2.05
O2 PG4 J . 19.34 3.42 2.33
C3 PG4 J . 19.86 2.37 3.14
C4 PG4 J . 19.76 2.74 4.58
O3 PG4 J . 18.43 2.70 5.04
C5 PG4 J . 18.28 1.87 6.18
C6 PG4 J . 17.24 0.86 5.86
O4 PG4 J . 16.97 0.08 7.01
C7 PG4 J . 15.59 -0.01 7.28
C8 PG4 J . 15.39 -0.45 8.70
O5 PG4 J . 16.06 -1.66 8.99
PG ANP K . -37.11 4.86 -6.52
O1G ANP K . -36.83 3.40 -7.08
O2G ANP K . -36.98 4.87 -4.94
O3G ANP K . -36.11 5.77 -7.08
PB ANP K . -39.99 5.23 -5.98
O1B ANP K . -41.25 5.06 -6.92
O2B ANP K . -40.16 6.44 -5.18
N3B ANP K . -38.64 5.28 -6.90
PA ANP K . -39.71 2.39 -5.41
O1A ANP K . -38.57 1.83 -4.63
O2A ANP K . -39.45 2.22 -6.91
O3A ANP K . -39.89 3.94 -5.08
O5' ANP K . -41.12 1.70 -5.07
C5' ANP K . -42.38 2.17 -5.62
C4' ANP K . -43.46 2.08 -4.56
O4' ANP K . -43.41 0.80 -3.91
C3' ANP K . -43.42 3.14 -3.46
O3' ANP K . -44.74 3.64 -3.19
C2' ANP K . -42.83 2.38 -2.27
O2' ANP K . -43.22 2.93 -1.01
C1' ANP K . -43.41 0.98 -2.51
N9 ANP K . -42.65 -0.12 -1.89
C8 ANP K . -41.31 -0.38 -2.04
N7 ANP K . -40.88 -1.39 -1.32
C5 ANP K . -42.03 -1.82 -0.65
C6 ANP K . -42.25 -2.88 0.25
N6 ANP K . -41.28 -3.69 0.71
N1 ANP K . -43.51 -3.08 0.69
C2 ANP K . -44.47 -2.25 0.27
N3 ANP K . -44.38 -1.21 -0.57
C4 ANP K . -43.12 -1.05 -1.00
CL CL L . -50.94 24.77 6.14
S SO4 M . -19.24 -1.05 -2.08
O1 SO4 M . -18.28 -1.66 -1.17
O2 SO4 M . -19.71 -2.06 -3.04
O3 SO4 M . -18.54 0.03 -2.80
O4 SO4 M . -20.36 -0.48 -1.33
S SO4 N . -22.94 -8.35 12.44
O1 SO4 N . -22.04 -8.64 13.55
O2 SO4 N . -23.32 -9.62 11.79
O3 SO4 N . -22.27 -7.49 11.47
O4 SO4 N . -24.14 -7.69 12.95
S SO4 O . -40.58 22.30 26.95
O1 SO4 O . -41.72 22.76 27.74
O2 SO4 O . -40.19 20.95 27.39
O3 SO4 O . -40.99 22.30 25.54
O4 SO4 O . -39.44 23.20 27.15
MG MG P . -38.40 2.11 -1.83
O1 PG4 Q . -14.14 15.32 11.09
C1 PG4 Q . -13.62 15.73 9.83
C2 PG4 Q . -13.34 17.21 9.78
O2 PG4 Q . -13.76 17.76 8.55
C3 PG4 Q . -13.88 19.17 8.56
C4 PG4 Q . -15.28 19.59 8.20
O3 PG4 Q . -15.93 20.13 9.34
C5 PG4 Q . -17.32 20.38 9.14
C6 PG4 Q . -17.88 21.31 10.15
O4 PG4 Q . -17.83 20.75 11.46
C7 PG4 Q . -18.68 21.40 12.40
C8 PG4 Q . -18.61 20.70 13.73
O5 PG4 Q . -19.64 21.11 14.60
C1 GOL R . -16.54 -4.85 -1.89
O1 GOL R . -17.46 -5.79 -2.42
C2 GOL R . -15.66 -4.30 -2.98
O2 GOL R . -16.37 -3.28 -3.68
C3 GOL R . -14.34 -3.77 -2.44
O3 GOL R . -13.34 -3.71 -3.47
PG ANP S . 7.95 -19.07 -14.21
O1G ANP S . 8.99 -19.34 -13.03
O2G ANP S . 7.63 -17.52 -14.35
O3G ANP S . 8.53 -19.55 -15.45
PB ANP S . 6.11 -21.35 -14.18
O1B ANP S . 4.68 -21.56 -13.99
O2B ANP S . 6.47 -21.62 -15.71
N3B ANP S . 6.56 -19.83 -13.84
PA ANP S . 7.36 -23.86 -13.25
O1A ANP S . 6.55 -24.47 -12.17
O2A ANP S . 8.85 -24.00 -12.92
O3A ANP S . 7.03 -22.29 -13.30
O5' ANP S . 7.03 -24.52 -14.70
C5' ANP S . 7.98 -24.71 -15.77
C4' ANP S . 7.42 -25.58 -16.86
O4' ANP S . 7.20 -26.93 -16.38
C3' ANP S . 6.09 -25.13 -17.49
O3' ANP S . 6.18 -25.19 -18.91
C2' ANP S . 5.06 -26.10 -16.91
O2' ANP S . 3.94 -26.33 -17.75
C1' ANP S . 5.90 -27.38 -16.74
N9 ANP S . 5.42 -28.28 -15.69
C8 ANP S . 5.29 -27.99 -14.36
N7 ANP S . 4.91 -28.99 -13.62
C5 ANP S . 4.74 -30.02 -14.53
C6 ANP S . 4.28 -31.35 -14.40
N6 ANP S . 3.96 -31.90 -13.22
N1 ANP S . 4.14 -32.09 -15.51
C2 ANP S . 4.46 -31.54 -16.69
N3 ANP S . 4.93 -30.31 -16.95
C4 ANP S . 5.04 -29.59 -15.81
S SO4 T . -9.60 -33.52 4.55
O1 SO4 T . -10.83 -33.20 5.26
O2 SO4 T . -9.13 -34.85 4.96
O3 SO4 T . -9.85 -33.51 3.11
O4 SO4 T . -8.57 -32.52 4.90
CL CL U . -7.14 -11.66 -33.31
MG MG V . 4.29 -25.02 -12.50
MG MG W . 4.62 12.91 -21.93
PG ANP X . 0.39 11.48 -24.78
O1G ANP X . 0.68 10.40 -23.84
O2G ANP X . -1.12 11.38 -25.22
O3G ANP X . 1.36 11.34 -26.03
PB ANP X . 1.43 13.34 -22.75
O1B ANP X . 0.62 13.15 -21.55
O2B ANP X . 2.71 12.43 -22.67
N3B ANP X . 0.63 12.95 -24.11
PA ANP X . 3.31 15.43 -23.44
O1A ANP X . 4.47 14.60 -23.03
O2A ANP X . 3.44 16.84 -22.88
O3A ANP X . 1.95 14.82 -22.89
O5' ANP X . 3.12 15.49 -25.03
C5' ANP X . 3.28 14.32 -25.86
C4' ANP X . 4.05 14.69 -27.11
O4' ANP X . 3.44 15.85 -27.73
C3' ANP X . 5.51 15.07 -26.88
O3' ANP X . 6.36 13.93 -26.91
C2' ANP X . 5.79 16.06 -28.02
O2' ANP X . 6.24 15.47 -29.23
C1' ANP X . 4.42 16.75 -28.19
N9 ANP X . 4.28 18.02 -27.47
C8 ANP X . 3.69 18.22 -26.25
N7 ANP X . 3.73 19.46 -25.83
C5 ANP X . 4.41 20.13 -26.84
C6 ANP X . 4.81 21.46 -26.99
N6 ANP X . 4.61 22.41 -26.07
N1 ANP X . 5.48 21.80 -28.12
C2 ANP X . 5.72 20.85 -29.03
N3 ANP X . 5.39 19.55 -29.00
C4 ANP X . 4.73 19.25 -27.88
C1 GOL Y . 15.20 3.46 1.11
O1 GOL Y . 13.98 2.94 0.60
C2 GOL Y . 15.05 3.98 2.52
O2 GOL Y . 14.10 5.06 2.55
C3 GOL Y . 16.39 4.46 3.06
O3 GOL Y . 16.81 5.67 2.44
S SO4 Z . 10.04 32.95 -6.89
O1 SO4 Z . 8.99 32.11 -6.33
O2 SO4 Z . 10.69 32.25 -7.98
O3 SO4 Z . 9.47 34.20 -7.39
O4 SO4 Z . 11.04 33.25 -5.85
CL CL AA . 20.73 -2.84 -29.54
#